data_6SA4
# 
_entry.id   6SA4 
# 
_audit_conform.dict_name       mmcif_pdbx.dic 
_audit_conform.dict_version    5.398 
_audit_conform.dict_location   http://mmcif.pdb.org/dictionaries/ascii/mmcif_pdbx.dic 
# 
loop_
_database_2.database_id 
_database_2.database_code 
_database_2.pdbx_database_accession 
_database_2.pdbx_DOI 
PDB   6SA4         pdb_00006sa4 10.2210/pdb6sa4/pdb 
WWPDB D_1292103349 ?            ?                   
# 
loop_
_pdbx_audit_revision_history.ordinal 
_pdbx_audit_revision_history.data_content_type 
_pdbx_audit_revision_history.major_revision 
_pdbx_audit_revision_history.minor_revision 
_pdbx_audit_revision_history.revision_date 
1 'Structure model' 1 0 2020-03-18 
2 'Structure model' 1 1 2024-01-24 
3 'Structure model' 1 2 2024-11-13 
# 
_pdbx_audit_revision_details.ordinal             1 
_pdbx_audit_revision_details.revision_ordinal    1 
_pdbx_audit_revision_details.data_content_type   'Structure model' 
_pdbx_audit_revision_details.provider            repository 
_pdbx_audit_revision_details.type                'Initial release' 
_pdbx_audit_revision_details.description         ? 
_pdbx_audit_revision_details.details             ? 
# 
loop_
_pdbx_audit_revision_group.ordinal 
_pdbx_audit_revision_group.revision_ordinal 
_pdbx_audit_revision_group.data_content_type 
_pdbx_audit_revision_group.group 
1 2 'Structure model' 'Data collection'        
2 2 'Structure model' 'Database references'    
3 2 'Structure model' 'Refinement description' 
4 3 'Structure model' 'Structure summary'      
# 
loop_
_pdbx_audit_revision_category.ordinal 
_pdbx_audit_revision_category.revision_ordinal 
_pdbx_audit_revision_category.data_content_type 
_pdbx_audit_revision_category.category 
1 2 'Structure model' chem_comp_atom                
2 2 'Structure model' chem_comp_bond                
3 2 'Structure model' database_2                    
4 2 'Structure model' pdbx_initial_refinement_model 
5 3 'Structure model' pdbx_entry_details            
6 3 'Structure model' pdbx_modification_feature     
# 
loop_
_pdbx_audit_revision_item.ordinal 
_pdbx_audit_revision_item.revision_ordinal 
_pdbx_audit_revision_item.data_content_type 
_pdbx_audit_revision_item.item 
1 2 'Structure model' '_database_2.pdbx_DOI'                         
2 2 'Structure model' '_database_2.pdbx_database_accession'          
3 3 'Structure model' '_pdbx_entry_details.has_protein_modification' 
# 
_pdbx_database_status.status_code                     REL 
_pdbx_database_status.status_code_sf                  REL 
_pdbx_database_status.status_code_mr                  ? 
_pdbx_database_status.entry_id                        6SA4 
_pdbx_database_status.recvd_initial_deposition_date   2019-07-16 
_pdbx_database_status.SG_entry                        N 
_pdbx_database_status.deposit_site                    PDBE 
_pdbx_database_status.process_site                    PDBE 
_pdbx_database_status.status_code_cs                  ? 
_pdbx_database_status.methods_development_category    ? 
_pdbx_database_status.pdb_format_compatible           Y 
_pdbx_database_status.status_code_nmr_data            ? 
# 
loop_
_audit_author.name 
_audit_author.pdbx_ordinal 
_audit_author.identifier_ORCID 
'Reichhardt, M.P.' 1 0000-0001-5345-5103 
'Lea, S.M.'        2 0000-0001-9287-8053 
'Johnson, S.'      3 0000-0002-7877-3543 
# 
_citation.abstract                  ? 
_citation.abstract_id_CAS           ? 
_citation.book_id_ISBN              ? 
_citation.book_publisher            ? 
_citation.book_publisher_city       ? 
_citation.book_title                ? 
_citation.coordinate_linkage        ? 
_citation.country                   US 
_citation.database_id_Medline       ? 
_citation.details                   ? 
_citation.id                        primary 
_citation.journal_abbrev            'Life Sci Alliance' 
_citation.journal_id_ASTM           ? 
_citation.journal_id_CSD            ? 
_citation.journal_id_ISSN           2575-1077 
_citation.journal_full              ? 
_citation.journal_issue             ? 
_citation.journal_volume            3 
_citation.language                  ? 
_citation.page_first                ? 
_citation.page_last                 ? 
_citation.title                     
'Structures of SALSA/DMBT1 SRCR domains reveal the conserved ligand-binding mechanism of the ancient SRCR fold.' 
_citation.year                      2020 
_citation.database_id_CSD           ? 
_citation.pdbx_database_id_DOI      10.26508/lsa.201900502 
_citation.pdbx_database_id_PubMed   32098784 
_citation.unpublished_flag          ? 
# 
loop_
_citation_author.citation_id 
_citation_author.name 
_citation_author.ordinal 
_citation_author.identifier_ORCID 
primary 'Reichhardt, M.P.' 1 0000-0001-5345-5103 
primary 'Loimaranta, V.'   2 ?                   
primary 'Lea, S.M.'        3 0000-0001-9287-8053 
primary 'Johnson, S.'      4 0000-0002-7877-3543 
# 
loop_
_entity.id 
_entity.type 
_entity.src_method 
_entity.pdbx_description 
_entity.formula_weight 
_entity.pdbx_number_of_molecules 
_entity.pdbx_ec 
_entity.pdbx_mutation 
_entity.pdbx_fragment 
_entity.details 
1 polymer     man 'Deleted in malignant brain tumors 1 protein' 15365.135 1  ? ? ? ? 
2 non-polymer syn 'MAGNESIUM ION'                               24.305    1  ? ? ? ? 
3 non-polymer syn 'CHLORIDE ION'                                35.453    1  ? ? ? ? 
4 non-polymer syn GLYCEROL                                      92.094    4  ? ? ? ? 
5 water       nat water                                         18.015    98 ? ? ? ? 
# 
_entity_name_com.entity_id   1 
_entity_name_com.name        
'Glycoprotein 340,Gp-340,Hensin,Salivary agglutinin,SAG,Surfactant pulmonary-associated D-binding protein' 
# 
_entity_poly.entity_id                      1 
_entity_poly.type                           'polypeptide(L)' 
_entity_poly.nstd_linkage                   no 
_entity_poly.nstd_monomer                   no 
_entity_poly.pdbx_seq_one_letter_code       
;MKLCILLAVVAFVGLSLGGSDSGLALRLVNGDGRCQGRVEILYRGSWGTVCDDSWDTNDANVVCRQLGCGWAMSAPGNAW
FGQGSGPIALDDVRCSGHESYLWSCPHNGWLSHNCGHGEDAGVICSATGENLYFQGRHHHHHH
;
_entity_poly.pdbx_seq_one_letter_code_can   
;MKLCILLAVVAFVGLSLGGSDSGLALRLVNGDGRCQGRVEILYRGSWGTVCDDSWDTNDANVVCRQLGCGWAMSAPGNAW
FGQGSGPIALDDVRCSGHESYLWSCPHNGWLSHNCGHGEDAGVICSATGENLYFQGRHHHHHH
;
_entity_poly.pdbx_strand_id                 A 
_entity_poly.pdbx_target_identifier         ? 
# 
loop_
_pdbx_entity_nonpoly.entity_id 
_pdbx_entity_nonpoly.name 
_pdbx_entity_nonpoly.comp_id 
2 'MAGNESIUM ION' MG  
3 'CHLORIDE ION'  CL  
4 GLYCEROL        GOL 
5 water           HOH 
# 
loop_
_entity_poly_seq.entity_id 
_entity_poly_seq.num 
_entity_poly_seq.mon_id 
_entity_poly_seq.hetero 
1 1   MET n 
1 2   LYS n 
1 3   LEU n 
1 4   CYS n 
1 5   ILE n 
1 6   LEU n 
1 7   LEU n 
1 8   ALA n 
1 9   VAL n 
1 10  VAL n 
1 11  ALA n 
1 12  PHE n 
1 13  VAL n 
1 14  GLY n 
1 15  LEU n 
1 16  SER n 
1 17  LEU n 
1 18  GLY n 
1 19  GLY n 
1 20  SER n 
1 21  ASP n 
1 22  SER n 
1 23  GLY n 
1 24  LEU n 
1 25  ALA n 
1 26  LEU n 
1 27  ARG n 
1 28  LEU n 
1 29  VAL n 
1 30  ASN n 
1 31  GLY n 
1 32  ASP n 
1 33  GLY n 
1 34  ARG n 
1 35  CYS n 
1 36  GLN n 
1 37  GLY n 
1 38  ARG n 
1 39  VAL n 
1 40  GLU n 
1 41  ILE n 
1 42  LEU n 
1 43  TYR n 
1 44  ARG n 
1 45  GLY n 
1 46  SER n 
1 47  TRP n 
1 48  GLY n 
1 49  THR n 
1 50  VAL n 
1 51  CYS n 
1 52  ASP n 
1 53  ASP n 
1 54  SER n 
1 55  TRP n 
1 56  ASP n 
1 57  THR n 
1 58  ASN n 
1 59  ASP n 
1 60  ALA n 
1 61  ASN n 
1 62  VAL n 
1 63  VAL n 
1 64  CYS n 
1 65  ARG n 
1 66  GLN n 
1 67  LEU n 
1 68  GLY n 
1 69  CYS n 
1 70  GLY n 
1 71  TRP n 
1 72  ALA n 
1 73  MET n 
1 74  SER n 
1 75  ALA n 
1 76  PRO n 
1 77  GLY n 
1 78  ASN n 
1 79  ALA n 
1 80  TRP n 
1 81  PHE n 
1 82  GLY n 
1 83  GLN n 
1 84  GLY n 
1 85  SER n 
1 86  GLY n 
1 87  PRO n 
1 88  ILE n 
1 89  ALA n 
1 90  LEU n 
1 91  ASP n 
1 92  ASP n 
1 93  VAL n 
1 94  ARG n 
1 95  CYS n 
1 96  SER n 
1 97  GLY n 
1 98  HIS n 
1 99  GLU n 
1 100 SER n 
1 101 TYR n 
1 102 LEU n 
1 103 TRP n 
1 104 SER n 
1 105 CYS n 
1 106 PRO n 
1 107 HIS n 
1 108 ASN n 
1 109 GLY n 
1 110 TRP n 
1 111 LEU n 
1 112 SER n 
1 113 HIS n 
1 114 ASN n 
1 115 CYS n 
1 116 GLY n 
1 117 HIS n 
1 118 GLY n 
1 119 GLU n 
1 120 ASP n 
1 121 ALA n 
1 122 GLY n 
1 123 VAL n 
1 124 ILE n 
1 125 CYS n 
1 126 SER n 
1 127 ALA n 
1 128 THR n 
1 129 GLY n 
1 130 GLU n 
1 131 ASN n 
1 132 LEU n 
1 133 TYR n 
1 134 PHE n 
1 135 GLN n 
1 136 GLY n 
1 137 ARG n 
1 138 HIS n 
1 139 HIS n 
1 140 HIS n 
1 141 HIS n 
1 142 HIS n 
1 143 HIS n 
# 
_entity_src_gen.entity_id                          1 
_entity_src_gen.pdbx_src_id                        1 
_entity_src_gen.pdbx_alt_source_flag               sample 
_entity_src_gen.pdbx_seq_type                      'Biological sequence' 
_entity_src_gen.pdbx_beg_seq_num                   1 
_entity_src_gen.pdbx_end_seq_num                   143 
_entity_src_gen.gene_src_common_name               Human 
_entity_src_gen.gene_src_genus                     ? 
_entity_src_gen.pdbx_gene_src_gene                 'DMBT1, GP340' 
_entity_src_gen.gene_src_species                   ? 
_entity_src_gen.gene_src_strain                    ? 
_entity_src_gen.gene_src_tissue                    ? 
_entity_src_gen.gene_src_tissue_fraction           ? 
_entity_src_gen.gene_src_details                   ? 
_entity_src_gen.pdbx_gene_src_fragment             ? 
_entity_src_gen.pdbx_gene_src_scientific_name      'Homo sapiens' 
_entity_src_gen.pdbx_gene_src_ncbi_taxonomy_id     9606 
_entity_src_gen.pdbx_gene_src_variant              ? 
_entity_src_gen.pdbx_gene_src_cell_line            ? 
_entity_src_gen.pdbx_gene_src_atcc                 ? 
_entity_src_gen.pdbx_gene_src_organ                ? 
_entity_src_gen.pdbx_gene_src_organelle            ? 
_entity_src_gen.pdbx_gene_src_cell                 ? 
_entity_src_gen.pdbx_gene_src_cellular_location    ? 
_entity_src_gen.host_org_common_name               'fruit fly' 
_entity_src_gen.pdbx_host_org_scientific_name      'Drosophila melanogaster' 
_entity_src_gen.pdbx_host_org_ncbi_taxonomy_id     7227 
_entity_src_gen.host_org_genus                     ? 
_entity_src_gen.pdbx_host_org_gene                 ? 
_entity_src_gen.pdbx_host_org_organ                ? 
_entity_src_gen.host_org_species                   ? 
_entity_src_gen.pdbx_host_org_tissue               ? 
_entity_src_gen.pdbx_host_org_tissue_fraction      ? 
_entity_src_gen.pdbx_host_org_strain               ? 
_entity_src_gen.pdbx_host_org_variant              ? 
_entity_src_gen.pdbx_host_org_cell_line            ? 
_entity_src_gen.pdbx_host_org_atcc                 ? 
_entity_src_gen.pdbx_host_org_culture_collection   ? 
_entity_src_gen.pdbx_host_org_cell                 ? 
_entity_src_gen.pdbx_host_org_organelle            ? 
_entity_src_gen.pdbx_host_org_cellular_location    ? 
_entity_src_gen.pdbx_host_org_vector_type          ? 
_entity_src_gen.pdbx_host_org_vector               ? 
_entity_src_gen.host_org_details                   ? 
_entity_src_gen.expression_system_id               ? 
_entity_src_gen.plasmid_name                       ? 
_entity_src_gen.plasmid_details                    ? 
_entity_src_gen.pdbx_description                   ? 
# 
loop_
_chem_comp.id 
_chem_comp.type 
_chem_comp.mon_nstd_flag 
_chem_comp.name 
_chem_comp.pdbx_synonyms 
_chem_comp.formula 
_chem_comp.formula_weight 
ALA 'L-peptide linking' y ALANINE         ?                               'C3 H7 N O2'     89.093  
ARG 'L-peptide linking' y ARGININE        ?                               'C6 H15 N4 O2 1' 175.209 
ASN 'L-peptide linking' y ASPARAGINE      ?                               'C4 H8 N2 O3'    132.118 
ASP 'L-peptide linking' y 'ASPARTIC ACID' ?                               'C4 H7 N O4'     133.103 
CL  non-polymer         . 'CHLORIDE ION'  ?                               'Cl -1'          35.453  
CYS 'L-peptide linking' y CYSTEINE        ?                               'C3 H7 N O2 S'   121.158 
GLN 'L-peptide linking' y GLUTAMINE       ?                               'C5 H10 N2 O3'   146.144 
GLU 'L-peptide linking' y 'GLUTAMIC ACID' ?                               'C5 H9 N O4'     147.129 
GLY 'peptide linking'   y GLYCINE         ?                               'C2 H5 N O2'     75.067  
GOL non-polymer         . GLYCEROL        'GLYCERIN; PROPANE-1,2,3-TRIOL' 'C3 H8 O3'       92.094  
HIS 'L-peptide linking' y HISTIDINE       ?                               'C6 H10 N3 O2 1' 156.162 
HOH non-polymer         . WATER           ?                               'H2 O'           18.015  
ILE 'L-peptide linking' y ISOLEUCINE      ?                               'C6 H13 N O2'    131.173 
LEU 'L-peptide linking' y LEUCINE         ?                               'C6 H13 N O2'    131.173 
LYS 'L-peptide linking' y LYSINE          ?                               'C6 H15 N2 O2 1' 147.195 
MET 'L-peptide linking' y METHIONINE      ?                               'C5 H11 N O2 S'  149.211 
MG  non-polymer         . 'MAGNESIUM ION' ?                               'Mg 2'           24.305  
PHE 'L-peptide linking' y PHENYLALANINE   ?                               'C9 H11 N O2'    165.189 
PRO 'L-peptide linking' y PROLINE         ?                               'C5 H9 N O2'     115.130 
SER 'L-peptide linking' y SERINE          ?                               'C3 H7 N O3'     105.093 
THR 'L-peptide linking' y THREONINE       ?                               'C4 H9 N O3'     119.119 
TRP 'L-peptide linking' y TRYPTOPHAN      ?                               'C11 H12 N2 O2'  204.225 
TYR 'L-peptide linking' y TYROSINE        ?                               'C9 H11 N O3'    181.189 
VAL 'L-peptide linking' y VALINE          ?                               'C5 H11 N O2'    117.146 
# 
loop_
_pdbx_poly_seq_scheme.asym_id 
_pdbx_poly_seq_scheme.entity_id 
_pdbx_poly_seq_scheme.seq_id 
_pdbx_poly_seq_scheme.mon_id 
_pdbx_poly_seq_scheme.ndb_seq_num 
_pdbx_poly_seq_scheme.pdb_seq_num 
_pdbx_poly_seq_scheme.auth_seq_num 
_pdbx_poly_seq_scheme.pdb_mon_id 
_pdbx_poly_seq_scheme.auth_mon_id 
_pdbx_poly_seq_scheme.pdb_strand_id 
_pdbx_poly_seq_scheme.pdb_ins_code 
_pdbx_poly_seq_scheme.hetero 
A 1 1   MET 1   77  ?   ?   ?   A . n 
A 1 2   LYS 2   78  ?   ?   ?   A . n 
A 1 3   LEU 3   79  ?   ?   ?   A . n 
A 1 4   CYS 4   80  ?   ?   ?   A . n 
A 1 5   ILE 5   81  ?   ?   ?   A . n 
A 1 6   LEU 6   82  ?   ?   ?   A . n 
A 1 7   LEU 7   83  ?   ?   ?   A . n 
A 1 8   ALA 8   84  ?   ?   ?   A . n 
A 1 9   VAL 9   85  ?   ?   ?   A . n 
A 1 10  VAL 10  86  ?   ?   ?   A . n 
A 1 11  ALA 11  87  ?   ?   ?   A . n 
A 1 12  PHE 12  88  ?   ?   ?   A . n 
A 1 13  VAL 13  89  ?   ?   ?   A . n 
A 1 14  GLY 14  90  ?   ?   ?   A . n 
A 1 15  LEU 15  91  ?   ?   ?   A . n 
A 1 16  SER 16  92  ?   ?   ?   A . n 
A 1 17  LEU 17  93  ?   ?   ?   A . n 
A 1 18  GLY 18  94  ?   ?   ?   A . n 
A 1 19  GLY 19  95  ?   ?   ?   A . n 
A 1 20  SER 20  96  ?   ?   ?   A . n 
A 1 21  ASP 21  97  ?   ?   ?   A . n 
A 1 22  SER 22  98  ?   ?   ?   A . n 
A 1 23  GLY 23  99  99  GLY GLY A . n 
A 1 24  LEU 24  100 100 LEU LEU A . n 
A 1 25  ALA 25  101 101 ALA ALA A . n 
A 1 26  LEU 26  102 102 LEU LEU A . n 
A 1 27  ARG 27  103 103 ARG ARG A . n 
A 1 28  LEU 28  104 104 LEU LEU A . n 
A 1 29  VAL 29  105 105 VAL VAL A . n 
A 1 30  ASN 30  106 106 ASN ASN A . n 
A 1 31  GLY 31  107 107 GLY GLY A . n 
A 1 32  ASP 32  108 108 ASP ASP A . n 
A 1 33  GLY 33  109 109 GLY GLY A . n 
A 1 34  ARG 34  110 110 ARG ARG A . n 
A 1 35  CYS 35  111 111 CYS CYS A . n 
A 1 36  GLN 36  112 112 GLN GLN A . n 
A 1 37  GLY 37  113 113 GLY GLY A . n 
A 1 38  ARG 38  114 114 ARG ARG A . n 
A 1 39  VAL 39  115 115 VAL VAL A . n 
A 1 40  GLU 40  116 116 GLU GLU A . n 
A 1 41  ILE 41  117 117 ILE ILE A . n 
A 1 42  LEU 42  118 118 LEU LEU A . n 
A 1 43  TYR 43  119 119 TYR TYR A . n 
A 1 44  ARG 44  120 120 ARG ARG A . n 
A 1 45  GLY 45  121 121 GLY GLY A . n 
A 1 46  SER 46  122 122 SER SER A . n 
A 1 47  TRP 47  123 123 TRP TRP A . n 
A 1 48  GLY 48  124 124 GLY GLY A . n 
A 1 49  THR 49  125 125 THR THR A . n 
A 1 50  VAL 50  126 126 VAL VAL A . n 
A 1 51  CYS 51  127 127 CYS CYS A . n 
A 1 52  ASP 52  128 128 ASP ASP A . n 
A 1 53  ASP 53  129 129 ASP ASP A . n 
A 1 54  SER 54  130 130 SER SER A . n 
A 1 55  TRP 55  131 131 TRP TRP A . n 
A 1 56  ASP 56  132 132 ASP ASP A . n 
A 1 57  THR 57  133 133 THR THR A . n 
A 1 58  ASN 58  134 134 ASN ASN A . n 
A 1 59  ASP 59  135 135 ASP ASP A . n 
A 1 60  ALA 60  136 136 ALA ALA A . n 
A 1 61  ASN 61  137 137 ASN ASN A . n 
A 1 62  VAL 62  138 138 VAL VAL A . n 
A 1 63  VAL 63  139 139 VAL VAL A . n 
A 1 64  CYS 64  140 140 CYS CYS A . n 
A 1 65  ARG 65  141 141 ARG ARG A . n 
A 1 66  GLN 66  142 142 GLN GLN A . n 
A 1 67  LEU 67  143 143 LEU LEU A . n 
A 1 68  GLY 68  144 144 GLY GLY A . n 
A 1 69  CYS 69  145 145 CYS CYS A . n 
A 1 70  GLY 70  146 146 GLY GLY A . n 
A 1 71  TRP 71  147 147 TRP TRP A . n 
A 1 72  ALA 72  148 148 ALA ALA A . n 
A 1 73  MET 73  149 149 MET MET A . n 
A 1 74  SER 74  150 150 SER SER A . n 
A 1 75  ALA 75  151 151 ALA ALA A . n 
A 1 76  PRO 76  152 152 PRO PRO A . n 
A 1 77  GLY 77  153 153 GLY GLY A . n 
A 1 78  ASN 78  154 154 ASN ASN A . n 
A 1 79  ALA 79  155 155 ALA ALA A . n 
A 1 80  TRP 80  156 156 TRP TRP A . n 
A 1 81  PHE 81  157 157 PHE PHE A . n 
A 1 82  GLY 82  158 158 GLY GLY A . n 
A 1 83  GLN 83  159 159 GLN GLN A . n 
A 1 84  GLY 84  160 160 GLY GLY A . n 
A 1 85  SER 85  161 161 SER SER A . n 
A 1 86  GLY 86  162 162 GLY GLY A . n 
A 1 87  PRO 87  163 163 PRO PRO A . n 
A 1 88  ILE 88  164 164 ILE ILE A . n 
A 1 89  ALA 89  165 165 ALA ALA A . n 
A 1 90  LEU 90  166 166 LEU LEU A . n 
A 1 91  ASP 91  167 167 ASP ASP A . n 
A 1 92  ASP 92  168 168 ASP ASP A . n 
A 1 93  VAL 93  169 169 VAL VAL A . n 
A 1 94  ARG 94  170 170 ARG ARG A . n 
A 1 95  CYS 95  171 171 CYS CYS A . n 
A 1 96  SER 96  172 172 SER SER A . n 
A 1 97  GLY 97  173 173 GLY GLY A . n 
A 1 98  HIS 98  174 174 HIS HIS A . n 
A 1 99  GLU 99  175 175 GLU GLU A . n 
A 1 100 SER 100 176 176 SER SER A . n 
A 1 101 TYR 101 177 177 TYR TYR A . n 
A 1 102 LEU 102 178 178 LEU LEU A . n 
A 1 103 TRP 103 179 179 TRP TRP A . n 
A 1 104 SER 104 180 180 SER SER A . n 
A 1 105 CYS 105 181 181 CYS CYS A . n 
A 1 106 PRO 106 182 182 PRO PRO A . n 
A 1 107 HIS 107 183 183 HIS HIS A . n 
A 1 108 ASN 108 184 184 ASN ASN A . n 
A 1 109 GLY 109 185 185 GLY GLY A . n 
A 1 110 TRP 110 186 186 TRP TRP A . n 
A 1 111 LEU 111 187 187 LEU LEU A . n 
A 1 112 SER 112 188 188 SER SER A . n 
A 1 113 HIS 113 189 189 HIS HIS A . n 
A 1 114 ASN 114 190 190 ASN ASN A . n 
A 1 115 CYS 115 191 191 CYS CYS A . n 
A 1 116 GLY 116 192 192 GLY GLY A . n 
A 1 117 HIS 117 193 193 HIS HIS A . n 
A 1 118 GLY 118 194 194 GLY GLY A . n 
A 1 119 GLU 119 195 195 GLU GLU A . n 
A 1 120 ASP 120 196 196 ASP ASP A . n 
A 1 121 ALA 121 197 197 ALA ALA A . n 
A 1 122 GLY 122 198 198 GLY GLY A . n 
A 1 123 VAL 123 199 199 VAL VAL A . n 
A 1 124 ILE 124 200 200 ILE ILE A . n 
A 1 125 CYS 125 201 201 CYS CYS A . n 
A 1 126 SER 126 202 202 SER SER A . n 
A 1 127 ALA 127 203 203 ALA ALA A . n 
A 1 128 THR 128 204 204 THR THR A . n 
A 1 129 GLY 129 205 205 GLY GLY A . n 
A 1 130 GLU 130 206 206 GLU GLU A . n 
A 1 131 ASN 131 207 207 ASN ASN A . n 
A 1 132 LEU 132 208 ?   ?   ?   A . n 
A 1 133 TYR 133 209 ?   ?   ?   A . n 
A 1 134 PHE 134 210 ?   ?   ?   A . n 
A 1 135 GLN 135 211 ?   ?   ?   A . n 
A 1 136 GLY 136 212 ?   ?   ?   A . n 
A 1 137 ARG 137 213 ?   ?   ?   A . n 
A 1 138 HIS 138 214 ?   ?   ?   A . n 
A 1 139 HIS 139 215 ?   ?   ?   A . n 
A 1 140 HIS 140 216 ?   ?   ?   A . n 
A 1 141 HIS 141 217 ?   ?   ?   A . n 
A 1 142 HIS 142 218 ?   ?   ?   A . n 
A 1 143 HIS 143 219 ?   ?   ?   A . n 
# 
_pdbx_entity_instance_feature.ordinal        1 
_pdbx_entity_instance_feature.comp_id        MG 
_pdbx_entity_instance_feature.asym_id        ? 
_pdbx_entity_instance_feature.seq_num        ? 
_pdbx_entity_instance_feature.auth_comp_id   MG 
_pdbx_entity_instance_feature.auth_asym_id   ? 
_pdbx_entity_instance_feature.auth_seq_num   ? 
_pdbx_entity_instance_feature.feature_type   'SUBJECT OF INVESTIGATION' 
_pdbx_entity_instance_feature.details        ? 
# 
loop_
_pdbx_nonpoly_scheme.asym_id 
_pdbx_nonpoly_scheme.entity_id 
_pdbx_nonpoly_scheme.mon_id 
_pdbx_nonpoly_scheme.ndb_seq_num 
_pdbx_nonpoly_scheme.pdb_seq_num 
_pdbx_nonpoly_scheme.auth_seq_num 
_pdbx_nonpoly_scheme.pdb_mon_id 
_pdbx_nonpoly_scheme.auth_mon_id 
_pdbx_nonpoly_scheme.pdb_strand_id 
_pdbx_nonpoly_scheme.pdb_ins_code 
B 2 MG  1  301 394 MG  MG  A . 
C 3 CL  1  302 395 CL  CL  A . 
D 4 GOL 1  303 1   GOL GOL A . 
E 4 GOL 1  304 4   GOL GOL A . 
F 4 GOL 1  305 5   GOL GOL A . 
G 4 GOL 1  306 6   GOL GOL A . 
H 5 HOH 1  401 65  HOH HOH A . 
H 5 HOH 2  402 43  HOH HOH A . 
H 5 HOH 3  403 64  HOH HOH A . 
H 5 HOH 4  404 60  HOH HOH A . 
H 5 HOH 5  405 80  HOH HOH A . 
H 5 HOH 6  406 100 HOH HOH A . 
H 5 HOH 7  407 70  HOH HOH A . 
H 5 HOH 8  408 78  HOH HOH A . 
H 5 HOH 9  409 68  HOH HOH A . 
H 5 HOH 10 410 36  HOH HOH A . 
H 5 HOH 11 411 50  HOH HOH A . 
H 5 HOH 12 412 63  HOH HOH A . 
H 5 HOH 13 413 55  HOH HOH A . 
H 5 HOH 14 414 8   HOH HOH A . 
H 5 HOH 15 415 27  HOH HOH A . 
H 5 HOH 16 416 90  HOH HOH A . 
H 5 HOH 17 417 17  HOH HOH A . 
H 5 HOH 18 418 25  HOH HOH A . 
H 5 HOH 19 419 71  HOH HOH A . 
H 5 HOH 20 420 79  HOH HOH A . 
H 5 HOH 21 421 11  HOH HOH A . 
H 5 HOH 22 422 22  HOH HOH A . 
H 5 HOH 23 423 2   HOH HOH A . 
H 5 HOH 24 424 98  HOH HOH A . 
H 5 HOH 25 425 31  HOH HOH A . 
H 5 HOH 26 426 20  HOH HOH A . 
H 5 HOH 27 427 44  HOH HOH A . 
H 5 HOH 28 428 32  HOH HOH A . 
H 5 HOH 29 429 77  HOH HOH A . 
H 5 HOH 30 430 3   HOH HOH A . 
H 5 HOH 31 431 67  HOH HOH A . 
H 5 HOH 32 432 34  HOH HOH A . 
H 5 HOH 33 433 1   HOH HOH A . 
H 5 HOH 34 434 81  HOH HOH A . 
H 5 HOH 35 435 29  HOH HOH A . 
H 5 HOH 36 436 4   HOH HOH A . 
H 5 HOH 37 437 5   HOH HOH A . 
H 5 HOH 38 438 62  HOH HOH A . 
H 5 HOH 39 439 10  HOH HOH A . 
H 5 HOH 40 440 58  HOH HOH A . 
H 5 HOH 41 441 30  HOH HOH A . 
H 5 HOH 42 442 9   HOH HOH A . 
H 5 HOH 43 443 26  HOH HOH A . 
H 5 HOH 44 444 97  HOH HOH A . 
H 5 HOH 45 445 84  HOH HOH A . 
H 5 HOH 46 446 33  HOH HOH A . 
H 5 HOH 47 447 61  HOH HOH A . 
H 5 HOH 48 448 37  HOH HOH A . 
H 5 HOH 49 449 40  HOH HOH A . 
H 5 HOH 50 450 7   HOH HOH A . 
H 5 HOH 51 451 101 HOH HOH A . 
H 5 HOH 52 452 49  HOH HOH A . 
H 5 HOH 53 453 21  HOH HOH A . 
H 5 HOH 54 454 13  HOH HOH A . 
H 5 HOH 55 455 47  HOH HOH A . 
H 5 HOH 56 456 82  HOH HOH A . 
H 5 HOH 57 457 87  HOH HOH A . 
H 5 HOH 58 458 69  HOH HOH A . 
H 5 HOH 59 459 6   HOH HOH A . 
H 5 HOH 60 460 19  HOH HOH A . 
H 5 HOH 61 461 46  HOH HOH A . 
H 5 HOH 62 462 23  HOH HOH A . 
H 5 HOH 63 463 14  HOH HOH A . 
H 5 HOH 64 464 92  HOH HOH A . 
H 5 HOH 65 465 12  HOH HOH A . 
H 5 HOH 66 466 76  HOH HOH A . 
H 5 HOH 67 467 28  HOH HOH A . 
H 5 HOH 68 468 83  HOH HOH A . 
H 5 HOH 69 469 88  HOH HOH A . 
H 5 HOH 70 470 24  HOH HOH A . 
H 5 HOH 71 471 57  HOH HOH A . 
H 5 HOH 72 472 48  HOH HOH A . 
H 5 HOH 73 473 89  HOH HOH A . 
H 5 HOH 74 474 66  HOH HOH A . 
H 5 HOH 75 475 35  HOH HOH A . 
H 5 HOH 76 476 53  HOH HOH A . 
H 5 HOH 77 477 42  HOH HOH A . 
H 5 HOH 78 478 93  HOH HOH A . 
H 5 HOH 79 479 39  HOH HOH A . 
H 5 HOH 80 480 45  HOH HOH A . 
H 5 HOH 81 481 75  HOH HOH A . 
H 5 HOH 82 482 91  HOH HOH A . 
H 5 HOH 83 483 103 HOH HOH A . 
H 5 HOH 84 484 96  HOH HOH A . 
H 5 HOH 85 485 102 HOH HOH A . 
H 5 HOH 86 486 18  HOH HOH A . 
H 5 HOH 87 487 15  HOH HOH A . 
H 5 HOH 88 488 38  HOH HOH A . 
H 5 HOH 89 489 73  HOH HOH A . 
H 5 HOH 90 490 52  HOH HOH A . 
H 5 HOH 91 491 86  HOH HOH A . 
H 5 HOH 92 492 72  HOH HOH A . 
H 5 HOH 93 493 85  HOH HOH A . 
H 5 HOH 94 494 95  HOH HOH A . 
H 5 HOH 95 495 99  HOH HOH A . 
H 5 HOH 96 496 74  HOH HOH A . 
H 5 HOH 97 497 94  HOH HOH A . 
H 5 HOH 98 498 54  HOH HOH A . 
# 
loop_
_software.citation_id 
_software.classification 
_software.compiler_name 
_software.compiler_version 
_software.contact_author 
_software.contact_author_email 
_software.date 
_software.description 
_software.dependencies 
_software.hardware 
_software.language 
_software.location 
_software.mods 
_software.name 
_software.os 
_software.os_version 
_software.type 
_software.version 
_software.pdbx_ordinal 
? refinement       ? ? ? ? ? ? ? ? ? ? ? PHENIX ? ? ? dev_3126                1 
? 'data reduction' ? ? ? ? ? ? ? ? ? ? ? xia2   ? ? ? 3d                      2 
? 'data scaling'   ? ? ? ? ? ? ? ? ? ? ? xia2   ? ? ? 3d                      3 
? phasing          ? ? ? ? ? ? ? ? ? ? ? MOLREP ? ? ? 'CCP4Interface 7.0.056' 4 
# 
_cell.angle_alpha                  90.000 
_cell.angle_alpha_esd              ? 
_cell.angle_beta                   90.000 
_cell.angle_beta_esd               ? 
_cell.angle_gamma                  90.000 
_cell.angle_gamma_esd              ? 
_cell.entry_id                     6SA4 
_cell.details                      ? 
_cell.formula_units_Z              ? 
_cell.length_a                     36.770 
_cell.length_a_esd                 ? 
_cell.length_b                     45.190 
_cell.length_b_esd                 ? 
_cell.length_c                     69.370 
_cell.length_c_esd                 ? 
_cell.volume                       115267.710 
_cell.volume_esd                   ? 
_cell.Z_PDB                        4 
_cell.reciprocal_angle_alpha       ? 
_cell.reciprocal_angle_beta        ? 
_cell.reciprocal_angle_gamma       ? 
_cell.reciprocal_angle_alpha_esd   ? 
_cell.reciprocal_angle_beta_esd    ? 
_cell.reciprocal_angle_gamma_esd   ? 
_cell.reciprocal_length_a          ? 
_cell.reciprocal_length_b          ? 
_cell.reciprocal_length_c          ? 
_cell.reciprocal_length_a_esd      ? 
_cell.reciprocal_length_b_esd      ? 
_cell.reciprocal_length_c_esd      ? 
_cell.pdbx_unique_axis             ? 
# 
_symmetry.entry_id                         6SA4 
_symmetry.cell_setting                     ? 
_symmetry.Int_Tables_number                19 
_symmetry.space_group_name_Hall            'P 2ac 2ab' 
_symmetry.space_group_name_H-M             'P 21 21 21' 
_symmetry.pdbx_full_space_group_name_H-M   ? 
# 
_exptl.absorpt_coefficient_mu     ? 
_exptl.absorpt_correction_T_max   ? 
_exptl.absorpt_correction_T_min   ? 
_exptl.absorpt_correction_type    ? 
_exptl.absorpt_process_details    ? 
_exptl.entry_id                   6SA4 
_exptl.crystals_number            1 
_exptl.details                    ? 
_exptl.method                     'X-RAY DIFFRACTION' 
_exptl.method_details             ? 
# 
_exptl_crystal.colour                      ? 
_exptl_crystal.density_diffrn              ? 
_exptl_crystal.density_Matthews            2.49 
_exptl_crystal.density_method              ? 
_exptl_crystal.density_percent_sol         50.51 
_exptl_crystal.description                 ? 
_exptl_crystal.F_000                       ? 
_exptl_crystal.id                          1 
_exptl_crystal.preparation                 ? 
_exptl_crystal.size_max                    ? 
_exptl_crystal.size_mid                    ? 
_exptl_crystal.size_min                    ? 
_exptl_crystal.size_rad                    ? 
_exptl_crystal.colour_lustre               ? 
_exptl_crystal.colour_modifier             ? 
_exptl_crystal.colour_primary              ? 
_exptl_crystal.density_meas                ? 
_exptl_crystal.density_meas_esd            ? 
_exptl_crystal.density_meas_gt             ? 
_exptl_crystal.density_meas_lt             ? 
_exptl_crystal.density_meas_temp           ? 
_exptl_crystal.density_meas_temp_esd       ? 
_exptl_crystal.density_meas_temp_gt        ? 
_exptl_crystal.density_meas_temp_lt        ? 
_exptl_crystal.pdbx_crystal_image_url      ? 
_exptl_crystal.pdbx_crystal_image_format   ? 
_exptl_crystal.pdbx_mosaicity              ? 
_exptl_crystal.pdbx_mosaicity_esd          ? 
# 
_exptl_crystal_grow.apparatus       ? 
_exptl_crystal_grow.atmosphere      ? 
_exptl_crystal_grow.crystal_id      1 
_exptl_crystal_grow.details         ? 
_exptl_crystal_grow.method          'VAPOR DIFFUSION, SITTING DROP' 
_exptl_crystal_grow.method_ref      ? 
_exptl_crystal_grow.pH              7.0 
_exptl_crystal_grow.pressure        ? 
_exptl_crystal_grow.pressure_esd    ? 
_exptl_crystal_grow.seeding         ? 
_exptl_crystal_grow.seeding_ref     ? 
_exptl_crystal_grow.temp            293.15 
_exptl_crystal_grow.temp_details    ? 
_exptl_crystal_grow.temp_esd        ? 
_exptl_crystal_grow.time            ? 
_exptl_crystal_grow.pdbx_details    '0.2 M MgCl2 hexahydrate, 10 5 (w/v) PEG8000, 0.1 M Tris, pH 7.0' 
_exptl_crystal_grow.pdbx_pH_range   ? 
# 
_diffrn.ambient_environment              ? 
_diffrn.ambient_temp                     80 
_diffrn.ambient_temp_details             ? 
_diffrn.ambient_temp_esd                 ? 
_diffrn.crystal_id                       1 
_diffrn.crystal_support                  ? 
_diffrn.crystal_treatment                ? 
_diffrn.details                          ? 
_diffrn.id                               1 
_diffrn.ambient_pressure                 ? 
_diffrn.ambient_pressure_esd             ? 
_diffrn.ambient_pressure_gt              ? 
_diffrn.ambient_pressure_lt              ? 
_diffrn.ambient_temp_gt                  ? 
_diffrn.ambient_temp_lt                  ? 
_diffrn.pdbx_serial_crystal_experiment   N 
# 
_diffrn_detector.details                      ? 
_diffrn_detector.detector                     CCD 
_diffrn_detector.diffrn_id                    1 
_diffrn_detector.type                         'ADSC QUANTUM 315' 
_diffrn_detector.area_resol_mean              ? 
_diffrn_detector.dtime                        ? 
_diffrn_detector.pdbx_frames_total            ? 
_diffrn_detector.pdbx_collection_time_total   ? 
_diffrn_detector.pdbx_collection_date         2018-01-13 
_diffrn_detector.pdbx_frequency               ? 
# 
_diffrn_radiation.collimation                      ? 
_diffrn_radiation.diffrn_id                        1 
_diffrn_radiation.filter_edge                      ? 
_diffrn_radiation.inhomogeneity                    ? 
_diffrn_radiation.monochromator                    ? 
_diffrn_radiation.polarisn_norm                    ? 
_diffrn_radiation.polarisn_ratio                   ? 
_diffrn_radiation.probe                            ? 
_diffrn_radiation.type                             ? 
_diffrn_radiation.xray_symbol                      ? 
_diffrn_radiation.wavelength_id                    1 
_diffrn_radiation.pdbx_monochromatic_or_laue_m_l   M 
_diffrn_radiation.pdbx_wavelength_list             ? 
_diffrn_radiation.pdbx_wavelength                  ? 
_diffrn_radiation.pdbx_diffrn_protocol             'SINGLE WAVELENGTH' 
_diffrn_radiation.pdbx_analyzer                    ? 
_diffrn_radiation.pdbx_scattering_type             x-ray 
# 
_diffrn_radiation_wavelength.id           1 
_diffrn_radiation_wavelength.wavelength   1.0718 
_diffrn_radiation_wavelength.wt           1.0 
# 
_diffrn_source.current                     ? 
_diffrn_source.details                     ? 
_diffrn_source.diffrn_id                   1 
_diffrn_source.power                       ? 
_diffrn_source.size                        ? 
_diffrn_source.source                      SYNCHROTRON 
_diffrn_source.target                      ? 
_diffrn_source.type                        'DIAMOND BEAMLINE I04' 
_diffrn_source.voltage                     ? 
_diffrn_source.take-off_angle              ? 
_diffrn_source.pdbx_wavelength_list        1.0718 
_diffrn_source.pdbx_wavelength             ? 
_diffrn_source.pdbx_synchrotron_beamline   I04 
_diffrn_source.pdbx_synchrotron_site       Diamond 
# 
_reflns.B_iso_Wilson_estimate            20.98 
_reflns.entry_id                         6SA4 
_reflns.data_reduction_details           ? 
_reflns.data_reduction_method            ? 
_reflns.d_resolution_high                1.77 
_reflns.d_resolution_low                 28.52 
_reflns.details                          ? 
_reflns.limit_h_max                      ? 
_reflns.limit_h_min                      ? 
_reflns.limit_k_max                      ? 
_reflns.limit_k_min                      ? 
_reflns.limit_l_max                      ? 
_reflns.limit_l_min                      ? 
_reflns.number_all                       ? 
_reflns.number_obs                       11730 
_reflns.observed_criterion               ? 
_reflns.observed_criterion_F_max         ? 
_reflns.observed_criterion_F_min         ? 
_reflns.observed_criterion_I_max         ? 
_reflns.observed_criterion_I_min         ? 
_reflns.observed_criterion_sigma_F       ? 
_reflns.observed_criterion_sigma_I       ? 
_reflns.percent_possible_obs             99.8 
_reflns.R_free_details                   ? 
_reflns.Rmerge_F_all                     ? 
_reflns.Rmerge_F_obs                     ? 
_reflns.Friedel_coverage                 ? 
_reflns.number_gt                        ? 
_reflns.threshold_expression             ? 
_reflns.pdbx_redundancy                  6.3 
_reflns.pdbx_Rmerge_I_obs                0.17 
_reflns.pdbx_Rmerge_I_all                ? 
_reflns.pdbx_Rsym_value                  ? 
_reflns.pdbx_netI_over_av_sigmaI         ? 
_reflns.pdbx_netI_over_sigmaI            8.1 
_reflns.pdbx_res_netI_over_av_sigmaI_2   ? 
_reflns.pdbx_res_netI_over_sigmaI_2      ? 
_reflns.pdbx_chi_squared                 ? 
_reflns.pdbx_scaling_rejects             ? 
_reflns.pdbx_d_res_high_opt              ? 
_reflns.pdbx_d_res_low_opt               ? 
_reflns.pdbx_d_res_opt_method            ? 
_reflns.phase_calculation_details        ? 
_reflns.pdbx_Rrim_I_all                  ? 
_reflns.pdbx_Rpim_I_all                  ? 
_reflns.pdbx_d_opt                       ? 
_reflns.pdbx_number_measured_all         ? 
_reflns.pdbx_diffrn_id                   1 
_reflns.pdbx_ordinal                     1 
_reflns.pdbx_CC_half                     ? 
_reflns.pdbx_R_split                     ? 
# 
_reflns_shell.d_res_high                  1.77 
_reflns_shell.d_res_low                   1.80 
_reflns_shell.meanI_over_sigI_all         ? 
_reflns_shell.meanI_over_sigI_obs         ? 
_reflns_shell.number_measured_all         ? 
_reflns_shell.number_measured_obs         ? 
_reflns_shell.number_possible             ? 
_reflns_shell.number_unique_all           ? 
_reflns_shell.number_unique_obs           1146 
_reflns_shell.percent_possible_all        ? 
_reflns_shell.percent_possible_obs        ? 
_reflns_shell.Rmerge_F_all                ? 
_reflns_shell.Rmerge_F_obs                ? 
_reflns_shell.Rmerge_I_all                ? 
_reflns_shell.Rmerge_I_obs                1.364 
_reflns_shell.meanI_over_sigI_gt          ? 
_reflns_shell.meanI_over_uI_all           ? 
_reflns_shell.meanI_over_uI_gt            ? 
_reflns_shell.number_measured_gt          ? 
_reflns_shell.number_unique_gt            ? 
_reflns_shell.percent_possible_gt         ? 
_reflns_shell.Rmerge_F_gt                 ? 
_reflns_shell.Rmerge_I_gt                 ? 
_reflns_shell.pdbx_redundancy             ? 
_reflns_shell.pdbx_Rsym_value             ? 
_reflns_shell.pdbx_chi_squared            ? 
_reflns_shell.pdbx_netI_over_sigmaI_all   ? 
_reflns_shell.pdbx_netI_over_sigmaI_obs   ? 
_reflns_shell.pdbx_Rrim_I_all             ? 
_reflns_shell.pdbx_Rpim_I_all             ? 
_reflns_shell.pdbx_rejects                ? 
_reflns_shell.pdbx_ordinal                1 
_reflns_shell.pdbx_diffrn_id              1 
_reflns_shell.pdbx_CC_half                ? 
_reflns_shell.pdbx_R_split                ? 
# 
_refine.aniso_B[1][1]                            ? 
_refine.aniso_B[1][2]                            ? 
_refine.aniso_B[1][3]                            ? 
_refine.aniso_B[2][2]                            ? 
_refine.aniso_B[2][3]                            ? 
_refine.aniso_B[3][3]                            ? 
_refine.B_iso_max                                ? 
_refine.B_iso_mean                               24.01 
_refine.B_iso_min                                ? 
_refine.correlation_coeff_Fo_to_Fc               ? 
_refine.correlation_coeff_Fo_to_Fc_free          ? 
_refine.details                                  ? 
_refine.diff_density_max                         ? 
_refine.diff_density_max_esd                     ? 
_refine.diff_density_min                         ? 
_refine.diff_density_min_esd                     ? 
_refine.diff_density_rms                         ? 
_refine.diff_density_rms_esd                     ? 
_refine.entry_id                                 6SA4 
_refine.pdbx_refine_id                           'X-RAY DIFFRACTION' 
_refine.ls_abs_structure_details                 ? 
_refine.ls_abs_structure_Flack                   ? 
_refine.ls_abs_structure_Flack_esd               ? 
_refine.ls_abs_structure_Rogers                  ? 
_refine.ls_abs_structure_Rogers_esd              ? 
_refine.ls_d_res_high                            1.77 
_refine.ls_d_res_low                             28.52 
_refine.ls_extinction_coef                       ? 
_refine.ls_extinction_coef_esd                   ? 
_refine.ls_extinction_expression                 ? 
_refine.ls_extinction_method                     ? 
_refine.ls_goodness_of_fit_all                   ? 
_refine.ls_goodness_of_fit_all_esd               ? 
_refine.ls_goodness_of_fit_obs                   ? 
_refine.ls_goodness_of_fit_obs_esd               ? 
_refine.ls_hydrogen_treatment                    ? 
_refine.ls_matrix_type                           ? 
_refine.ls_number_constraints                    ? 
_refine.ls_number_parameters                     ? 
_refine.ls_number_reflns_all                     ? 
_refine.ls_number_reflns_obs                     11730 
_refine.ls_number_reflns_R_free                  577 
_refine.ls_number_reflns_R_work                  ? 
_refine.ls_number_restraints                     ? 
_refine.ls_percent_reflns_obs                    99.58 
_refine.ls_percent_reflns_R_free                 4.92 
_refine.ls_R_factor_all                          ? 
_refine.ls_R_factor_obs                          0.1880 
_refine.ls_R_factor_R_free                       0.2291 
_refine.ls_R_factor_R_free_error                 ? 
_refine.ls_R_factor_R_free_error_details         ? 
_refine.ls_R_factor_R_work                       0.1859 
_refine.ls_R_Fsqd_factor_obs                     ? 
_refine.ls_R_I_factor_obs                        ? 
_refine.ls_redundancy_reflns_all                 ? 
_refine.ls_redundancy_reflns_obs                 ? 
_refine.ls_restrained_S_all                      ? 
_refine.ls_restrained_S_obs                      ? 
_refine.ls_shift_over_esd_max                    ? 
_refine.ls_shift_over_esd_mean                   ? 
_refine.ls_structure_factor_coef                 ? 
_refine.ls_weighting_details                     ? 
_refine.ls_weighting_scheme                      ? 
_refine.ls_wR_factor_all                         ? 
_refine.ls_wR_factor_obs                         ? 
_refine.ls_wR_factor_R_free                      ? 
_refine.ls_wR_factor_R_work                      ? 
_refine.occupancy_max                            ? 
_refine.occupancy_min                            ? 
_refine.solvent_model_details                    ? 
_refine.solvent_model_param_bsol                 ? 
_refine.solvent_model_param_ksol                 ? 
_refine.ls_R_factor_gt                           ? 
_refine.ls_goodness_of_fit_gt                    ? 
_refine.ls_goodness_of_fit_ref                   ? 
_refine.ls_shift_over_su_max                     ? 
_refine.ls_shift_over_su_max_lt                  ? 
_refine.ls_shift_over_su_mean                    ? 
_refine.ls_shift_over_su_mean_lt                 ? 
_refine.pdbx_ls_sigma_I                          ? 
_refine.pdbx_ls_sigma_F                          1.34 
_refine.pdbx_ls_sigma_Fsqd                       ? 
_refine.pdbx_data_cutoff_high_absF               ? 
_refine.pdbx_data_cutoff_high_rms_absF           ? 
_refine.pdbx_data_cutoff_low_absF                ? 
_refine.pdbx_isotropic_thermal_model             ? 
_refine.pdbx_ls_cross_valid_method               'FREE R-VALUE' 
_refine.pdbx_method_to_determine_struct          'MOLECULAR REPLACEMENT' 
_refine.pdbx_starting_model                      5a2e 
_refine.pdbx_stereochemistry_target_values       ? 
_refine.pdbx_R_Free_selection_details            ? 
_refine.pdbx_stereochem_target_val_spec_case     ? 
_refine.pdbx_overall_ESU_R                       ? 
_refine.pdbx_overall_ESU_R_Free                  ? 
_refine.pdbx_solvent_vdw_probe_radii             1.1100 
_refine.pdbx_solvent_ion_probe_radii             ? 
_refine.pdbx_solvent_shrinkage_radii             0.9000 
_refine.pdbx_real_space_R                        ? 
_refine.pdbx_density_correlation                 ? 
_refine.pdbx_pd_number_of_powder_patterns        ? 
_refine.pdbx_pd_number_of_points                 ? 
_refine.pdbx_pd_meas_number_of_points            ? 
_refine.pdbx_pd_proc_ls_prof_R_factor            ? 
_refine.pdbx_pd_proc_ls_prof_wR_factor           ? 
_refine.pdbx_pd_Marquardt_correlation_coeff      ? 
_refine.pdbx_pd_Fsqrd_R_factor                   ? 
_refine.pdbx_pd_ls_matrix_band_width             ? 
_refine.pdbx_overall_phase_error                 23.2151 
_refine.pdbx_overall_SU_R_free_Cruickshank_DPI   ? 
_refine.pdbx_overall_SU_R_free_Blow_DPI          ? 
_refine.pdbx_overall_SU_R_Blow_DPI               ? 
_refine.pdbx_TLS_residual_ADP_flag               ? 
_refine.pdbx_diffrn_id                           1 
_refine.overall_SU_B                             ? 
_refine.overall_SU_ML                            0.2132 
_refine.overall_SU_R_Cruickshank_DPI             ? 
_refine.overall_SU_R_free                        ? 
_refine.overall_FOM_free_R_set                   ? 
_refine.overall_FOM_work_R_set                   ? 
_refine.pdbx_average_fsc_overall                 ? 
_refine.pdbx_average_fsc_work                    ? 
_refine.pdbx_average_fsc_free                    ? 
# 
_refine_hist.pdbx_refine_id                   'X-RAY DIFFRACTION' 
_refine_hist.cycle_id                         LAST 
_refine_hist.details                          ? 
_refine_hist.d_res_high                       1.77 
_refine_hist.d_res_low                        28.52 
_refine_hist.number_atoms_solvent             98 
_refine_hist.number_atoms_total               933 
_refine_hist.number_reflns_all                ? 
_refine_hist.number_reflns_obs                ? 
_refine_hist.number_reflns_R_free             ? 
_refine_hist.number_reflns_R_work             ? 
_refine_hist.R_factor_all                     ? 
_refine_hist.R_factor_obs                     ? 
_refine_hist.R_factor_R_free                  ? 
_refine_hist.R_factor_R_work                  ? 
_refine_hist.pdbx_number_residues_total       ? 
_refine_hist.pdbx_B_iso_mean_ligand           ? 
_refine_hist.pdbx_B_iso_mean_solvent          ? 
_refine_hist.pdbx_number_atoms_protein        809 
_refine_hist.pdbx_number_atoms_nucleic_acid   0 
_refine_hist.pdbx_number_atoms_ligand         26 
_refine_hist.pdbx_number_atoms_lipid          ? 
_refine_hist.pdbx_number_atoms_carb           ? 
_refine_hist.pdbx_pseudo_atom_details         ? 
# 
loop_
_refine_ls_restr.pdbx_refine_id 
_refine_ls_restr.criterion 
_refine_ls_restr.dev_ideal 
_refine_ls_restr.dev_ideal_target 
_refine_ls_restr.number 
_refine_ls_restr.rejects 
_refine_ls_restr.type 
_refine_ls_restr.weight 
_refine_ls_restr.pdbx_restraint_function 
'X-RAY DIFFRACTION' ? 0.0062  ? 872  ? f_bond_d           ? ? 
'X-RAY DIFFRACTION' ? 0.8094  ? 1185 ? f_angle_d          ? ? 
'X-RAY DIFFRACTION' ? 0.0567  ? 114  ? f_chiral_restr     ? ? 
'X-RAY DIFFRACTION' ? 0.0042  ? 157  ? f_plane_restr      ? ? 
'X-RAY DIFFRACTION' ? 16.5492 ? 638  ? f_dihedral_angle_d ? ? 
# 
loop_
_refine_ls_shell.pdbx_refine_id 
_refine_ls_shell.d_res_high 
_refine_ls_shell.d_res_low 
_refine_ls_shell.number_reflns_all 
_refine_ls_shell.number_reflns_obs 
_refine_ls_shell.number_reflns_R_free 
_refine_ls_shell.number_reflns_R_work 
_refine_ls_shell.percent_reflns_obs 
_refine_ls_shell.percent_reflns_R_free 
_refine_ls_shell.R_factor_all 
_refine_ls_shell.R_factor_obs 
_refine_ls_shell.R_factor_R_free 
_refine_ls_shell.R_factor_R_free_error 
_refine_ls_shell.R_factor_R_work 
_refine_ls_shell.redundancy_reflns_all 
_refine_ls_shell.redundancy_reflns_obs 
_refine_ls_shell.wR_factor_all 
_refine_ls_shell.wR_factor_obs 
_refine_ls_shell.wR_factor_R_free 
_refine_ls_shell.wR_factor_R_work 
_refine_ls_shell.pdbx_total_number_of_bins_used 
_refine_ls_shell.pdbx_phase_error 
_refine_ls_shell.pdbx_fsc_work 
_refine_ls_shell.pdbx_fsc_free 
'X-RAY DIFFRACTION' 1.77 1.95  . . 157 2700 99.34 . . . 0.3476 . 0.2663 . . . . . . . . . . 
'X-RAY DIFFRACTION' 1.95 2.23  . . 132 2751 99.45 . . . 0.2405 . 0.1984 . . . . . . . . . . 
'X-RAY DIFFRACTION' 2.23 2.81  . . 143 2787 99.76 . . . 0.2194 . 0.1958 . . . . . . . . . . 
'X-RAY DIFFRACTION' 2.81 28.52 . . 145 2915 99.80 . . . 0.2049 . 0.1624 . . . . . . . . . . 
# 
_struct.entry_id                     6SA4 
_struct.title                        'SALSA / DMBT1 / GP340 SRCR domain 1' 
_struct.pdbx_model_details           ? 
_struct.pdbx_formula_weight          ? 
_struct.pdbx_formula_weight_method   ? 
_struct.pdbx_model_type_details      ? 
_struct.pdbx_CASP_flag               N 
# 
_struct_keywords.entry_id        6SA4 
_struct_keywords.text            
;Scavenger receptor cysteine-rich, pattern recognition, mucosal immunology, anti-microbial molecule, complement, innate immunity, inflammation, salivary agglutinin, salivary scavenger and agglutinin, IMMUNE SYSTEM
;
_struct_keywords.pdbx_keywords   'IMMUNE SYSTEM' 
# 
loop_
_struct_asym.id 
_struct_asym.pdbx_blank_PDB_chainid_flag 
_struct_asym.pdbx_modified 
_struct_asym.entity_id 
_struct_asym.details 
A N N 1 ? 
B N N 2 ? 
C N N 3 ? 
D N N 4 ? 
E N N 4 ? 
F N N 4 ? 
G N N 4 ? 
H N N 5 ? 
# 
_struct_ref.id                         1 
_struct_ref.db_name                    UNP 
_struct_ref.db_code                    DMBT1_HUMAN 
_struct_ref.pdbx_db_accession          Q9UGM3 
_struct_ref.pdbx_db_isoform            Q9UGM3-7 
_struct_ref.entity_id                  1 
_struct_ref.pdbx_seq_one_letter_code   
;GSDSGLALRLVNGDGRCQGRVEILYRGSWGTVCDDSWDTNDANVVCRQLGCGWAMSAPGNAWFGQGSGPIALDDVRCSGH
ESYLWSCPHNGWLSHNCGHGEDAGVICSA
;
_struct_ref.pdbx_align_begin           95 
# 
_struct_ref_seq.align_id                      1 
_struct_ref_seq.ref_id                        1 
_struct_ref_seq.pdbx_PDB_id_code              6SA4 
_struct_ref_seq.pdbx_strand_id                A 
_struct_ref_seq.seq_align_beg                 19 
_struct_ref_seq.pdbx_seq_align_beg_ins_code   ? 
_struct_ref_seq.seq_align_end                 127 
_struct_ref_seq.pdbx_seq_align_end_ins_code   ? 
_struct_ref_seq.pdbx_db_accession             Q9UGM3 
_struct_ref_seq.db_align_beg                  95 
_struct_ref_seq.pdbx_db_align_beg_ins_code    ? 
_struct_ref_seq.db_align_end                  203 
_struct_ref_seq.pdbx_db_align_end_ins_code    ? 
_struct_ref_seq.pdbx_auth_seq_align_beg       95 
_struct_ref_seq.pdbx_auth_seq_align_end       203 
# 
loop_
_struct_ref_seq_dif.align_id 
_struct_ref_seq_dif.pdbx_pdb_id_code 
_struct_ref_seq_dif.mon_id 
_struct_ref_seq_dif.pdbx_pdb_strand_id 
_struct_ref_seq_dif.seq_num 
_struct_ref_seq_dif.pdbx_pdb_ins_code 
_struct_ref_seq_dif.pdbx_seq_db_name 
_struct_ref_seq_dif.pdbx_seq_db_accession_code 
_struct_ref_seq_dif.db_mon_id 
_struct_ref_seq_dif.pdbx_seq_db_seq_num 
_struct_ref_seq_dif.details 
_struct_ref_seq_dif.pdbx_auth_seq_num 
_struct_ref_seq_dif.pdbx_ordinal 
1 6SA4 MET A 1   ? UNP Q9UGM3 ? ? 'initiating methionine' 77  1  
1 6SA4 LYS A 2   ? UNP Q9UGM3 ? ? 'expression tag'        78  2  
1 6SA4 LEU A 3   ? UNP Q9UGM3 ? ? 'expression tag'        79  3  
1 6SA4 CYS A 4   ? UNP Q9UGM3 ? ? 'expression tag'        80  4  
1 6SA4 ILE A 5   ? UNP Q9UGM3 ? ? 'expression tag'        81  5  
1 6SA4 LEU A 6   ? UNP Q9UGM3 ? ? 'expression tag'        82  6  
1 6SA4 LEU A 7   ? UNP Q9UGM3 ? ? 'expression tag'        83  7  
1 6SA4 ALA A 8   ? UNP Q9UGM3 ? ? 'expression tag'        84  8  
1 6SA4 VAL A 9   ? UNP Q9UGM3 ? ? 'expression tag'        85  9  
1 6SA4 VAL A 10  ? UNP Q9UGM3 ? ? 'expression tag'        86  10 
1 6SA4 ALA A 11  ? UNP Q9UGM3 ? ? 'expression tag'        87  11 
1 6SA4 PHE A 12  ? UNP Q9UGM3 ? ? 'expression tag'        88  12 
1 6SA4 VAL A 13  ? UNP Q9UGM3 ? ? 'expression tag'        89  13 
1 6SA4 GLY A 14  ? UNP Q9UGM3 ? ? 'expression tag'        90  14 
1 6SA4 LEU A 15  ? UNP Q9UGM3 ? ? 'expression tag'        91  15 
1 6SA4 SER A 16  ? UNP Q9UGM3 ? ? 'expression tag'        92  16 
1 6SA4 LEU A 17  ? UNP Q9UGM3 ? ? 'expression tag'        93  17 
1 6SA4 GLY A 18  ? UNP Q9UGM3 ? ? 'expression tag'        94  18 
1 6SA4 THR A 128 ? UNP Q9UGM3 ? ? 'expression tag'        204 19 
1 6SA4 GLY A 129 ? UNP Q9UGM3 ? ? 'expression tag'        205 20 
1 6SA4 GLU A 130 ? UNP Q9UGM3 ? ? 'expression tag'        206 21 
1 6SA4 ASN A 131 ? UNP Q9UGM3 ? ? 'expression tag'        207 22 
1 6SA4 LEU A 132 ? UNP Q9UGM3 ? ? 'expression tag'        208 23 
1 6SA4 TYR A 133 ? UNP Q9UGM3 ? ? 'expression tag'        209 24 
1 6SA4 PHE A 134 ? UNP Q9UGM3 ? ? 'expression tag'        210 25 
1 6SA4 GLN A 135 ? UNP Q9UGM3 ? ? 'expression tag'        211 26 
1 6SA4 GLY A 136 ? UNP Q9UGM3 ? ? 'expression tag'        212 27 
1 6SA4 ARG A 137 ? UNP Q9UGM3 ? ? 'expression tag'        213 28 
1 6SA4 HIS A 138 ? UNP Q9UGM3 ? ? 'expression tag'        214 29 
1 6SA4 HIS A 139 ? UNP Q9UGM3 ? ? 'expression tag'        215 30 
1 6SA4 HIS A 140 ? UNP Q9UGM3 ? ? 'expression tag'        216 31 
1 6SA4 HIS A 141 ? UNP Q9UGM3 ? ? 'expression tag'        217 32 
1 6SA4 HIS A 142 ? UNP Q9UGM3 ? ? 'expression tag'        218 33 
1 6SA4 HIS A 143 ? UNP Q9UGM3 ? ? 'expression tag'        219 34 
# 
_pdbx_struct_assembly.id                   1 
_pdbx_struct_assembly.details              author_and_software_defined_assembly 
_pdbx_struct_assembly.method_details       PISA 
_pdbx_struct_assembly.oligomeric_details   monomeric 
_pdbx_struct_assembly.oligomeric_count     1 
# 
loop_
_pdbx_struct_assembly_prop.biol_id 
_pdbx_struct_assembly_prop.type 
_pdbx_struct_assembly_prop.value 
_pdbx_struct_assembly_prop.details 
1 'ABSA (A^2)' 1200 ? 
1 MORE         -21  ? 
1 'SSA (A^2)'  5470 ? 
# 
_pdbx_struct_assembly_gen.assembly_id       1 
_pdbx_struct_assembly_gen.oper_expression   1 
_pdbx_struct_assembly_gen.asym_id_list      A,B,C,D,E,F,G,H 
# 
_pdbx_struct_assembly_auth_evidence.id                     1 
_pdbx_struct_assembly_auth_evidence.assembly_id            1 
_pdbx_struct_assembly_auth_evidence.experimental_support   'gel filtration' 
_pdbx_struct_assembly_auth_evidence.details                ? 
# 
_pdbx_struct_oper_list.id                   1 
_pdbx_struct_oper_list.type                 'identity operation' 
_pdbx_struct_oper_list.name                 1_555 
_pdbx_struct_oper_list.symmetry_operation   x,y,z 
_pdbx_struct_oper_list.matrix[1][1]         1.0000000000 
_pdbx_struct_oper_list.matrix[1][2]         0.0000000000 
_pdbx_struct_oper_list.matrix[1][3]         0.0000000000 
_pdbx_struct_oper_list.vector[1]            0.0000000000 
_pdbx_struct_oper_list.matrix[2][1]         0.0000000000 
_pdbx_struct_oper_list.matrix[2][2]         1.0000000000 
_pdbx_struct_oper_list.matrix[2][3]         0.0000000000 
_pdbx_struct_oper_list.vector[2]            0.0000000000 
_pdbx_struct_oper_list.matrix[3][1]         0.0000000000 
_pdbx_struct_oper_list.matrix[3][2]         0.0000000000 
_pdbx_struct_oper_list.matrix[3][3]         1.0000000000 
_pdbx_struct_oper_list.vector[3]            0.0000000000 
# 
loop_
_struct_conf.conf_type_id 
_struct_conf.id 
_struct_conf.pdbx_PDB_helix_id 
_struct_conf.beg_label_comp_id 
_struct_conf.beg_label_asym_id 
_struct_conf.beg_label_seq_id 
_struct_conf.pdbx_beg_PDB_ins_code 
_struct_conf.end_label_comp_id 
_struct_conf.end_label_asym_id 
_struct_conf.end_label_seq_id 
_struct_conf.pdbx_end_PDB_ins_code 
_struct_conf.beg_auth_comp_id 
_struct_conf.beg_auth_asym_id 
_struct_conf.beg_auth_seq_id 
_struct_conf.end_auth_comp_id 
_struct_conf.end_auth_asym_id 
_struct_conf.end_auth_seq_id 
_struct_conf.pdbx_PDB_helix_class 
_struct_conf.details 
_struct_conf.pdbx_PDB_helix_length 
HELX_P HELX_P1 AA1 ASP A 56  ? GLY A 68  ? ASP A 132 GLY A 144 1 ? 13 
HELX_P HELX_P2 AA2 TYR A 101 ? CYS A 105 ? TYR A 177 CYS A 181 5 ? 5  
HELX_P HELX_P3 AA3 GLY A 116 ? ASP A 120 ? GLY A 192 ASP A 196 5 ? 5  
# 
_struct_conf_type.id          HELX_P 
_struct_conf_type.criteria    ? 
_struct_conf_type.reference   ? 
# 
loop_
_struct_conn.id 
_struct_conn.conn_type_id 
_struct_conn.pdbx_leaving_atom_flag 
_struct_conn.pdbx_PDB_id 
_struct_conn.ptnr1_label_asym_id 
_struct_conn.ptnr1_label_comp_id 
_struct_conn.ptnr1_label_seq_id 
_struct_conn.ptnr1_label_atom_id 
_struct_conn.pdbx_ptnr1_label_alt_id 
_struct_conn.pdbx_ptnr1_PDB_ins_code 
_struct_conn.pdbx_ptnr1_standard_comp_id 
_struct_conn.ptnr1_symmetry 
_struct_conn.ptnr2_label_asym_id 
_struct_conn.ptnr2_label_comp_id 
_struct_conn.ptnr2_label_seq_id 
_struct_conn.ptnr2_label_atom_id 
_struct_conn.pdbx_ptnr2_label_alt_id 
_struct_conn.pdbx_ptnr2_PDB_ins_code 
_struct_conn.ptnr1_auth_asym_id 
_struct_conn.ptnr1_auth_comp_id 
_struct_conn.ptnr1_auth_seq_id 
_struct_conn.ptnr2_auth_asym_id 
_struct_conn.ptnr2_auth_comp_id 
_struct_conn.ptnr2_auth_seq_id 
_struct_conn.ptnr2_symmetry 
_struct_conn.pdbx_ptnr3_label_atom_id 
_struct_conn.pdbx_ptnr3_label_seq_id 
_struct_conn.pdbx_ptnr3_label_comp_id 
_struct_conn.pdbx_ptnr3_label_asym_id 
_struct_conn.pdbx_ptnr3_label_alt_id 
_struct_conn.pdbx_ptnr3_PDB_ins_code 
_struct_conn.details 
_struct_conn.pdbx_dist_value 
_struct_conn.pdbx_value_order 
_struct_conn.pdbx_role 
disulf1 disulf ? ? A CYS 35 SG  ? ? ? 1_555 A CYS 69  SG ? ? A CYS 111 A CYS 145 1_555 ? ? ? ? ? ? ? 2.022 ? ? 
disulf2 disulf ? ? A CYS 51 SG  ? ? ? 1_555 A CYS 115 SG ? ? A CYS 127 A CYS 191 1_555 ? ? ? ? ? ? ? 2.026 ? ? 
disulf3 disulf ? ? A CYS 64 SG  ? ? ? 1_555 A CYS 125 SG ? ? A CYS 140 A CYS 201 1_555 ? ? ? ? ? ? ? 2.052 ? ? 
disulf4 disulf ? ? A CYS 95 SG  ? ? ? 1_555 A CYS 105 SG ? ? A CYS 171 A CYS 181 1_555 ? ? ? ? ? ? ? 2.037 ? ? 
metalc1 metalc ? ? A ASP 52 OD2 ? ? ? 1_555 B MG  .   MG ? ? A ASP 128 A MG  301 1_555 ? ? ? ? ? ? ? 2.053 ? ? 
metalc2 metalc ? ? A SER 54 O   ? ? ? 1_555 B MG  .   MG ? ? A SER 130 A MG  301 1_555 ? ? ? ? ? ? ? 2.171 ? ? 
metalc3 metalc ? ? A ASP 59 OD2 ? ? ? 1_555 B MG  .   MG ? ? A ASP 135 A MG  301 1_555 ? ? ? ? ? ? ? 2.060 ? ? 
metalc4 metalc ? ? A VAL 93 O   ? ? ? 1_555 B MG  .   MG ? ? A VAL 169 A MG  301 1_555 ? ? ? ? ? ? ? 2.097 ? ? 
metalc5 metalc ? ? B MG  .  MG  ? ? ? 1_555 H HOH .   O  ? ? A MG  301 A HOH 414 1_555 ? ? ? ? ? ? ? 2.182 ? ? 
metalc6 metalc ? ? B MG  .  MG  ? ? ? 1_555 H HOH .   O  ? ? A MG  301 A HOH 465 1_555 ? ? ? ? ? ? ? 2.043 ? ? 
# 
loop_
_struct_conn_type.id 
_struct_conn_type.criteria 
_struct_conn_type.reference 
disulf ? ? 
metalc ? ? 
# 
loop_
_pdbx_struct_conn_angle.id 
_pdbx_struct_conn_angle.ptnr1_label_atom_id 
_pdbx_struct_conn_angle.ptnr1_label_alt_id 
_pdbx_struct_conn_angle.ptnr1_label_asym_id 
_pdbx_struct_conn_angle.ptnr1_label_comp_id 
_pdbx_struct_conn_angle.ptnr1_label_seq_id 
_pdbx_struct_conn_angle.ptnr1_auth_atom_id 
_pdbx_struct_conn_angle.ptnr1_auth_asym_id 
_pdbx_struct_conn_angle.ptnr1_auth_comp_id 
_pdbx_struct_conn_angle.ptnr1_auth_seq_id 
_pdbx_struct_conn_angle.ptnr1_PDB_ins_code 
_pdbx_struct_conn_angle.ptnr1_symmetry 
_pdbx_struct_conn_angle.ptnr2_label_atom_id 
_pdbx_struct_conn_angle.ptnr2_label_alt_id 
_pdbx_struct_conn_angle.ptnr2_label_asym_id 
_pdbx_struct_conn_angle.ptnr2_label_comp_id 
_pdbx_struct_conn_angle.ptnr2_label_seq_id 
_pdbx_struct_conn_angle.ptnr2_auth_atom_id 
_pdbx_struct_conn_angle.ptnr2_auth_asym_id 
_pdbx_struct_conn_angle.ptnr2_auth_comp_id 
_pdbx_struct_conn_angle.ptnr2_auth_seq_id 
_pdbx_struct_conn_angle.ptnr2_PDB_ins_code 
_pdbx_struct_conn_angle.ptnr2_symmetry 
_pdbx_struct_conn_angle.ptnr3_label_atom_id 
_pdbx_struct_conn_angle.ptnr3_label_alt_id 
_pdbx_struct_conn_angle.ptnr3_label_asym_id 
_pdbx_struct_conn_angle.ptnr3_label_comp_id 
_pdbx_struct_conn_angle.ptnr3_label_seq_id 
_pdbx_struct_conn_angle.ptnr3_auth_atom_id 
_pdbx_struct_conn_angle.ptnr3_auth_asym_id 
_pdbx_struct_conn_angle.ptnr3_auth_comp_id 
_pdbx_struct_conn_angle.ptnr3_auth_seq_id 
_pdbx_struct_conn_angle.ptnr3_PDB_ins_code 
_pdbx_struct_conn_angle.ptnr3_symmetry 
_pdbx_struct_conn_angle.value 
_pdbx_struct_conn_angle.value_esd 
1  OD2 ? A ASP 52 ? A ASP 128 ? 1_555 MG ? B MG . ? A MG 301 ? 1_555 O   ? A SER 54 ? A SER 130 ? 1_555 84.9  ? 
2  OD2 ? A ASP 52 ? A ASP 128 ? 1_555 MG ? B MG . ? A MG 301 ? 1_555 OD2 ? A ASP 59 ? A ASP 135 ? 1_555 94.8  ? 
3  O   ? A SER 54 ? A SER 130 ? 1_555 MG ? B MG . ? A MG 301 ? 1_555 OD2 ? A ASP 59 ? A ASP 135 ? 1_555 93.6  ? 
4  OD2 ? A ASP 52 ? A ASP 128 ? 1_555 MG ? B MG . ? A MG 301 ? 1_555 O   ? A VAL 93 ? A VAL 169 ? 1_555 91.1  ? 
5  O   ? A SER 54 ? A SER 130 ? 1_555 MG ? B MG . ? A MG 301 ? 1_555 O   ? A VAL 93 ? A VAL 169 ? 1_555 171.3 ? 
6  OD2 ? A ASP 59 ? A ASP 135 ? 1_555 MG ? B MG . ? A MG 301 ? 1_555 O   ? A VAL 93 ? A VAL 169 ? 1_555 94.4  ? 
7  OD2 ? A ASP 52 ? A ASP 128 ? 1_555 MG ? B MG . ? A MG 301 ? 1_555 O   ? H HOH .  ? A HOH 414 ? 1_555 81.4  ? 
8  O   ? A SER 54 ? A SER 130 ? 1_555 MG ? B MG . ? A MG 301 ? 1_555 O   ? H HOH .  ? A HOH 414 ? 1_555 87.5  ? 
9  OD2 ? A ASP 59 ? A ASP 135 ? 1_555 MG ? B MG . ? A MG 301 ? 1_555 O   ? H HOH .  ? A HOH 414 ? 1_555 176.0 ? 
10 O   ? A VAL 93 ? A VAL 169 ? 1_555 MG ? B MG . ? A MG 301 ? 1_555 O   ? H HOH .  ? A HOH 414 ? 1_555 84.2  ? 
11 OD2 ? A ASP 52 ? A ASP 128 ? 1_555 MG ? B MG . ? A MG 301 ? 1_555 O   ? H HOH .  ? A HOH 465 ? 1_555 169.0 ? 
12 O   ? A SER 54 ? A SER 130 ? 1_555 MG ? B MG . ? A MG 301 ? 1_555 O   ? H HOH .  ? A HOH 465 ? 1_555 88.7  ? 
13 OD2 ? A ASP 59 ? A ASP 135 ? 1_555 MG ? B MG . ? A MG 301 ? 1_555 O   ? H HOH .  ? A HOH 465 ? 1_555 94.5  ? 
14 O   ? A VAL 93 ? A VAL 169 ? 1_555 MG ? B MG . ? A MG 301 ? 1_555 O   ? H HOH .  ? A HOH 465 ? 1_555 93.9  ? 
15 O   ? H HOH .  ? A HOH 414 ? 1_555 MG ? B MG . ? A MG 301 ? 1_555 O   ? H HOH .  ? A HOH 465 ? 1_555 89.4  ? 
# 
loop_
_pdbx_modification_feature.ordinal 
_pdbx_modification_feature.label_comp_id 
_pdbx_modification_feature.label_asym_id 
_pdbx_modification_feature.label_seq_id 
_pdbx_modification_feature.label_alt_id 
_pdbx_modification_feature.modified_residue_label_comp_id 
_pdbx_modification_feature.modified_residue_label_asym_id 
_pdbx_modification_feature.modified_residue_label_seq_id 
_pdbx_modification_feature.modified_residue_label_alt_id 
_pdbx_modification_feature.auth_comp_id 
_pdbx_modification_feature.auth_asym_id 
_pdbx_modification_feature.auth_seq_id 
_pdbx_modification_feature.PDB_ins_code 
_pdbx_modification_feature.symmetry 
_pdbx_modification_feature.modified_residue_auth_comp_id 
_pdbx_modification_feature.modified_residue_auth_asym_id 
_pdbx_modification_feature.modified_residue_auth_seq_id 
_pdbx_modification_feature.modified_residue_PDB_ins_code 
_pdbx_modification_feature.modified_residue_symmetry 
_pdbx_modification_feature.comp_id_linking_atom 
_pdbx_modification_feature.modified_residue_id_linking_atom 
_pdbx_modification_feature.modified_residue_id 
_pdbx_modification_feature.ref_pcm_id 
_pdbx_modification_feature.ref_comp_id 
_pdbx_modification_feature.type 
_pdbx_modification_feature.category 
1 CYS A 35 ? CYS A 69  ? CYS A 111 ? 1_555 CYS A 145 ? 1_555 SG SG . . . None 'Disulfide bridge' 
2 CYS A 51 ? CYS A 115 ? CYS A 127 ? 1_555 CYS A 191 ? 1_555 SG SG . . . None 'Disulfide bridge' 
3 CYS A 64 ? CYS A 125 ? CYS A 140 ? 1_555 CYS A 201 ? 1_555 SG SG . . . None 'Disulfide bridge' 
4 CYS A 95 ? CYS A 105 ? CYS A 171 ? 1_555 CYS A 181 ? 1_555 SG SG . . . None 'Disulfide bridge' 
# 
loop_
_struct_sheet.id 
_struct_sheet.type 
_struct_sheet.number_strands 
_struct_sheet.details 
AA1 ? 3 ? 
AA2 ? 4 ? 
# 
loop_
_struct_sheet_order.sheet_id 
_struct_sheet_order.range_id_1 
_struct_sheet_order.range_id_2 
_struct_sheet_order.offset 
_struct_sheet_order.sense 
AA1 1 2 ? anti-parallel 
AA1 2 3 ? anti-parallel 
AA2 1 2 ? anti-parallel 
AA2 2 3 ? anti-parallel 
AA2 3 4 ? anti-parallel 
# 
loop_
_struct_sheet_range.sheet_id 
_struct_sheet_range.id 
_struct_sheet_range.beg_label_comp_id 
_struct_sheet_range.beg_label_asym_id 
_struct_sheet_range.beg_label_seq_id 
_struct_sheet_range.pdbx_beg_PDB_ins_code 
_struct_sheet_range.end_label_comp_id 
_struct_sheet_range.end_label_asym_id 
_struct_sheet_range.end_label_seq_id 
_struct_sheet_range.pdbx_end_PDB_ins_code 
_struct_sheet_range.beg_auth_comp_id 
_struct_sheet_range.beg_auth_asym_id 
_struct_sheet_range.beg_auth_seq_id 
_struct_sheet_range.end_auth_comp_id 
_struct_sheet_range.end_auth_asym_id 
_struct_sheet_range.end_auth_seq_id 
AA1 1 ALA A 25  ? ASN A 30  ? ALA A 101 ASN A 106 
AA1 2 GLN A 36  ? TYR A 43  ? GLN A 112 TYR A 119 
AA1 3 SER A 46  ? THR A 49  ? SER A 122 THR A 125 
AA2 1 ALA A 25  ? ASN A 30  ? ALA A 101 ASN A 106 
AA2 2 GLN A 36  ? TYR A 43  ? GLN A 112 TYR A 119 
AA2 3 GLY A 122 ? CYS A 125 ? GLY A 198 CYS A 201 
AA2 4 ALA A 72  ? SER A 74  ? ALA A 148 SER A 150 
# 
loop_
_pdbx_struct_sheet_hbond.sheet_id 
_pdbx_struct_sheet_hbond.range_id_1 
_pdbx_struct_sheet_hbond.range_id_2 
_pdbx_struct_sheet_hbond.range_1_label_atom_id 
_pdbx_struct_sheet_hbond.range_1_label_comp_id 
_pdbx_struct_sheet_hbond.range_1_label_asym_id 
_pdbx_struct_sheet_hbond.range_1_label_seq_id 
_pdbx_struct_sheet_hbond.range_1_PDB_ins_code 
_pdbx_struct_sheet_hbond.range_1_auth_atom_id 
_pdbx_struct_sheet_hbond.range_1_auth_comp_id 
_pdbx_struct_sheet_hbond.range_1_auth_asym_id 
_pdbx_struct_sheet_hbond.range_1_auth_seq_id 
_pdbx_struct_sheet_hbond.range_2_label_atom_id 
_pdbx_struct_sheet_hbond.range_2_label_comp_id 
_pdbx_struct_sheet_hbond.range_2_label_asym_id 
_pdbx_struct_sheet_hbond.range_2_label_seq_id 
_pdbx_struct_sheet_hbond.range_2_PDB_ins_code 
_pdbx_struct_sheet_hbond.range_2_auth_atom_id 
_pdbx_struct_sheet_hbond.range_2_auth_comp_id 
_pdbx_struct_sheet_hbond.range_2_auth_asym_id 
_pdbx_struct_sheet_hbond.range_2_auth_seq_id 
AA1 1 2 N VAL A 29  ? N VAL A 105 O ARG A 38  ? O ARG A 114 
AA1 2 3 N ILE A 41  ? N ILE A 117 O GLY A 48  ? O GLY A 124 
AA2 1 2 N VAL A 29  ? N VAL A 105 O ARG A 38  ? O ARG A 114 
AA2 2 3 N GLY A 37  ? N GLY A 113 O VAL A 123 ? O VAL A 199 
AA2 3 4 O ILE A 124 ? O ILE A 200 N MET A 73  ? N MET A 149 
# 
loop_
_struct_site.id 
_struct_site.pdbx_evidence_code 
_struct_site.pdbx_auth_asym_id 
_struct_site.pdbx_auth_comp_id 
_struct_site.pdbx_auth_seq_id 
_struct_site.pdbx_auth_ins_code 
_struct_site.pdbx_num_residues 
_struct_site.details 
AC1 Software A MG  301 ? 6  'binding site for residue MG A 301'  
AC2 Software A CL  302 ? 8  'binding site for residue CL A 302'  
AC3 Software A GOL 303 ? 10 'binding site for residue GOL A 303' 
AC4 Software A GOL 304 ? 5  'binding site for residue GOL A 304' 
AC5 Software A GOL 305 ? 5  'binding site for residue GOL A 305' 
AC6 Software A GOL 306 ? 4  'binding site for residue GOL A 306' 
# 
loop_
_struct_site_gen.id 
_struct_site_gen.site_id 
_struct_site_gen.pdbx_num_res 
_struct_site_gen.label_comp_id 
_struct_site_gen.label_asym_id 
_struct_site_gen.label_seq_id 
_struct_site_gen.pdbx_auth_ins_code 
_struct_site_gen.auth_comp_id 
_struct_site_gen.auth_asym_id 
_struct_site_gen.auth_seq_id 
_struct_site_gen.label_atom_id 
_struct_site_gen.label_alt_id 
_struct_site_gen.symmetry 
_struct_site_gen.details 
1  AC1 6  ASP A 52  ? ASP A 128 . ? 1_555 ? 
2  AC1 6  SER A 54  ? SER A 130 . ? 1_555 ? 
3  AC1 6  ASP A 59  ? ASP A 135 . ? 1_555 ? 
4  AC1 6  VAL A 93  ? VAL A 169 . ? 1_555 ? 
5  AC1 6  HOH H .   ? HOH A 414 . ? 1_555 ? 
6  AC1 6  HOH H .   ? HOH A 465 . ? 1_555 ? 
7  AC2 8  PRO A 76  ? PRO A 152 . ? 1_555 ? 
8  AC2 8  GLY A 77  ? GLY A 153 . ? 1_555 ? 
9  AC2 8  ASN A 78  ? ASN A 154 . ? 1_555 ? 
10 AC2 8  ALA A 79  ? ALA A 155 . ? 1_555 ? 
11 AC2 8  TRP A 80  ? TRP A 156 . ? 1_555 ? 
12 AC2 8  ASP A 120 ? ASP A 196 . ? 1_555 ? 
13 AC2 8  ALA A 121 ? ALA A 197 . ? 1_555 ? 
14 AC2 8  GLY A 122 ? GLY A 198 . ? 1_555 ? 
15 AC3 10 ASP A 52  ? ASP A 128 . ? 1_555 ? 
16 AC3 10 ASP A 53  ? ASP A 129 . ? 1_555 ? 
17 AC3 10 TRP A 55  ? TRP A 131 . ? 1_555 ? 
18 AC3 10 GLY A 77  ? GLY A 153 . ? 1_555 ? 
19 AC3 10 ASN A 78  ? ASN A 154 . ? 1_555 ? 
20 AC3 10 GLU A 119 ? GLU A 195 . ? 1_555 ? 
21 AC3 10 ALA A 121 ? ALA A 197 . ? 1_555 ? 
22 AC3 10 HOH H .   ? HOH A 402 . ? 1_555 ? 
23 AC3 10 HOH H .   ? HOH A 403 . ? 1_555 ? 
24 AC3 10 HOH H .   ? HOH A 408 . ? 1_555 ? 
25 AC4 5  ASP A 53  ? ASP A 129 . ? 1_555 ? 
26 AC4 5  ASP A 91  ? ASP A 167 . ? 1_555 ? 
27 AC4 5  GLU A 119 ? GLU A 195 . ? 1_555 ? 
28 AC4 5  GOL F .   ? GOL A 305 . ? 1_555 ? 
29 AC4 5  HOH H .   ? HOH A 412 . ? 1_555 ? 
30 AC5 5  ASP A 53  ? ASP A 129 . ? 1_555 ? 
31 AC5 5  SER A 54  ? SER A 130 . ? 1_555 ? 
32 AC5 5  ASP A 92  ? ASP A 168 . ? 1_555 ? 
33 AC5 5  ARG A 94  ? ARG A 170 . ? 1_555 ? 
34 AC5 5  GOL E .   ? GOL A 304 . ? 1_555 ? 
35 AC6 4  GLY A 23  ? GLY A 99  . ? 1_555 ? 
36 AC6 4  LEU A 24  ? LEU A 100 . ? 1_555 ? 
37 AC6 4  ARG A 44  ? ARG A 120 . ? 1_555 ? 
38 AC6 4  HOH H .   ? HOH A 405 . ? 1_555 ? 
# 
_pdbx_entry_details.entry_id                   6SA4 
_pdbx_entry_details.has_ligand_of_interest     Y 
_pdbx_entry_details.compound_details           ? 
_pdbx_entry_details.source_details             ? 
_pdbx_entry_details.nonpolymer_details         ? 
_pdbx_entry_details.sequence_details           ? 
_pdbx_entry_details.has_protein_modification   Y 
# 
loop_
_pdbx_validate_close_contact.id 
_pdbx_validate_close_contact.PDB_model_num 
_pdbx_validate_close_contact.auth_atom_id_1 
_pdbx_validate_close_contact.auth_asym_id_1 
_pdbx_validate_close_contact.auth_comp_id_1 
_pdbx_validate_close_contact.auth_seq_id_1 
_pdbx_validate_close_contact.PDB_ins_code_1 
_pdbx_validate_close_contact.label_alt_id_1 
_pdbx_validate_close_contact.auth_atom_id_2 
_pdbx_validate_close_contact.auth_asym_id_2 
_pdbx_validate_close_contact.auth_comp_id_2 
_pdbx_validate_close_contact.auth_seq_id_2 
_pdbx_validate_close_contact.PDB_ins_code_2 
_pdbx_validate_close_contact.label_alt_id_2 
_pdbx_validate_close_contact.dist 
1 1 O   A HOH 416 ? ? O A HOH 486 ? ? 2.09 
2 1 O   A HOH 431 ? ? O A HOH 493 ? ? 2.14 
3 1 OD2 A ASP 132 ? A O A HOH 401 ? ? 2.14 
# 
loop_
_pdbx_validate_torsion.id 
_pdbx_validate_torsion.PDB_model_num 
_pdbx_validate_torsion.auth_comp_id 
_pdbx_validate_torsion.auth_asym_id 
_pdbx_validate_torsion.auth_seq_id 
_pdbx_validate_torsion.PDB_ins_code 
_pdbx_validate_torsion.label_alt_id 
_pdbx_validate_torsion.phi 
_pdbx_validate_torsion.psi 
1 1 ASP A 128 ? ? -39.46  119.47 
2 1 ASP A 167 ? ? -116.71 -90.60 
# 
loop_
_space_group_symop.id 
_space_group_symop.operation_xyz 
1 x,y,z           
2 x+1/2,-y+1/2,-z 
3 -x,y+1/2,-z+1/2 
4 -x+1/2,-y,z+1/2 
# 
loop_
_pdbx_unobs_or_zero_occ_residues.id 
_pdbx_unobs_or_zero_occ_residues.PDB_model_num 
_pdbx_unobs_or_zero_occ_residues.polymer_flag 
_pdbx_unobs_or_zero_occ_residues.occupancy_flag 
_pdbx_unobs_or_zero_occ_residues.auth_asym_id 
_pdbx_unobs_or_zero_occ_residues.auth_comp_id 
_pdbx_unobs_or_zero_occ_residues.auth_seq_id 
_pdbx_unobs_or_zero_occ_residues.PDB_ins_code 
_pdbx_unobs_or_zero_occ_residues.label_asym_id 
_pdbx_unobs_or_zero_occ_residues.label_comp_id 
_pdbx_unobs_or_zero_occ_residues.label_seq_id 
1  1 Y 1 A MET 77  ? A MET 1   
2  1 Y 1 A LYS 78  ? A LYS 2   
3  1 Y 1 A LEU 79  ? A LEU 3   
4  1 Y 1 A CYS 80  ? A CYS 4   
5  1 Y 1 A ILE 81  ? A ILE 5   
6  1 Y 1 A LEU 82  ? A LEU 6   
7  1 Y 1 A LEU 83  ? A LEU 7   
8  1 Y 1 A ALA 84  ? A ALA 8   
9  1 Y 1 A VAL 85  ? A VAL 9   
10 1 Y 1 A VAL 86  ? A VAL 10  
11 1 Y 1 A ALA 87  ? A ALA 11  
12 1 Y 1 A PHE 88  ? A PHE 12  
13 1 Y 1 A VAL 89  ? A VAL 13  
14 1 Y 1 A GLY 90  ? A GLY 14  
15 1 Y 1 A LEU 91  ? A LEU 15  
16 1 Y 1 A SER 92  ? A SER 16  
17 1 Y 1 A LEU 93  ? A LEU 17  
18 1 Y 1 A GLY 94  ? A GLY 18  
19 1 Y 1 A GLY 95  ? A GLY 19  
20 1 Y 1 A SER 96  ? A SER 20  
21 1 Y 1 A ASP 97  ? A ASP 21  
22 1 Y 1 A SER 98  ? A SER 22  
23 1 Y 1 A LEU 208 ? A LEU 132 
24 1 Y 1 A TYR 209 ? A TYR 133 
25 1 Y 1 A PHE 210 ? A PHE 134 
26 1 Y 1 A GLN 211 ? A GLN 135 
27 1 Y 1 A GLY 212 ? A GLY 136 
28 1 Y 1 A ARG 213 ? A ARG 137 
29 1 Y 1 A HIS 214 ? A HIS 138 
30 1 Y 1 A HIS 215 ? A HIS 139 
31 1 Y 1 A HIS 216 ? A HIS 140 
32 1 Y 1 A HIS 217 ? A HIS 141 
33 1 Y 1 A HIS 218 ? A HIS 142 
34 1 Y 1 A HIS 219 ? A HIS 143 
# 
loop_
_chem_comp_atom.comp_id 
_chem_comp_atom.atom_id 
_chem_comp_atom.type_symbol 
_chem_comp_atom.pdbx_aromatic_flag 
_chem_comp_atom.pdbx_stereo_config 
_chem_comp_atom.pdbx_ordinal 
ALA N    N  N N 1   
ALA CA   C  N S 2   
ALA C    C  N N 3   
ALA O    O  N N 4   
ALA CB   C  N N 5   
ALA OXT  O  N N 6   
ALA H    H  N N 7   
ALA H2   H  N N 8   
ALA HA   H  N N 9   
ALA HB1  H  N N 10  
ALA HB2  H  N N 11  
ALA HB3  H  N N 12  
ALA HXT  H  N N 13  
ARG N    N  N N 14  
ARG CA   C  N S 15  
ARG C    C  N N 16  
ARG O    O  N N 17  
ARG CB   C  N N 18  
ARG CG   C  N N 19  
ARG CD   C  N N 20  
ARG NE   N  N N 21  
ARG CZ   C  N N 22  
ARG NH1  N  N N 23  
ARG NH2  N  N N 24  
ARG OXT  O  N N 25  
ARG H    H  N N 26  
ARG H2   H  N N 27  
ARG HA   H  N N 28  
ARG HB2  H  N N 29  
ARG HB3  H  N N 30  
ARG HG2  H  N N 31  
ARG HG3  H  N N 32  
ARG HD2  H  N N 33  
ARG HD3  H  N N 34  
ARG HE   H  N N 35  
ARG HH11 H  N N 36  
ARG HH12 H  N N 37  
ARG HH21 H  N N 38  
ARG HH22 H  N N 39  
ARG HXT  H  N N 40  
ASN N    N  N N 41  
ASN CA   C  N S 42  
ASN C    C  N N 43  
ASN O    O  N N 44  
ASN CB   C  N N 45  
ASN CG   C  N N 46  
ASN OD1  O  N N 47  
ASN ND2  N  N N 48  
ASN OXT  O  N N 49  
ASN H    H  N N 50  
ASN H2   H  N N 51  
ASN HA   H  N N 52  
ASN HB2  H  N N 53  
ASN HB3  H  N N 54  
ASN HD21 H  N N 55  
ASN HD22 H  N N 56  
ASN HXT  H  N N 57  
ASP N    N  N N 58  
ASP CA   C  N S 59  
ASP C    C  N N 60  
ASP O    O  N N 61  
ASP CB   C  N N 62  
ASP CG   C  N N 63  
ASP OD1  O  N N 64  
ASP OD2  O  N N 65  
ASP OXT  O  N N 66  
ASP H    H  N N 67  
ASP H2   H  N N 68  
ASP HA   H  N N 69  
ASP HB2  H  N N 70  
ASP HB3  H  N N 71  
ASP HD2  H  N N 72  
ASP HXT  H  N N 73  
CL  CL   CL N N 74  
CYS N    N  N N 75  
CYS CA   C  N R 76  
CYS C    C  N N 77  
CYS O    O  N N 78  
CYS CB   C  N N 79  
CYS SG   S  N N 80  
CYS OXT  O  N N 81  
CYS H    H  N N 82  
CYS H2   H  N N 83  
CYS HA   H  N N 84  
CYS HB2  H  N N 85  
CYS HB3  H  N N 86  
CYS HG   H  N N 87  
CYS HXT  H  N N 88  
GLN N    N  N N 89  
GLN CA   C  N S 90  
GLN C    C  N N 91  
GLN O    O  N N 92  
GLN CB   C  N N 93  
GLN CG   C  N N 94  
GLN CD   C  N N 95  
GLN OE1  O  N N 96  
GLN NE2  N  N N 97  
GLN OXT  O  N N 98  
GLN H    H  N N 99  
GLN H2   H  N N 100 
GLN HA   H  N N 101 
GLN HB2  H  N N 102 
GLN HB3  H  N N 103 
GLN HG2  H  N N 104 
GLN HG3  H  N N 105 
GLN HE21 H  N N 106 
GLN HE22 H  N N 107 
GLN HXT  H  N N 108 
GLU N    N  N N 109 
GLU CA   C  N S 110 
GLU C    C  N N 111 
GLU O    O  N N 112 
GLU CB   C  N N 113 
GLU CG   C  N N 114 
GLU CD   C  N N 115 
GLU OE1  O  N N 116 
GLU OE2  O  N N 117 
GLU OXT  O  N N 118 
GLU H    H  N N 119 
GLU H2   H  N N 120 
GLU HA   H  N N 121 
GLU HB2  H  N N 122 
GLU HB3  H  N N 123 
GLU HG2  H  N N 124 
GLU HG3  H  N N 125 
GLU HE2  H  N N 126 
GLU HXT  H  N N 127 
GLY N    N  N N 128 
GLY CA   C  N N 129 
GLY C    C  N N 130 
GLY O    O  N N 131 
GLY OXT  O  N N 132 
GLY H    H  N N 133 
GLY H2   H  N N 134 
GLY HA2  H  N N 135 
GLY HA3  H  N N 136 
GLY HXT  H  N N 137 
GOL C1   C  N N 138 
GOL O1   O  N N 139 
GOL C2   C  N N 140 
GOL O2   O  N N 141 
GOL C3   C  N N 142 
GOL O3   O  N N 143 
GOL H11  H  N N 144 
GOL H12  H  N N 145 
GOL HO1  H  N N 146 
GOL H2   H  N N 147 
GOL HO2  H  N N 148 
GOL H31  H  N N 149 
GOL H32  H  N N 150 
GOL HO3  H  N N 151 
HIS N    N  N N 152 
HIS CA   C  N S 153 
HIS C    C  N N 154 
HIS O    O  N N 155 
HIS CB   C  N N 156 
HIS CG   C  Y N 157 
HIS ND1  N  Y N 158 
HIS CD2  C  Y N 159 
HIS CE1  C  Y N 160 
HIS NE2  N  Y N 161 
HIS OXT  O  N N 162 
HIS H    H  N N 163 
HIS H2   H  N N 164 
HIS HA   H  N N 165 
HIS HB2  H  N N 166 
HIS HB3  H  N N 167 
HIS HD1  H  N N 168 
HIS HD2  H  N N 169 
HIS HE1  H  N N 170 
HIS HE2  H  N N 171 
HIS HXT  H  N N 172 
HOH O    O  N N 173 
HOH H1   H  N N 174 
HOH H2   H  N N 175 
ILE N    N  N N 176 
ILE CA   C  N S 177 
ILE C    C  N N 178 
ILE O    O  N N 179 
ILE CB   C  N S 180 
ILE CG1  C  N N 181 
ILE CG2  C  N N 182 
ILE CD1  C  N N 183 
ILE OXT  O  N N 184 
ILE H    H  N N 185 
ILE H2   H  N N 186 
ILE HA   H  N N 187 
ILE HB   H  N N 188 
ILE HG12 H  N N 189 
ILE HG13 H  N N 190 
ILE HG21 H  N N 191 
ILE HG22 H  N N 192 
ILE HG23 H  N N 193 
ILE HD11 H  N N 194 
ILE HD12 H  N N 195 
ILE HD13 H  N N 196 
ILE HXT  H  N N 197 
LEU N    N  N N 198 
LEU CA   C  N S 199 
LEU C    C  N N 200 
LEU O    O  N N 201 
LEU CB   C  N N 202 
LEU CG   C  N N 203 
LEU CD1  C  N N 204 
LEU CD2  C  N N 205 
LEU OXT  O  N N 206 
LEU H    H  N N 207 
LEU H2   H  N N 208 
LEU HA   H  N N 209 
LEU HB2  H  N N 210 
LEU HB3  H  N N 211 
LEU HG   H  N N 212 
LEU HD11 H  N N 213 
LEU HD12 H  N N 214 
LEU HD13 H  N N 215 
LEU HD21 H  N N 216 
LEU HD22 H  N N 217 
LEU HD23 H  N N 218 
LEU HXT  H  N N 219 
LYS N    N  N N 220 
LYS CA   C  N S 221 
LYS C    C  N N 222 
LYS O    O  N N 223 
LYS CB   C  N N 224 
LYS CG   C  N N 225 
LYS CD   C  N N 226 
LYS CE   C  N N 227 
LYS NZ   N  N N 228 
LYS OXT  O  N N 229 
LYS H    H  N N 230 
LYS H2   H  N N 231 
LYS HA   H  N N 232 
LYS HB2  H  N N 233 
LYS HB3  H  N N 234 
LYS HG2  H  N N 235 
LYS HG3  H  N N 236 
LYS HD2  H  N N 237 
LYS HD3  H  N N 238 
LYS HE2  H  N N 239 
LYS HE3  H  N N 240 
LYS HZ1  H  N N 241 
LYS HZ2  H  N N 242 
LYS HZ3  H  N N 243 
LYS HXT  H  N N 244 
MET N    N  N N 245 
MET CA   C  N S 246 
MET C    C  N N 247 
MET O    O  N N 248 
MET CB   C  N N 249 
MET CG   C  N N 250 
MET SD   S  N N 251 
MET CE   C  N N 252 
MET OXT  O  N N 253 
MET H    H  N N 254 
MET H2   H  N N 255 
MET HA   H  N N 256 
MET HB2  H  N N 257 
MET HB3  H  N N 258 
MET HG2  H  N N 259 
MET HG3  H  N N 260 
MET HE1  H  N N 261 
MET HE2  H  N N 262 
MET HE3  H  N N 263 
MET HXT  H  N N 264 
MG  MG   MG N N 265 
PHE N    N  N N 266 
PHE CA   C  N S 267 
PHE C    C  N N 268 
PHE O    O  N N 269 
PHE CB   C  N N 270 
PHE CG   C  Y N 271 
PHE CD1  C  Y N 272 
PHE CD2  C  Y N 273 
PHE CE1  C  Y N 274 
PHE CE2  C  Y N 275 
PHE CZ   C  Y N 276 
PHE OXT  O  N N 277 
PHE H    H  N N 278 
PHE H2   H  N N 279 
PHE HA   H  N N 280 
PHE HB2  H  N N 281 
PHE HB3  H  N N 282 
PHE HD1  H  N N 283 
PHE HD2  H  N N 284 
PHE HE1  H  N N 285 
PHE HE2  H  N N 286 
PHE HZ   H  N N 287 
PHE HXT  H  N N 288 
PRO N    N  N N 289 
PRO CA   C  N S 290 
PRO C    C  N N 291 
PRO O    O  N N 292 
PRO CB   C  N N 293 
PRO CG   C  N N 294 
PRO CD   C  N N 295 
PRO OXT  O  N N 296 
PRO H    H  N N 297 
PRO HA   H  N N 298 
PRO HB2  H  N N 299 
PRO HB3  H  N N 300 
PRO HG2  H  N N 301 
PRO HG3  H  N N 302 
PRO HD2  H  N N 303 
PRO HD3  H  N N 304 
PRO HXT  H  N N 305 
SER N    N  N N 306 
SER CA   C  N S 307 
SER C    C  N N 308 
SER O    O  N N 309 
SER CB   C  N N 310 
SER OG   O  N N 311 
SER OXT  O  N N 312 
SER H    H  N N 313 
SER H2   H  N N 314 
SER HA   H  N N 315 
SER HB2  H  N N 316 
SER HB3  H  N N 317 
SER HG   H  N N 318 
SER HXT  H  N N 319 
THR N    N  N N 320 
THR CA   C  N S 321 
THR C    C  N N 322 
THR O    O  N N 323 
THR CB   C  N R 324 
THR OG1  O  N N 325 
THR CG2  C  N N 326 
THR OXT  O  N N 327 
THR H    H  N N 328 
THR H2   H  N N 329 
THR HA   H  N N 330 
THR HB   H  N N 331 
THR HG1  H  N N 332 
THR HG21 H  N N 333 
THR HG22 H  N N 334 
THR HG23 H  N N 335 
THR HXT  H  N N 336 
TRP N    N  N N 337 
TRP CA   C  N S 338 
TRP C    C  N N 339 
TRP O    O  N N 340 
TRP CB   C  N N 341 
TRP CG   C  Y N 342 
TRP CD1  C  Y N 343 
TRP CD2  C  Y N 344 
TRP NE1  N  Y N 345 
TRP CE2  C  Y N 346 
TRP CE3  C  Y N 347 
TRP CZ2  C  Y N 348 
TRP CZ3  C  Y N 349 
TRP CH2  C  Y N 350 
TRP OXT  O  N N 351 
TRP H    H  N N 352 
TRP H2   H  N N 353 
TRP HA   H  N N 354 
TRP HB2  H  N N 355 
TRP HB3  H  N N 356 
TRP HD1  H  N N 357 
TRP HE1  H  N N 358 
TRP HE3  H  N N 359 
TRP HZ2  H  N N 360 
TRP HZ3  H  N N 361 
TRP HH2  H  N N 362 
TRP HXT  H  N N 363 
TYR N    N  N N 364 
TYR CA   C  N S 365 
TYR C    C  N N 366 
TYR O    O  N N 367 
TYR CB   C  N N 368 
TYR CG   C  Y N 369 
TYR CD1  C  Y N 370 
TYR CD2  C  Y N 371 
TYR CE1  C  Y N 372 
TYR CE2  C  Y N 373 
TYR CZ   C  Y N 374 
TYR OH   O  N N 375 
TYR OXT  O  N N 376 
TYR H    H  N N 377 
TYR H2   H  N N 378 
TYR HA   H  N N 379 
TYR HB2  H  N N 380 
TYR HB3  H  N N 381 
TYR HD1  H  N N 382 
TYR HD2  H  N N 383 
TYR HE1  H  N N 384 
TYR HE2  H  N N 385 
TYR HH   H  N N 386 
TYR HXT  H  N N 387 
VAL N    N  N N 388 
VAL CA   C  N S 389 
VAL C    C  N N 390 
VAL O    O  N N 391 
VAL CB   C  N N 392 
VAL CG1  C  N N 393 
VAL CG2  C  N N 394 
VAL OXT  O  N N 395 
VAL H    H  N N 396 
VAL H2   H  N N 397 
VAL HA   H  N N 398 
VAL HB   H  N N 399 
VAL HG11 H  N N 400 
VAL HG12 H  N N 401 
VAL HG13 H  N N 402 
VAL HG21 H  N N 403 
VAL HG22 H  N N 404 
VAL HG23 H  N N 405 
VAL HXT  H  N N 406 
# 
loop_
_chem_comp_bond.comp_id 
_chem_comp_bond.atom_id_1 
_chem_comp_bond.atom_id_2 
_chem_comp_bond.value_order 
_chem_comp_bond.pdbx_aromatic_flag 
_chem_comp_bond.pdbx_stereo_config 
_chem_comp_bond.pdbx_ordinal 
ALA N   CA   sing N N 1   
ALA N   H    sing N N 2   
ALA N   H2   sing N N 3   
ALA CA  C    sing N N 4   
ALA CA  CB   sing N N 5   
ALA CA  HA   sing N N 6   
ALA C   O    doub N N 7   
ALA C   OXT  sing N N 8   
ALA CB  HB1  sing N N 9   
ALA CB  HB2  sing N N 10  
ALA CB  HB3  sing N N 11  
ALA OXT HXT  sing N N 12  
ARG N   CA   sing N N 13  
ARG N   H    sing N N 14  
ARG N   H2   sing N N 15  
ARG CA  C    sing N N 16  
ARG CA  CB   sing N N 17  
ARG CA  HA   sing N N 18  
ARG C   O    doub N N 19  
ARG C   OXT  sing N N 20  
ARG CB  CG   sing N N 21  
ARG CB  HB2  sing N N 22  
ARG CB  HB3  sing N N 23  
ARG CG  CD   sing N N 24  
ARG CG  HG2  sing N N 25  
ARG CG  HG3  sing N N 26  
ARG CD  NE   sing N N 27  
ARG CD  HD2  sing N N 28  
ARG CD  HD3  sing N N 29  
ARG NE  CZ   sing N N 30  
ARG NE  HE   sing N N 31  
ARG CZ  NH1  sing N N 32  
ARG CZ  NH2  doub N N 33  
ARG NH1 HH11 sing N N 34  
ARG NH1 HH12 sing N N 35  
ARG NH2 HH21 sing N N 36  
ARG NH2 HH22 sing N N 37  
ARG OXT HXT  sing N N 38  
ASN N   CA   sing N N 39  
ASN N   H    sing N N 40  
ASN N   H2   sing N N 41  
ASN CA  C    sing N N 42  
ASN CA  CB   sing N N 43  
ASN CA  HA   sing N N 44  
ASN C   O    doub N N 45  
ASN C   OXT  sing N N 46  
ASN CB  CG   sing N N 47  
ASN CB  HB2  sing N N 48  
ASN CB  HB3  sing N N 49  
ASN CG  OD1  doub N N 50  
ASN CG  ND2  sing N N 51  
ASN ND2 HD21 sing N N 52  
ASN ND2 HD22 sing N N 53  
ASN OXT HXT  sing N N 54  
ASP N   CA   sing N N 55  
ASP N   H    sing N N 56  
ASP N   H2   sing N N 57  
ASP CA  C    sing N N 58  
ASP CA  CB   sing N N 59  
ASP CA  HA   sing N N 60  
ASP C   O    doub N N 61  
ASP C   OXT  sing N N 62  
ASP CB  CG   sing N N 63  
ASP CB  HB2  sing N N 64  
ASP CB  HB3  sing N N 65  
ASP CG  OD1  doub N N 66  
ASP CG  OD2  sing N N 67  
ASP OD2 HD2  sing N N 68  
ASP OXT HXT  sing N N 69  
CYS N   CA   sing N N 70  
CYS N   H    sing N N 71  
CYS N   H2   sing N N 72  
CYS CA  C    sing N N 73  
CYS CA  CB   sing N N 74  
CYS CA  HA   sing N N 75  
CYS C   O    doub N N 76  
CYS C   OXT  sing N N 77  
CYS CB  SG   sing N N 78  
CYS CB  HB2  sing N N 79  
CYS CB  HB3  sing N N 80  
CYS SG  HG   sing N N 81  
CYS OXT HXT  sing N N 82  
GLN N   CA   sing N N 83  
GLN N   H    sing N N 84  
GLN N   H2   sing N N 85  
GLN CA  C    sing N N 86  
GLN CA  CB   sing N N 87  
GLN CA  HA   sing N N 88  
GLN C   O    doub N N 89  
GLN C   OXT  sing N N 90  
GLN CB  CG   sing N N 91  
GLN CB  HB2  sing N N 92  
GLN CB  HB3  sing N N 93  
GLN CG  CD   sing N N 94  
GLN CG  HG2  sing N N 95  
GLN CG  HG3  sing N N 96  
GLN CD  OE1  doub N N 97  
GLN CD  NE2  sing N N 98  
GLN NE2 HE21 sing N N 99  
GLN NE2 HE22 sing N N 100 
GLN OXT HXT  sing N N 101 
GLU N   CA   sing N N 102 
GLU N   H    sing N N 103 
GLU N   H2   sing N N 104 
GLU CA  C    sing N N 105 
GLU CA  CB   sing N N 106 
GLU CA  HA   sing N N 107 
GLU C   O    doub N N 108 
GLU C   OXT  sing N N 109 
GLU CB  CG   sing N N 110 
GLU CB  HB2  sing N N 111 
GLU CB  HB3  sing N N 112 
GLU CG  CD   sing N N 113 
GLU CG  HG2  sing N N 114 
GLU CG  HG3  sing N N 115 
GLU CD  OE1  doub N N 116 
GLU CD  OE2  sing N N 117 
GLU OE2 HE2  sing N N 118 
GLU OXT HXT  sing N N 119 
GLY N   CA   sing N N 120 
GLY N   H    sing N N 121 
GLY N   H2   sing N N 122 
GLY CA  C    sing N N 123 
GLY CA  HA2  sing N N 124 
GLY CA  HA3  sing N N 125 
GLY C   O    doub N N 126 
GLY C   OXT  sing N N 127 
GLY OXT HXT  sing N N 128 
GOL C1  O1   sing N N 129 
GOL C1  C2   sing N N 130 
GOL C1  H11  sing N N 131 
GOL C1  H12  sing N N 132 
GOL O1  HO1  sing N N 133 
GOL C2  O2   sing N N 134 
GOL C2  C3   sing N N 135 
GOL C2  H2   sing N N 136 
GOL O2  HO2  sing N N 137 
GOL C3  O3   sing N N 138 
GOL C3  H31  sing N N 139 
GOL C3  H32  sing N N 140 
GOL O3  HO3  sing N N 141 
HIS N   CA   sing N N 142 
HIS N   H    sing N N 143 
HIS N   H2   sing N N 144 
HIS CA  C    sing N N 145 
HIS CA  CB   sing N N 146 
HIS CA  HA   sing N N 147 
HIS C   O    doub N N 148 
HIS C   OXT  sing N N 149 
HIS CB  CG   sing N N 150 
HIS CB  HB2  sing N N 151 
HIS CB  HB3  sing N N 152 
HIS CG  ND1  sing Y N 153 
HIS CG  CD2  doub Y N 154 
HIS ND1 CE1  doub Y N 155 
HIS ND1 HD1  sing N N 156 
HIS CD2 NE2  sing Y N 157 
HIS CD2 HD2  sing N N 158 
HIS CE1 NE2  sing Y N 159 
HIS CE1 HE1  sing N N 160 
HIS NE2 HE2  sing N N 161 
HIS OXT HXT  sing N N 162 
HOH O   H1   sing N N 163 
HOH O   H2   sing N N 164 
ILE N   CA   sing N N 165 
ILE N   H    sing N N 166 
ILE N   H2   sing N N 167 
ILE CA  C    sing N N 168 
ILE CA  CB   sing N N 169 
ILE CA  HA   sing N N 170 
ILE C   O    doub N N 171 
ILE C   OXT  sing N N 172 
ILE CB  CG1  sing N N 173 
ILE CB  CG2  sing N N 174 
ILE CB  HB   sing N N 175 
ILE CG1 CD1  sing N N 176 
ILE CG1 HG12 sing N N 177 
ILE CG1 HG13 sing N N 178 
ILE CG2 HG21 sing N N 179 
ILE CG2 HG22 sing N N 180 
ILE CG2 HG23 sing N N 181 
ILE CD1 HD11 sing N N 182 
ILE CD1 HD12 sing N N 183 
ILE CD1 HD13 sing N N 184 
ILE OXT HXT  sing N N 185 
LEU N   CA   sing N N 186 
LEU N   H    sing N N 187 
LEU N   H2   sing N N 188 
LEU CA  C    sing N N 189 
LEU CA  CB   sing N N 190 
LEU CA  HA   sing N N 191 
LEU C   O    doub N N 192 
LEU C   OXT  sing N N 193 
LEU CB  CG   sing N N 194 
LEU CB  HB2  sing N N 195 
LEU CB  HB3  sing N N 196 
LEU CG  CD1  sing N N 197 
LEU CG  CD2  sing N N 198 
LEU CG  HG   sing N N 199 
LEU CD1 HD11 sing N N 200 
LEU CD1 HD12 sing N N 201 
LEU CD1 HD13 sing N N 202 
LEU CD2 HD21 sing N N 203 
LEU CD2 HD22 sing N N 204 
LEU CD2 HD23 sing N N 205 
LEU OXT HXT  sing N N 206 
LYS N   CA   sing N N 207 
LYS N   H    sing N N 208 
LYS N   H2   sing N N 209 
LYS CA  C    sing N N 210 
LYS CA  CB   sing N N 211 
LYS CA  HA   sing N N 212 
LYS C   O    doub N N 213 
LYS C   OXT  sing N N 214 
LYS CB  CG   sing N N 215 
LYS CB  HB2  sing N N 216 
LYS CB  HB3  sing N N 217 
LYS CG  CD   sing N N 218 
LYS CG  HG2  sing N N 219 
LYS CG  HG3  sing N N 220 
LYS CD  CE   sing N N 221 
LYS CD  HD2  sing N N 222 
LYS CD  HD3  sing N N 223 
LYS CE  NZ   sing N N 224 
LYS CE  HE2  sing N N 225 
LYS CE  HE3  sing N N 226 
LYS NZ  HZ1  sing N N 227 
LYS NZ  HZ2  sing N N 228 
LYS NZ  HZ3  sing N N 229 
LYS OXT HXT  sing N N 230 
MET N   CA   sing N N 231 
MET N   H    sing N N 232 
MET N   H2   sing N N 233 
MET CA  C    sing N N 234 
MET CA  CB   sing N N 235 
MET CA  HA   sing N N 236 
MET C   O    doub N N 237 
MET C   OXT  sing N N 238 
MET CB  CG   sing N N 239 
MET CB  HB2  sing N N 240 
MET CB  HB3  sing N N 241 
MET CG  SD   sing N N 242 
MET CG  HG2  sing N N 243 
MET CG  HG3  sing N N 244 
MET SD  CE   sing N N 245 
MET CE  HE1  sing N N 246 
MET CE  HE2  sing N N 247 
MET CE  HE3  sing N N 248 
MET OXT HXT  sing N N 249 
PHE N   CA   sing N N 250 
PHE N   H    sing N N 251 
PHE N   H2   sing N N 252 
PHE CA  C    sing N N 253 
PHE CA  CB   sing N N 254 
PHE CA  HA   sing N N 255 
PHE C   O    doub N N 256 
PHE C   OXT  sing N N 257 
PHE CB  CG   sing N N 258 
PHE CB  HB2  sing N N 259 
PHE CB  HB3  sing N N 260 
PHE CG  CD1  doub Y N 261 
PHE CG  CD2  sing Y N 262 
PHE CD1 CE1  sing Y N 263 
PHE CD1 HD1  sing N N 264 
PHE CD2 CE2  doub Y N 265 
PHE CD2 HD2  sing N N 266 
PHE CE1 CZ   doub Y N 267 
PHE CE1 HE1  sing N N 268 
PHE CE2 CZ   sing Y N 269 
PHE CE2 HE2  sing N N 270 
PHE CZ  HZ   sing N N 271 
PHE OXT HXT  sing N N 272 
PRO N   CA   sing N N 273 
PRO N   CD   sing N N 274 
PRO N   H    sing N N 275 
PRO CA  C    sing N N 276 
PRO CA  CB   sing N N 277 
PRO CA  HA   sing N N 278 
PRO C   O    doub N N 279 
PRO C   OXT  sing N N 280 
PRO CB  CG   sing N N 281 
PRO CB  HB2  sing N N 282 
PRO CB  HB3  sing N N 283 
PRO CG  CD   sing N N 284 
PRO CG  HG2  sing N N 285 
PRO CG  HG3  sing N N 286 
PRO CD  HD2  sing N N 287 
PRO CD  HD3  sing N N 288 
PRO OXT HXT  sing N N 289 
SER N   CA   sing N N 290 
SER N   H    sing N N 291 
SER N   H2   sing N N 292 
SER CA  C    sing N N 293 
SER CA  CB   sing N N 294 
SER CA  HA   sing N N 295 
SER C   O    doub N N 296 
SER C   OXT  sing N N 297 
SER CB  OG   sing N N 298 
SER CB  HB2  sing N N 299 
SER CB  HB3  sing N N 300 
SER OG  HG   sing N N 301 
SER OXT HXT  sing N N 302 
THR N   CA   sing N N 303 
THR N   H    sing N N 304 
THR N   H2   sing N N 305 
THR CA  C    sing N N 306 
THR CA  CB   sing N N 307 
THR CA  HA   sing N N 308 
THR C   O    doub N N 309 
THR C   OXT  sing N N 310 
THR CB  OG1  sing N N 311 
THR CB  CG2  sing N N 312 
THR CB  HB   sing N N 313 
THR OG1 HG1  sing N N 314 
THR CG2 HG21 sing N N 315 
THR CG2 HG22 sing N N 316 
THR CG2 HG23 sing N N 317 
THR OXT HXT  sing N N 318 
TRP N   CA   sing N N 319 
TRP N   H    sing N N 320 
TRP N   H2   sing N N 321 
TRP CA  C    sing N N 322 
TRP CA  CB   sing N N 323 
TRP CA  HA   sing N N 324 
TRP C   O    doub N N 325 
TRP C   OXT  sing N N 326 
TRP CB  CG   sing N N 327 
TRP CB  HB2  sing N N 328 
TRP CB  HB3  sing N N 329 
TRP CG  CD1  doub Y N 330 
TRP CG  CD2  sing Y N 331 
TRP CD1 NE1  sing Y N 332 
TRP CD1 HD1  sing N N 333 
TRP CD2 CE2  doub Y N 334 
TRP CD2 CE3  sing Y N 335 
TRP NE1 CE2  sing Y N 336 
TRP NE1 HE1  sing N N 337 
TRP CE2 CZ2  sing Y N 338 
TRP CE3 CZ3  doub Y N 339 
TRP CE3 HE3  sing N N 340 
TRP CZ2 CH2  doub Y N 341 
TRP CZ2 HZ2  sing N N 342 
TRP CZ3 CH2  sing Y N 343 
TRP CZ3 HZ3  sing N N 344 
TRP CH2 HH2  sing N N 345 
TRP OXT HXT  sing N N 346 
TYR N   CA   sing N N 347 
TYR N   H    sing N N 348 
TYR N   H2   sing N N 349 
TYR CA  C    sing N N 350 
TYR CA  CB   sing N N 351 
TYR CA  HA   sing N N 352 
TYR C   O    doub N N 353 
TYR C   OXT  sing N N 354 
TYR CB  CG   sing N N 355 
TYR CB  HB2  sing N N 356 
TYR CB  HB3  sing N N 357 
TYR CG  CD1  doub Y N 358 
TYR CG  CD2  sing Y N 359 
TYR CD1 CE1  sing Y N 360 
TYR CD1 HD1  sing N N 361 
TYR CD2 CE2  doub Y N 362 
TYR CD2 HD2  sing N N 363 
TYR CE1 CZ   doub Y N 364 
TYR CE1 HE1  sing N N 365 
TYR CE2 CZ   sing Y N 366 
TYR CE2 HE2  sing N N 367 
TYR CZ  OH   sing N N 368 
TYR OH  HH   sing N N 369 
TYR OXT HXT  sing N N 370 
VAL N   CA   sing N N 371 
VAL N   H    sing N N 372 
VAL N   H2   sing N N 373 
VAL CA  C    sing N N 374 
VAL CA  CB   sing N N 375 
VAL CA  HA   sing N N 376 
VAL C   O    doub N N 377 
VAL C   OXT  sing N N 378 
VAL CB  CG1  sing N N 379 
VAL CB  CG2  sing N N 380 
VAL CB  HB   sing N N 381 
VAL CG1 HG11 sing N N 382 
VAL CG1 HG12 sing N N 383 
VAL CG1 HG13 sing N N 384 
VAL CG2 HG21 sing N N 385 
VAL CG2 HG22 sing N N 386 
VAL CG2 HG23 sing N N 387 
VAL OXT HXT  sing N N 388 
# 
loop_
_pdbx_audit_support.funding_organization 
_pdbx_audit_support.country 
_pdbx_audit_support.grant_number 
_pdbx_audit_support.ordinal 
'Finnish Cultural Foundation' Finland          ?      1 
'Wellcome Trust'              'United Kingdom' 100298 2 
# 
_pdbx_initial_refinement_model.id               1 
_pdbx_initial_refinement_model.entity_id_list   ? 
_pdbx_initial_refinement_model.type             'experimental model' 
_pdbx_initial_refinement_model.source_name      PDB 
_pdbx_initial_refinement_model.accession_code   5A2E 
_pdbx_initial_refinement_model.details          ? 
# 
_space_group.name_H-M_alt     'P 21 21 21' 
_space_group.name_Hall        'P 2ac 2ab' 
_space_group.IT_number        19 
_space_group.crystal_system   orthorhombic 
_space_group.id               1 
# 
_atom_sites.entry_id                    6SA4 
_atom_sites.Cartn_transf_matrix[1][1]   ? 
_atom_sites.Cartn_transf_matrix[1][2]   ? 
_atom_sites.Cartn_transf_matrix[1][3]   ? 
_atom_sites.Cartn_transf_matrix[2][1]   ? 
_atom_sites.Cartn_transf_matrix[2][2]   ? 
_atom_sites.Cartn_transf_matrix[2][3]   ? 
_atom_sites.Cartn_transf_matrix[3][1]   ? 
_atom_sites.Cartn_transf_matrix[3][2]   ? 
_atom_sites.Cartn_transf_matrix[3][3]   ? 
_atom_sites.Cartn_transf_vector[1]      ? 
_atom_sites.Cartn_transf_vector[2]      ? 
_atom_sites.Cartn_transf_vector[3]      ? 
_atom_sites.fract_transf_matrix[1][1]   -0.01362954 
_atom_sites.fract_transf_matrix[1][2]   -0.01132913 
_atom_sites.fract_transf_matrix[1][3]   0.02062787 
_atom_sites.fract_transf_matrix[2][1]   -0.01890984 
_atom_sites.fract_transf_matrix[2][2]   0.00833053 
_atom_sites.fract_transf_matrix[2][3]   -0.00791914 
_atom_sites.fract_transf_matrix[3][1]   -0.00196707 
_atom_sites.fract_transf_matrix[3][2]   -0.01192836 
_atom_sites.fract_transf_matrix[3][3]   -0.00785094 
_atom_sites.fract_transf_vector[1]      0.409983 
_atom_sites.fract_transf_vector[2]      -0.141904 
_atom_sites.fract_transf_vector[3]      -0.161528 
_atom_sites.solution_primary            ? 
_atom_sites.solution_secondary          ? 
_atom_sites.solution_hydrogens          ? 
_atom_sites.special_details             ? 
# 
loop_
_atom_type.symbol 
_atom_type.scat_dispersion_real 
_atom_type.scat_dispersion_imag 
_atom_type.scat_Cromer_Mann_a1 
_atom_type.scat_Cromer_Mann_a2 
_atom_type.scat_Cromer_Mann_a3 
_atom_type.scat_Cromer_Mann_a4 
_atom_type.scat_Cromer_Mann_b1 
_atom_type.scat_Cromer_Mann_b2 
_atom_type.scat_Cromer_Mann_b3 
_atom_type.scat_Cromer_Mann_b4 
_atom_type.scat_Cromer_Mann_c 
_atom_type.scat_source 
_atom_type.scat_dispersion_source 
C  ? ? 3.54356 2.42580 ? ? 25.62398 1.50364  ? ? 0.0 
;2-Gaussian fit: Grosse-Kunstleve RW, Sauter NK, Adams PD: Newsletter of the IUCr Commission on Crystallographic Computing 2004, 3, 22-31.
;
? 
CL ? ? 9.50761 7.44341 ? ? 1.04373  23.83732 ? ? 0.0 
;2-Gaussian fit: Grosse-Kunstleve RW, Sauter NK, Adams PD: Newsletter of the IUCr Commission on Crystallographic Computing 2004, 3, 22-31.
;
? 
MG ? ? 9.41153 2.53737 ? ? 2.59044  63.03566 ? ? 0.0 
;2-Gaussian fit: Grosse-Kunstleve RW, Sauter NK, Adams PD: Newsletter of the IUCr Commission on Crystallographic Computing 2004, 3, 22-31.
;
? 
N  ? ? 4.01032 2.96436 ? ? 19.97189 1.75589  ? ? 0.0 
;2-Gaussian fit: Grosse-Kunstleve RW, Sauter NK, Adams PD: Newsletter of the IUCr Commission on Crystallographic Computing 2004, 3, 22-31.
;
? 
O  ? ? 4.49882 3.47563 ? ? 15.80542 1.70748  ? ? 0.0 
;2-Gaussian fit: Grosse-Kunstleve RW, Sauter NK, Adams PD: Newsletter of the IUCr Commission on Crystallographic Computing 2004, 3, 22-31.
;
? 
S  ? ? 9.55732 6.39887 ? ? 1.23737  29.19336 ? ? 0.0 
;2-Gaussian fit: Grosse-Kunstleve RW, Sauter NK, Adams PD: Newsletter of the IUCr Commission on Crystallographic Computing 2004, 3, 22-31.
;
? 
# 
loop_
_atom_site.group_PDB 
_atom_site.id 
_atom_site.type_symbol 
_atom_site.label_atom_id 
_atom_site.label_alt_id 
_atom_site.label_comp_id 
_atom_site.label_asym_id 
_atom_site.label_entity_id 
_atom_site.label_seq_id 
_atom_site.pdbx_PDB_ins_code 
_atom_site.Cartn_x 
_atom_site.Cartn_y 
_atom_site.Cartn_z 
_atom_site.occupancy 
_atom_site.B_iso_or_equiv 
_atom_site.pdbx_formal_charge 
_atom_site.auth_seq_id 
_atom_site.auth_comp_id 
_atom_site.auth_asym_id 
_atom_site.auth_atom_id 
_atom_site.pdbx_PDB_model_num 
ATOM   1   N  N   . GLY A 1 23  ? -9.29647  5.81708   -13.34280 1.000 48.79838 ? 99  GLY A N   1 
ATOM   2   C  CA  . GLY A 1 23  ? -9.44112  4.47026   -12.82478 1.000 45.18552 ? 99  GLY A CA  1 
ATOM   3   C  C   . GLY A 1 23  ? -8.39914  4.12418   -11.77739 1.000 36.76285 ? 99  GLY A C   1 
ATOM   4   O  O   . GLY A 1 23  ? -7.19807  4.10265   -12.05825 1.000 40.17810 ? 99  GLY A O   1 
ATOM   5   N  N   . LEU A 1 24  ? -8.86136  3.85375   -10.56045 1.000 36.45075 ? 100 LEU A N   1 
ATOM   6   C  CA  . LEU A 1 24  ? -7.94790  3.50250   -9.48146  1.000 25.28429 ? 100 LEU A CA  1 
ATOM   7   C  C   . LEU A 1 24  ? -7.20261  2.21583   -9.79635  1.000 26.50101 ? 100 LEU A C   1 
ATOM   8   O  O   . LEU A 1 24  ? -7.74496  1.28291   -10.40076 1.000 22.41189 ? 100 LEU A O   1 
ATOM   9   C  CB  . LEU A 1 24  ? -8.70772  3.34536   -8.16826  1.000 30.10715 ? 100 LEU A CB  1 
ATOM   10  C  CG  . LEU A 1 24  ? -9.47299  4.57082   -7.69289  1.000 27.83039 ? 100 LEU A CG  1 
ATOM   11  C  CD1 . LEU A 1 24  ? -10.62200 4.13518   -6.80410  1.000 28.99601 ? 100 LEU A CD1 1 
ATOM   12  C  CD2 . LEU A 1 24  ? -8.53337  5.48996   -6.94071  1.000 29.54460 ? 100 LEU A CD2 1 
ATOM   13  N  N   . ALA A 1 25  ? -5.94556  2.16905   -9.37742  1.000 23.17894 ? 101 ALA A N   1 
ATOM   14  C  CA  . ALA A 1 25  ? -5.13436  0.97744   -9.54654  1.000 19.11974 ? 101 ALA A CA  1 
ATOM   15  C  C   . ALA A 1 25  ? -4.09877  0.96254   -8.43380  1.000 16.88202 ? 101 ALA A C   1 
ATOM   16  O  O   . ALA A 1 25  ? -3.77403  2.00071   -7.85348  1.000 18.50693 ? 101 ALA A O   1 
ATOM   17  C  CB  . ALA A 1 25  ? -4.47207  0.94120   -10.92956 1.000 22.55865 ? 101 ALA A CB  1 
ATOM   18  N  N   . LEU A 1 26  ? -3.58838  -0.22753  -8.12903  1.000 18.54822 ? 102 LEU A N   1 
ATOM   19  C  CA  . LEU A 1 26  ? -2.55042  -0.37085  -7.11843  1.000 15.37995 ? 102 LEU A CA  1 
ATOM   20  C  C   . LEU A 1 26  ? -1.41425  -1.20936  -7.67476  1.000 17.44934 ? 102 LEU A C   1 
ATOM   21  O  O   . LEU A 1 26  ? -1.64643  -2.15734  -8.43230  1.000 18.97924 ? 102 LEU A O   1 
ATOM   22  C  CB  . LEU A 1 26  ? -3.10561  -1.02235  -5.83317  1.000 15.54346 ? 102 LEU A CB  1 
ATOM   23  C  CG  . LEU A 1 26  ? -2.24435  -0.90670  -4.56539  1.000 16.47788 ? 102 LEU A CG  1 
ATOM   24  C  CD1 . LEU A 1 26  ? -3.13665  -0.66995  -3.34751  1.000 23.93681 ? 102 LEU A CD1 1 
ATOM   25  C  CD2 . LEU A 1 26  ? -1.39940  -2.14744  -4.35699  1.000 22.35546 ? 102 LEU A CD2 1 
ATOM   26  N  N   . ARG A 1 27  ? -0.18596  -0.87363  -7.28356  1.000 15.59053 ? 103 ARG A N   1 
ATOM   27  C  CA  . ARG A 1 27  ? 0.97190   -1.66581  -7.66116  1.000 15.29049 ? 103 ARG A CA  1 
ATOM   28  C  C   . ARG A 1 27  ? 1.96991   -1.64544  -6.51588  1.000 17.47735 ? 103 ARG A C   1 
ATOM   29  O  O   . ARG A 1 27  ? 1.91577   -0.78492  -5.63740  1.000 18.19315 ? 103 ARG A O   1 
ATOM   30  C  CB  . ARG A 1 27  ? 1.62066   -1.14729  -8.94383  1.000 17.26426 ? 103 ARG A CB  1 
ATOM   31  C  CG  . ARG A 1 27  ? 2.24396   0.21686   -8.78892  1.000 20.52293 ? 103 ARG A CG  1 
ATOM   32  C  CD  . ARG A 1 27  ? 2.72419   0.76159   -10.12240 1.000 26.28730 ? 103 ARG A CD  1 
ATOM   33  N  NE  . ARG A 1 27  ? 3.35325   2.07549   -9.97459  1.000 23.22528 ? 103 ARG A NE  1 
ATOM   34  C  CZ  . ARG A 1 27  ? 3.84433   2.77837   -10.99252 1.000 27.73165 ? 103 ARG A CZ  1 
ATOM   35  N  NH1 . ARG A 1 27  ? 4.39714   3.96292   -10.77972 1.000 24.27154 ? 103 ARG A NH1 1 
ATOM   36  N  NH2 . ARG A 1 27  ? 3.78079   2.28925   -12.23028 1.000 26.66897 ? 103 ARG A NH2 1 
ATOM   37  N  N   . LEU A 1 28  ? 2.86561   -2.63191  -6.52085  1.000 16.91592 ? 104 LEU A N   1 
ATOM   38  C  CA  . LEU A 1 28  ? 3.98331   -2.70819  -5.58703  1.000 14.41081 ? 104 LEU A CA  1 
ATOM   39  C  C   . LEU A 1 28  ? 5.24539   -2.58052  -6.41651  1.000 17.98906 ? 104 LEU A C   1 
ATOM   40  O  O   . LEU A 1 28  ? 5.45702   -3.38232  -7.33230  1.000 18.92105 ? 104 LEU A O   1 
ATOM   41  C  CB  . LEU A 1 28  ? 3.99482   -4.03553  -4.81579  1.000 14.80967 ? 104 LEU A CB  1 
ATOM   42  C  CG  . LEU A 1 28  ? 2.78693   -4.26614  -3.91093  1.000 14.83725 ? 104 LEU A CG  1 
ATOM   43  C  CD1 . LEU A 1 28  ? 2.88728   -5.60496  -3.19700  1.000 16.14148 ? 104 LEU A CD1 1 
ATOM   44  C  CD2 . LEU A 1 28  ? 2.61117   -3.09568  -2.92491  1.000 14.46952 ? 104 LEU A CD2 1 
ATOM   45  N  N   . VAL A 1 29  ? 6.07101   -1.57655  -6.12468  1.000 17.94004 ? 105 VAL A N   1 
ATOM   46  C  CA  . VAL A 1 29  ? 7.19478   -1.31761  -7.01435  1.000 16.87520 ? 105 VAL A CA  1 
ATOM   47  C  C   . VAL A 1 29  ? 8.52206   -1.46240  -6.27971  1.000 21.27464 ? 105 VAL A C   1 
ATOM   48  O  O   . VAL A 1 29  ? 8.62436   -1.30389  -5.05668  1.000 15.09661 ? 105 VAL A O   1 
ATOM   49  C  CB  . VAL A 1 29  ? 7.10531   0.06988   -7.68517  1.000 19.63944 ? 105 VAL A CB  1 
ATOM   50  C  CG1 . VAL A 1 29  ? 5.88134   0.14637   -8.60490  1.000 19.88298 ? 105 VAL A CG1 1 
ATOM   51  C  CG2 . VAL A 1 29  ? 7.11560   1.18398   -6.64805  1.000 21.33356 ? 105 VAL A CG2 1 
ATOM   52  N  N   . ASN A 1 30  ? 9.55270   -1.75782  -7.06762  1.000 16.91070 ? 106 ASN A N   1 
ATOM   53  C  CA  . ASN A 1 30  ? 10.93275  -1.89358  -6.61323  1.000 18.50345 ? 106 ASN A CA  1 
ATOM   54  C  C   . ASN A 1 30  ? 11.12541  -3.04222  -5.62916  1.000 20.19403 ? 106 ASN A C   1 
ATOM   55  O  O   . ASN A 1 30  ? 12.08351  -3.03535  -4.84361  1.000 19.63610 ? 106 ASN A O   1 
ATOM   56  C  CB  . ASN A 1 30  ? 11.45983  -0.58484  -6.01341  1.000 19.29973 ? 106 ASN A CB  1 
ATOM   57  C  CG  . ASN A 1 30  ? 12.97148  -0.50637  -6.06078  1.000 33.10032 ? 106 ASN A CG  1 
ATOM   58  O  OD1 . ASN A 1 30  ? 13.60207  -1.04617  -6.97511  1.000 33.06142 ? 106 ASN A OD1 1 
ATOM   59  N  ND2 . ASN A 1 30  ? 13.56387  0.13408   -5.05917  1.000 32.42506 ? 106 ASN A ND2 1 
ATOM   60  N  N   . GLY A 1 31  ? 10.24363  -4.04321  -5.66053  1.000 17.92010 ? 107 GLY A N   1 
ATOM   61  C  CA  . GLY A 1 31  ? 10.44317  -5.27095  -4.92431  1.000 21.71815 ? 107 GLY A CA  1 
ATOM   62  C  C   . GLY A 1 31  ? 10.96023  -6.37650  -5.83123  1.000 21.66228 ? 107 GLY A C   1 
ATOM   63  O  O   . GLY A 1 31  ? 11.20087  -6.18503  -7.02281  1.000 23.39470 ? 107 GLY A O   1 
ATOM   64  N  N   . ASP A 1 32  ? 11.13286  -7.56151  -5.23726  1.000 20.72890 ? 108 ASP A N   1 
ATOM   65  C  CA  . ASP A 1 32  ? 11.46742  -8.76080  -6.00263  1.000 22.00919 ? 108 ASP A CA  1 
ATOM   66  C  C   . ASP A 1 32  ? 10.15464  -9.44773  -6.36887  1.000 26.66175 ? 108 ASP A C   1 
ATOM   67  O  O   . ASP A 1 32  ? 9.68227   -10.37380 -5.70325  1.000 31.03957 ? 108 ASP A O   1 
ATOM   68  C  CB  . ASP A 1 32  ? 12.39536  -9.68037  -5.21466  1.000 21.75454 ? 108 ASP A CB  1 
ATOM   69  C  CG  . ASP A 1 32  ? 12.90053  -10.86011 -6.05152  1.000 33.67119 ? 108 ASP A CG  1 
ATOM   70  O  OD1 . ASP A 1 32  ? 12.54074  -10.95014 -7.24548  1.000 38.69780 ? 108 ASP A OD1 1 
ATOM   71  O  OD2 . ASP A 1 32  ? 13.63685  -11.71191 -5.51512  1.000 31.33109 ? 108 ASP A OD2 1 
ATOM   72  N  N   . GLY A 1 33  ? 9.53530   -8.95370  -7.42836  1.000 23.89301 ? 109 GLY A N   1 
ATOM   73  C  CA  . GLY A 1 33  ? 8.32896   -9.54850  -7.95960  1.000 21.22267 ? 109 GLY A CA  1 
ATOM   74  C  C   . GLY A 1 33  ? 7.11999   -8.63934  -7.81931  1.000 18.98343 ? 109 GLY A C   1 
ATOM   75  O  O   . GLY A 1 33  ? 7.13904   -7.61061  -7.14148  1.000 17.26942 ? 109 GLY A O   1 
ATOM   76  N  N   . ARG A 1 34  ? 6.05204   -9.06859  -8.48873  1.000 16.02274 ? 110 ARG A N   1 
ATOM   77  C  CA  . ARG A 1 34  ? 4.80334   -8.32389  -8.52927  1.000 16.60928 ? 110 ARG A CA  1 
ATOM   78  C  C   . ARG A 1 34  ? 4.19067   -8.18485  -7.14568  1.000 18.38099 ? 110 ARG A C   1 
ATOM   79  O  O   . ARG A 1 34  ? 3.45729   -7.22132  -6.87721  1.000 19.07374 ? 110 ARG A O   1 
ATOM   80  C  CB  . ARG A 1 34  ? 3.84011   -9.05719  -9.45536  1.000 17.74338 ? 110 ARG A CB  1 
ATOM   81  C  CG  . ARG A 1 34  ? 2.58212   -8.33021  -9.84335  1.000 22.06181 ? 110 ARG A CG  1 
ATOM   82  C  CD  . ARG A 1 34  ? 1.73943   -9.23692  -10.77096 1.000 15.38493 ? 110 ARG A CD  1 
ATOM   83  N  NE  . ARG A 1 34  ? 1.19098   -10.38098 -10.04987 1.000 19.76672 ? 110 ARG A NE  1 
ATOM   84  C  CZ  . ARG A 1 34  ? 0.11898   -10.30792 -9.26492  1.000 17.72846 ? 110 ARG A CZ  1 
ATOM   85  N  NH1 . ARG A 1 34  ? -0.32672  -11.38383 -8.63596  1.000 20.59973 ? 110 ARG A NH1 1 
ATOM   86  N  NH2 . ARG A 1 34  ? -0.49957  -9.14423  -9.10249  1.000 20.22033 ? 110 ARG A NH2 1 
ATOM   87  N  N   . CYS A 1 35  ? 4.47623   -9.13813  -6.25973  1.000 15.18520 ? 111 CYS A N   1 
ATOM   88  C  CA  . CYS A 1 35  ? 3.75912   -9.28127  -4.99924  1.000 13.85129 ? 111 CYS A CA  1 
ATOM   89  C  C   . CYS A 1 35  ? 4.54797   -8.74972  -3.80913  1.000 16.24828 ? 111 CYS A C   1 
ATOM   90  O  O   . CYS A 1 35  ? 4.22642   -9.07161  -2.66285  1.000 15.81914 ? 111 CYS A O   1 
ATOM   91  C  CB  . CYS A 1 35  ? 3.36876   -10.74756 -4.80320  1.000 14.62332 ? 111 CYS A CB  1 
ATOM   92  S  SG  . CYS A 1 35  ? 2.07401   -11.24638 -5.97648  1.000 16.56461 ? 111 CYS A SG  1 
ATOM   93  N  N   . GLN A 1 36  ? 5.53688   -7.89216  -4.04676  1.000 17.03804 ? 112 GLN A N   1 
ATOM   94  C  CA  . GLN A 1 36  ? 6.16640   -7.18503  -2.94035  1.000 16.15423 ? 112 GLN A CA  1 
ATOM   95  C  C   . GLN A 1 36  ? 6.73365   -5.86953  -3.45328  1.000 17.88588 ? 112 GLN A C   1 
ATOM   96  O  O   . GLN A 1 36  ? 7.14286   -5.77291  -4.61063  1.000 16.63103 ? 112 GLN A O   1 
ATOM   97  C  CB  . GLN A 1 36  ? 7.26578   -8.04058  -2.28621  1.000 17.24079 ? 112 GLN A CB  1 
ATOM   98  C  CG  . GLN A 1 36  ? 8.25595   -8.65505  -3.26748  1.000 18.55122 ? 112 GLN A CG  1 
ATOM   99  C  CD  . GLN A 1 36  ? 9.50838   -9.14724  -2.55945  1.000 21.58042 ? 112 GLN A CD  1 
ATOM   100 O  OE1 . GLN A 1 36  ? 10.53078  -8.45327  -2.51629  1.000 20.42822 ? 112 GLN A OE1 1 
ATOM   101 N  NE2 . GLN A 1 36  ? 9.42805   -10.33783 -1.98432  1.000 18.88177 ? 112 GLN A NE2 1 
ATOM   102 N  N   . GLY A 1 37  ? 6.73535   -4.85458  -2.59748  1.000 14.26275 ? 113 GLY A N   1 
ATOM   103 C  CA  . GLY A 1 37  ? 7.43115   -3.62280  -2.90865  1.000 14.05384 ? 113 GLY A CA  1 
ATOM   104 C  C   . GLY A 1 37  ? 6.75611   -2.43775  -2.24589  1.000 15.96295 ? 113 GLY A C   1 
ATOM   105 O  O   . GLY A 1 37  ? 5.98081   -2.59484  -1.31368  1.000 13.41927 ? 113 GLY A O   1 
ATOM   106 N  N   . ARG A 1 38  ? 7.08677   -1.24400  -2.74129  1.000 13.06560 ? 114 ARG A N   1 
ATOM   107 C  CA  . ARG A 1 38  ? 6.49917   -0.01765  -2.21649  1.000 13.01018 ? 114 ARG A CA  1 
ATOM   108 C  C   . ARG A 1 38  ? 5.08280   0.15746   -2.75615  1.000 16.35307 ? 114 ARG A C   1 
ATOM   109 O  O   . ARG A 1 38  ? 4.84553   -0.00444  -3.95609  1.000 16.22958 ? 114 ARG A O   1 
ATOM   110 C  CB  . ARG A 1 38  ? 7.36708   1.18428   -2.60207  1.000 13.82306 ? 114 ARG A CB  1 
ATOM   111 C  CG  . ARG A 1 38  ? 6.72720   2.53270   -2.33105  1.000 14.29367 ? 114 ARG A CG  1 
ATOM   112 C  CD  . ARG A 1 38  ? 7.72685   3.62850   -2.67610  1.000 16.32217 ? 114 ARG A CD  1 
ATOM   113 N  NE  . ARG A 1 38  ? 7.80174   3.85809   -4.11799  1.000 20.56425 ? 114 ARG A NE  1 
ATOM   114 C  CZ  . ARG A 1 38  ? 8.89702   3.68047   -4.85060  1.000 21.70681 ? 114 ARG A CZ  1 
ATOM   115 N  NH1 . ARG A 1 38  ? 8.86419   3.93051   -6.15114  1.000 21.29766 ? 114 ARG A NH1 1 
ATOM   116 N  NH2 . ARG A 1 38  ? 10.02327  3.25975   -4.28579  1.000 18.01705 ? 114 ARG A NH2 1 
ATOM   117 N  N   . VAL A 1 39  ? 4.14332   0.49776   -1.87776  1.000 14.03891 ? 115 VAL A N   1 
ATOM   118 C  CA  . VAL A 1 39  ? 2.74102   0.62723   -2.27938  1.000 16.28843 ? 115 VAL A CA  1 
ATOM   119 C  C   . VAL A 1 39  ? 2.55401   1.91693   -3.06712  1.000 15.44495 ? 115 VAL A C   1 
ATOM   120 O  O   . VAL A 1 39  ? 2.91487   3.00052   -2.59669  1.000 18.69477 ? 115 VAL A O   1 
ATOM   121 C  CB  . VAL A 1 39  ? 1.81750   0.60613   -1.05344  1.000 15.89600 ? 115 VAL A CB  1 
ATOM   122 C  CG1 . VAL A 1 39  ? 0.35967   0.69094   -1.49227  1.000 15.35927 ? 115 VAL A CG1 1 
ATOM   123 C  CG2 . VAL A 1 39  ? 2.06758   -0.64914  -0.21427  1.000 16.44462 ? 115 VAL A CG2 1 
ATOM   124 N  N   . GLU A 1 40  ? 1.96428   1.81307   -4.25638  1.000 15.81382 ? 116 GLU A N   1 
ATOM   125 C  CA  . GLU A 1 40  ? 1.62451   2.99581   -5.03819  1.000 17.27611 ? 116 GLU A CA  1 
ATOM   126 C  C   . GLU A 1 40  ? 0.21267   2.85879   -5.59359  1.000 19.07702 ? 116 GLU A C   1 
ATOM   127 O  O   . GLU A 1 40  ? -0.17918  1.78206   -6.04926  1.000 18.16781 ? 116 GLU A O   1 
ATOM   128 C  CB  . GLU A 1 40  ? 2.64606   3.22137   -6.15581  1.000 18.63619 ? 116 GLU A CB  1 
ATOM   129 C  CG  . GLU A 1 40  ? 4.00678   3.64438   -5.56979  1.000 19.15926 ? 116 GLU A CG  1 
ATOM   130 C  CD  . GLU A 1 40  ? 5.00994   4.09737   -6.60669  1.000 22.29788 ? 116 GLU A CD  1 
ATOM   131 O  OE1 . GLU A 1 40  ? 4.76703   3.90309   -7.82136  1.000 24.28654 ? 116 GLU A OE1 1 
ATOM   132 O  OE2 . GLU A 1 40  ? 6.04706   4.64392   -6.18378  1.000 19.19017 ? 116 GLU A OE2 1 
ATOM   133 N  N   . ILE A 1 41  ? -0.54496  3.95684   -5.53737  1.000 14.33281 ? 117 ILE A N   1 
ATOM   134 C  CA  . ILE A 1 41  ? -1.94487  3.99975   -5.94957  1.000 14.52904 ? 117 ILE A CA  1 
ATOM   135 C  C   . ILE A 1 41  ? -2.07717  4.99849   -7.09043  1.000 18.70712 ? 117 ILE A C   1 
ATOM   136 O  O   . ILE A 1 41  ? -1.61377  6.13776   -6.97424  1.000 22.64695 ? 117 ILE A O   1 
ATOM   137 C  CB  . ILE A 1 41  ? -2.85990  4.41074   -4.78222  1.000 16.98527 ? 117 ILE A CB  1 
ATOM   138 C  CG1 . ILE A 1 41  ? -2.68062  3.47099   -3.58874  1.000 18.23763 ? 117 ILE A CG1 1 
ATOM   139 C  CG2 . ILE A 1 41  ? -4.31829  4.47858   -5.22774  1.000 20.05389 ? 117 ILE A CG2 1 
ATOM   140 C  CD1 . ILE A 1 41  ? -3.29777  4.02314   -2.32683  1.000 18.96999 ? 117 ILE A CD1 1 
ATOM   141 N  N   . LEU A 1 42  ? -2.71882  4.57963   -8.17860  1.000 20.70125 ? 118 LEU A N   1 
ATOM   142 C  CA  . LEU A 1 42  ? -3.00963  5.47463   -9.29419  1.000 20.88467 ? 118 LEU A CA  1 
ATOM   143 C  C   . LEU A 1 42  ? -4.28594  6.23646   -8.96336  1.000 23.00941 ? 118 LEU A C   1 
ATOM   144 O  O   . LEU A 1 42  ? -5.37829  5.65783   -8.94754  1.000 23.32174 ? 118 LEU A O   1 
ATOM   145 C  CB  . LEU A 1 42  ? -3.15699  4.67954   -10.59094 1.000 22.54609 ? 118 LEU A CB  1 
ATOM   146 C  CG  . LEU A 1 42  ? -3.35819  5.45079   -11.90282 1.000 26.97642 ? 118 LEU A CG  1 
ATOM   147 C  CD1 . LEU A 1 42  ? -2.17903  6.38042   -12.14618 1.000 23.54846 ? 118 LEU A CD1 1 
ATOM   148 C  CD2 . LEU A 1 42  ? -3.53755  4.47678   -13.07731 1.000 25.86409 ? 118 LEU A CD2 1 
ATOM   149 N  N   . TYR A 1 43  ? -4.15480  7.52917   -8.68030  1.000 29.31824 ? 119 TYR A N   1 
ATOM   150 C  CA  . TYR A 1 43  ? -5.28614  8.35117   -8.26555  1.000 27.07249 ? 119 TYR A CA  1 
ATOM   151 C  C   . TYR A 1 43  ? -5.29221  9.61406   -9.10664  1.000 30.35940 ? 119 TYR A C   1 
ATOM   152 O  O   . TYR A 1 43  ? -4.33125  10.38549  -9.06636  1.000 31.40104 ? 119 TYR A O   1 
ATOM   153 C  CB  . TYR A 1 43  ? -5.20248  8.69893   -6.77702  1.000 27.17182 ? 119 TYR A CB  1 
ATOM   154 C  CG  . TYR A 1 43  ? -6.32665  9.58727   -6.28396  1.000 25.48285 ? 119 TYR A CG  1 
ATOM   155 C  CD1 . TYR A 1 43  ? -7.61707  9.08914   -6.12390  1.000 27.27576 ? 119 TYR A CD1 1 
ATOM   156 C  CD2 . TYR A 1 43  ? -6.09348  10.91915  -5.96105  1.000 32.69821 ? 119 TYR A CD2 1 
ATOM   157 C  CE1 . TYR A 1 43  ? -8.64790  9.90548   -5.66235  1.000 26.73375 ? 119 TYR A CE1 1 
ATOM   158 C  CE2 . TYR A 1 43  ? -7.11654  11.74079  -5.49796  1.000 31.32721 ? 119 TYR A CE2 1 
ATOM   159 C  CZ  . TYR A 1 43  ? -8.38712  11.23085  -5.35022  1.000 29.01509 ? 119 TYR A CZ  1 
ATOM   160 O  OH  . TYR A 1 43  ? -9.39774  12.04992  -4.88910  1.000 33.21343 ? 119 TYR A OH  1 
ATOM   161 N  N   . ARG A 1 44  ? -6.36308  9.81288   -9.87362  1.000 37.46086 ? 120 ARG A N   1 
ATOM   162 C  CA  . ARG A 1 44  ? -6.49286  10.96719  -10.75998 1.000 36.56425 ? 120 ARG A CA  1 
ATOM   163 C  C   . ARG A 1 44  ? -5.25767  11.12569  -11.64688 1.000 33.53101 ? 120 ARG A C   1 
ATOM   164 O  O   . ARG A 1 44  ? -4.69486  12.21228  -11.78399 1.000 41.08277 ? 120 ARG A O   1 
ATOM   165 C  CB  . ARG A 1 44  ? -6.75309  12.24463  -9.96023  1.000 37.32223 ? 120 ARG A CB  1 
ATOM   166 C  CG  . ARG A 1 44  ? -7.89904  12.15314  -8.95804  1.000 38.56838 ? 120 ARG A CG  1 
ATOM   167 C  CD  . ARG A 1 44  ? -9.25282  12.13944  -9.64634  1.000 43.72845 ? 120 ARG A CD  1 
ATOM   168 N  NE  . ARG A 1 44  ? -10.34181 11.77034  -8.74039  1.000 46.87089 ? 120 ARG A NE  1 
ATOM   169 C  CZ  . ARG A 1 44  ? -11.11231 12.64090  -8.08975  1.000 44.83390 ? 120 ARG A CZ  1 
ATOM   170 N  NH1 . ARG A 1 44  ? -10.92043 13.94778  -8.23162  1.000 42.20474 ? 120 ARG A NH1 1 
ATOM   171 N  NH2 . ARG A 1 44  ? -12.07961 12.20282  -7.29057  1.000 43.38497 ? 120 ARG A NH2 1 
ATOM   172 N  N   . GLY A 1 45  ? -4.81264  10.01446  -12.22830 1.000 38.80688 ? 121 GLY A N   1 
ATOM   173 C  CA  . GLY A 1 45  ? -3.79162  10.05863  -13.25578 1.000 34.80248 ? 121 GLY A CA  1 
ATOM   174 C  C   . GLY A 1 45  ? -2.35194  10.00475  -12.79144 1.000 34.52312 ? 121 GLY A C   1 
ATOM   175 O  O   . GLY A 1 45  ? -1.45674  9.93037   -13.64011 1.000 32.08763 ? 121 GLY A O   1 
ATOM   176 N  N   . SER A 1 46  ? -2.08494  10.03247  -11.48751 1.000 31.32485 ? 122 SER A N   1 
ATOM   177 C  CA  . SER A 1 46  ? -0.71646  9.95141   -10.98973 1.000 32.38509 ? 122 SER A CA  1 
ATOM   178 C  C   . SER A 1 46  ? -0.59201  8.90459   -9.89066  1.000 29.04504 ? 122 SER A C   1 
ATOM   179 O  O   . SER A 1 46  ? -1.49543  8.73969   -9.06351  1.000 23.14407 ? 122 SER A O   1 
ATOM   180 C  CB  . SER A 1 46  ? -0.21446  11.30500  -10.46315 1.000 31.71930 ? 122 SER A CB  1 
ATOM   181 O  OG  . SER A 1 46  ? -0.64839  12.35621  -11.29682 1.000 43.31844 ? 122 SER A OG  1 
ATOM   182 N  N   . TRP A 1 47  ? 0.54614   8.21272   -9.89353  1.000 24.21088 ? 123 TRP A N   1 
ATOM   183 C  CA  . TRP A 1 47  ? 0.86030   7.20448   -8.88635  1.000 22.70344 ? 123 TRP A CA  1 
ATOM   184 C  C   . TRP A 1 47  ? 1.31839   7.90061   -7.61210  1.000 21.95505 ? 123 TRP A C   1 
ATOM   185 O  O   . TRP A 1 47  ? 2.25714   8.70422   -7.64838  1.000 24.22619 ? 123 TRP A O   1 
ATOM   186 C  CB  . TRP A 1 47  ? 1.94870   6.26272   -9.40491  1.000 19.55589 ? 123 TRP A CB  1 
ATOM   187 C  CG  . TRP A 1 47  ? 1.48259   5.32979   -10.49437 1.000 21.03035 ? 123 TRP A CG  1 
ATOM   188 C  CD1 . TRP A 1 47  ? 1.70055   5.46540   -11.83459 1.000 22.85853 ? 123 TRP A CD1 1 
ATOM   189 C  CD2 . TRP A 1 47  ? 0.72227   4.12340   -10.33132 1.000 23.97528 ? 123 TRP A CD2 1 
ATOM   190 N  NE1 . TRP A 1 47  ? 1.12111   4.42059   -12.51815 1.000 26.47989 ? 123 TRP A NE1 1 
ATOM   191 C  CE2 . TRP A 1 47  ? 0.51337   3.58355   -11.61821 1.000 26.12830 ? 123 TRP A CE2 1 
ATOM   192 C  CE3 . TRP A 1 47  ? 0.19043   3.45071   -9.22135  1.000 21.65650 ? 123 TRP A CE3 1 
ATOM   193 C  CZ2 . TRP A 1 47  ? -0.19891  2.40336   -11.82640 1.000 21.83978 ? 123 TRP A CZ2 1 
ATOM   194 C  CZ3 . TRP A 1 47  ? -0.51283  2.28705   -9.42774  1.000 18.63536 ? 123 TRP A CZ3 1 
ATOM   195 C  CH2 . TRP A 1 47  ? -0.69667  1.76464   -10.71996 1.000 23.82570 ? 123 TRP A CH2 1 
ATOM   196 N  N   . GLY A 1 48  ? 0.65663   7.60360   -6.49374  1.000 17.49645 ? 124 GLY A N   1 
ATOM   197 C  CA  . GLY A 1 48  ? 0.99712   8.19485   -5.21298  1.000 20.67130 ? 124 GLY A CA  1 
ATOM   198 C  C   . GLY A 1 48  ? 1.27656   7.11965   -4.17825  1.000 20.40568 ? 124 GLY A C   1 
ATOM   199 O  O   . GLY A 1 48  ? 0.72488   6.02260   -4.24338  1.000 20.37552 ? 124 GLY A O   1 
ATOM   200 N  N   . THR A 1 49  ? 2.13445   7.44800   -3.20869  1.000 19.00665 ? 125 THR A N   1 
ATOM   201 C  CA  . THR A 1 49  ? 2.53979   6.47431   -2.20293  1.000 18.70811 ? 125 THR A CA  1 
ATOM   202 C  C   . THR A 1 49  ? 1.64967   6.57668   -0.96397  1.000 20.67489 ? 125 THR A C   1 
ATOM   203 O  O   . THR A 1 49  ? 0.68688   7.34574   -0.91876  1.000 17.81022 ? 125 THR A O   1 
ATOM   204 C  CB  . THR A 1 49  ? 4.00668   6.66663   -1.81845  1.000 18.23732 ? 125 THR A CB  1 
ATOM   205 O  OG1 . THR A 1 49  ? 4.19164   7.99563   -1.31088  1.000 15.30393 ? 125 THR A OG1 1 
ATOM   206 C  CG2 . THR A 1 49  ? 4.93192   6.43804   -3.03062  1.000 17.02094 ? 125 THR A CG2 1 
ATOM   207 N  N   . VAL A 1 50  ? 1.98847   5.79086   0.05970   1.000 16.22714 ? 126 VAL A N   1 
ATOM   208 C  CA  . VAL A 1 50  ? 1.24077   5.72138   1.31318   1.000 16.21021 ? 126 VAL A CA  1 
ATOM   209 C  C   . VAL A 1 50  ? 2.22348   5.92533   2.45609   1.000 16.23125 ? 126 VAL A C   1 
ATOM   210 O  O   . VAL A 1 50  ? 3.21824   5.19749   2.55596   1.000 18.04402 ? 126 VAL A O   1 
ATOM   211 C  CB  . VAL A 1 50  ? 0.52018   4.36310   1.45937   1.000 15.08747 ? 126 VAL A CB  1 
ATOM   212 C  CG1 . VAL A 1 50  ? -0.24438  4.29386   2.77940   1.000 17.65582 ? 126 VAL A CG1 1 
ATOM   213 C  CG2 . VAL A 1 50  ? -0.41344  4.11252   0.27128   1.000 20.78342 ? 126 VAL A CG2 1 
ATOM   214 N  N   . CYS A 1 51  ? 1.95170   6.90052   3.32911   1.000 18.75022 ? 127 CYS A N   1 
ATOM   215 C  CA  . CYS A 1 51  ? 2.90740   7.22164   4.38522   1.000 18.59841 ? 127 CYS A CA  1 
ATOM   216 C  C   . CYS A 1 51  ? 2.39416   6.87347   5.78271   1.000 22.16439 ? 127 CYS A C   1 
ATOM   217 O  O   . CYS A 1 51  ? 2.97515   7.32956   6.77572   1.000 19.71426 ? 127 CYS A O   1 
ATOM   218 C  CB  . CYS A 1 51  ? 3.29715   8.69516   4.30633   1.000 20.53905 ? 127 CYS A CB  1 
ATOM   219 S  SG  . CYS A 1 51  ? 1.97066   9.79455   4.80685   1.000 22.45605 ? 127 CYS A SG  1 
ATOM   220 N  N   . ASP A 1 52  ? 1.34019   6.05444   5.86815   1.000 20.79397 ? 128 ASP A N   1 
ATOM   221 C  CA  . ASP A 1 52  ? 0.71948   5.58789   7.11006   1.000 18.92518 ? 128 ASP A CA  1 
ATOM   222 C  C   . ASP A 1 52  ? 1.75907   5.27363   8.17272   1.000 25.12287 ? 128 ASP A C   1 
ATOM   223 O  O   . ASP A 1 52  ? 2.59688   4.40575   7.97310   1.000 20.96347 ? 128 ASP A O   1 
ATOM   224 C  CB  . ASP A 1 52  ? -0.10102  4.32686   6.81372   1.000 20.31258 ? 128 ASP A CB  1 
ATOM   225 C  CG  . ASP A 1 52  ? -1.04093  3.94251   7.95027   1.000 22.06954 ? 128 ASP A CG  1 
ATOM   226 O  OD1 . ASP A 1 52  ? -1.04486  4.62676   8.99934   1.000 20.30674 ? 128 ASP A OD1 1 
ATOM   227 O  OD2 . ASP A 1 52  ? -1.79645  2.95380   7.78701   1.000 18.95180 ? 128 ASP A OD2 1 
ATOM   228 N  N   . ASP A 1 53  ? 1.71072   5.96194   9.31404   1.000 25.04030 ? 129 ASP A N   1 
ATOM   229 C  CA  . ASP A 1 53  ? 2.62657   5.59963   10.39247  1.000 28.29142 ? 129 ASP A CA  1 
ATOM   230 C  C   . ASP A 1 53  ? 2.08835   4.46268   11.25089  1.000 27.59496 ? 129 ASP A C   1 
ATOM   231 O  O   . ASP A 1 53  ? 2.75751   4.04653   12.20156  1.000 27.51696 ? 129 ASP A O   1 
ATOM   232 C  CB  . ASP A 1 53  ? 2.97642   6.81810   11.26816  1.000 33.13786 ? 129 ASP A CB  1 
ATOM   233 C  CG  . ASP A 1 53  ? 1.76005   7.52109   11.83445  1.000 39.12493 ? 129 ASP A CG  1 
ATOM   234 O  OD1 . ASP A 1 53  ? 0.85689   6.84293   12.35987  1.000 40.58920 ? 129 ASP A OD1 1 
ATOM   235 O  OD2 . ASP A 1 53  ? 1.72020   8.76589   11.77893  1.000 49.70319 ? 129 ASP A OD2 1 
ATOM   236 N  N   . SER A 1 54  ? 0.89770   3.96697   10.94672  1.000 21.57690 ? 130 SER A N   1 
ATOM   237 C  CA  . SER A 1 54  ? 0.36615   2.72862   11.50251  1.000 24.92175 ? 130 SER A CA  1 
ATOM   238 C  C   . SER A 1 54  ? -0.00012  1.82955   10.33130  1.000 22.74120 ? 130 SER A C   1 
ATOM   239 O  O   . SER A 1 54  ? -1.17160  1.47718   10.14587  1.000 19.80014 ? 130 SER A O   1 
ATOM   240 C  CB  . SER A 1 54  ? -0.84046  2.98383   12.41486  1.000 27.63099 ? 130 SER A CB  1 
ATOM   241 O  OG  . SER A 1 54  ? -0.42662  3.67575   13.57760  1.000 41.77269 ? 130 SER A OG  1 
ATOM   242 N  N   . TRP A 1 55  ? 1.00965   1.50747   9.52410   1.000 20.56658 ? 131 TRP A N   1 
ATOM   243 C  CA  . TRP A 1 55  ? 0.88738   0.59048   8.39513   1.000 22.00012 ? 131 TRP A CA  1 
ATOM   244 C  C   . TRP A 1 55  ? 0.96287   -0.82040  8.96294   1.000 22.77020 ? 131 TRP A C   1 
ATOM   245 O  O   . TRP A 1 55  ? 2.05032   -1.31252  9.27803   1.000 23.48826 ? 131 TRP A O   1 
ATOM   246 C  CB  . TRP A 1 55  ? 1.99579   0.85478   7.38434   1.000 16.87064 ? 131 TRP A CB  1 
ATOM   247 C  CG  . TRP A 1 55  ? 1.86543   0.05336   6.11450   1.000 19.66206 ? 131 TRP A CG  1 
ATOM   248 C  CD1 . TRP A 1 55  ? 2.74430   -0.87778  5.63503   1.000 16.82329 ? 131 TRP A CD1 1 
ATOM   249 C  CD2 . TRP A 1 55  ? 0.79158   0.11665   5.17155   1.000 13.36585 ? 131 TRP A CD2 1 
ATOM   250 N  NE1 . TRP A 1 55  ? 2.28486   -1.39720  4.44691   1.000 15.14888 ? 131 TRP A NE1 1 
ATOM   251 C  CE2 . TRP A 1 55  ? 1.08128   -0.80909  4.14311   1.000 14.83888 ? 131 TRP A CE2 1 
ATOM   252 C  CE3 . TRP A 1 55  ? -0.38586  0.86887   5.09274   1.000 16.69696 ? 131 TRP A CE3 1 
ATOM   253 C  CZ2 . TRP A 1 55  ? 0.22949   -1.01222  3.05344   1.000 15.98021 ? 131 TRP A CZ2 1 
ATOM   254 C  CZ3 . TRP A 1 55  ? -1.23132  0.66980   3.99478   1.000 16.40536 ? 131 TRP A CZ3 1 
ATOM   255 C  CH2 . TRP A 1 55  ? -0.91909  -0.26517  2.99539   1.000 16.88235 ? 131 TRP A CH2 1 
ATOM   256 N  N   . ASP A 1 56  ? -0.18704  -1.47213  9.11707   1.000 18.98397 ? 132 ASP A N   1 
ATOM   257 C  CA  A ASP A 1 56  ? -0.18423  -2.72035  9.87123   0.421 24.91013 ? 132 ASP A CA  1 
ATOM   258 C  CA  B ASP A 1 56  ? -0.36047  -2.69511  9.89260   0.579 25.03984 ? 132 ASP A CA  1 
ATOM   259 C  C   . ASP A 1 56  ? -0.56722  -3.90366  8.98730   1.000 26.60650 ? 132 ASP A C   1 
ATOM   260 O  O   . ASP A 1 56  ? -0.78024  -3.77806  7.77604   1.000 20.94849 ? 132 ASP A O   1 
ATOM   261 C  CB  A ASP A 1 56  ? -1.09672  -2.62778  11.09790  0.421 24.00544 ? 132 ASP A CB  1 
ATOM   262 C  CB  B ASP A 1 56  ? -1.56729  -2.56964  10.83020  0.579 22.68820 ? 132 ASP A CB  1 
ATOM   263 C  CG  A ASP A 1 56  ? -2.54337  -2.37088  10.74538  0.421 24.75460 ? 132 ASP A CG  1 
ATOM   264 C  CG  B ASP A 1 56  ? -1.34831  -1.56959  11.93868  0.579 27.14213 ? 132 ASP A CG  1 
ATOM   265 O  OD1 A ASP A 1 56  ? -2.98091  -2.67116  9.61639   0.421 22.99310 ? 132 ASP A OD1 1 
ATOM   266 O  OD1 B ASP A 1 56  ? -0.21602  -1.06972  12.08042  0.579 24.58167 ? 132 ASP A OD1 1 
ATOM   267 O  OD2 A ASP A 1 56  ? -3.26186  -1.86252  11.62527  0.421 28.22092 ? 132 ASP A OD2 1 
ATOM   268 O  OD2 B ASP A 1 56  ? -2.31540  -1.27427  12.67053  0.579 31.20292 ? 132 ASP A OD2 1 
ATOM   269 N  N   . THR A 1 57  ? -0.58482  -5.07566  9.62832   1.000 22.84728 ? 133 THR A N   1 
ATOM   270 C  CA  . THR A 1 57  ? -0.87131  -6.32749  8.94288   1.000 22.96670 ? 133 THR A CA  1 
ATOM   271 C  C   . THR A 1 57  ? -2.23448  -6.29536  8.26874   1.000 23.22509 ? 133 THR A C   1 
ATOM   272 O  O   . THR A 1 57  ? -2.39038  -6.79536  7.15024   1.000 19.36609 ? 133 THR A O   1 
ATOM   273 C  CB  . THR A 1 57  ? -0.79743  -7.48061  9.94351   1.000 28.60826 ? 133 THR A CB  1 
ATOM   274 O  OG1 . THR A 1 57  ? 0.49884   -7.50380  10.54605  1.000 39.45946 ? 133 THR A OG1 1 
ATOM   275 C  CG2 . THR A 1 57  ? -1.06107  -8.79691  9.25778   1.000 27.92669 ? 133 THR A CG2 1 
ATOM   276 N  N   . ASN A 1 58  ? -3.23637  -5.70522  8.92701   1.000 21.53275 ? 134 ASN A N   1 
ATOM   277 C  CA  . ASN A 1 58  ? -4.55078  -5.62678  8.30328   1.000 20.95857 ? 134 ASN A CA  1 
ATOM   278 C  C   . ASN A 1 58  ? -4.49124  -4.80773  7.02081   1.000 20.99447 ? 134 ASN A C   1 
ATOM   279 O  O   . ASN A 1 58  ? -5.11097  -5.16903  6.01537   1.000 19.41589 ? 134 ASN A O   1 
ATOM   280 C  CB  . ASN A 1 58  ? -5.56599  -5.02920  9.27715   1.000 24.89075 ? 134 ASN A CB  1 
ATOM   281 C  CG  . ASN A 1 58  ? -6.04219  -6.02942  10.31742  1.000 32.88133 ? 134 ASN A CG  1 
ATOM   282 O  OD1 . ASN A 1 58  ? -5.97037  -7.24198  10.11577  1.000 30.72619 ? 134 ASN A OD1 1 
ATOM   283 N  ND2 . ASN A 1 58  ? -6.54240  -5.51749  11.43888  1.000 35.17479 ? 134 ASN A ND2 1 
ATOM   284 N  N   . ASP A 1 59  ? -3.76142  -3.69086  7.04655   1.000 16.87372 ? 135 ASP A N   1 
ATOM   285 C  CA  . ASP A 1 59  ? -3.59334  -2.87419  5.84594   1.000 16.97186 ? 135 ASP A CA  1 
ATOM   286 C  C   . ASP A 1 59  ? -2.90242  -3.66616  4.74332   1.000 15.89340 ? 135 ASP A C   1 
ATOM   287 O  O   . ASP A 1 59  ? -3.36555  -3.70625  3.59634   1.000 14.09311 ? 135 ASP A O   1 
ATOM   288 C  CB  . ASP A 1 59  ? -2.77571  -1.62268  6.16946   1.000 17.70388 ? 135 ASP A CB  1 
ATOM   289 C  CG  . ASP A 1 59  ? -3.43625  -0.71031  7.21528   1.000 20.80386 ? 135 ASP A CG  1 
ATOM   290 O  OD1 . ASP A 1 59  ? -4.67234  -0.74819  7.38182   1.000 18.55534 ? 135 ASP A OD1 1 
ATOM   291 O  OD2 . ASP A 1 59  ? -2.69416  0.06337   7.86478   1.000 17.62451 ? 135 ASP A OD2 1 
ATOM   292 N  N   . ALA A 1 60  ? -1.77718  -4.29360  5.07668   1.000 15.43812 ? 136 ALA A N   1 
ATOM   293 C  CA  . ALA A 1 60  ? -1.02253  -5.05792  4.08721   1.000 16.98752 ? 136 ALA A CA  1 
ATOM   294 C  C   . ALA A 1 60  ? -1.82224  -6.24207  3.53811   1.000 15.85965 ? 136 ALA A C   1 
ATOM   295 O  O   . ALA A 1 60  ? -1.68846  -6.59603  2.35415   1.000 16.05890 ? 136 ALA A O   1 
ATOM   296 C  CB  . ALA A 1 60  ? 0.29274   -5.52724  4.71358   1.000 18.37108 ? 136 ALA A CB  1 
ATOM   297 N  N   . ASN A 1 61  ? -2.64277  -6.88659  4.37907   1.000 14.92385 ? 137 ASN A N   1 
ATOM   298 C  CA  . ASN A 1 61  ? -3.42542  -8.02765  3.90735   1.000 14.97183 ? 137 ASN A CA  1 
ATOM   299 C  C   . ASN A 1 61  ? -4.39759  -7.59819  2.81798   1.000 16.09264 ? 137 ASN A C   1 
ATOM   300 O  O   . ASN A 1 61  ? -4.64501  -8.34213  1.86025   1.000 15.51870 ? 137 ASN A O   1 
ATOM   301 C  CB  . ASN A 1 61  ? -4.18995  -8.68339  5.06851   1.000 19.67858 ? 137 ASN A CB  1 
ATOM   302 C  CG  . ASN A 1 61  ? -3.35987  -9.70932  5.82149   1.000 20.68769 ? 137 ASN A CG  1 
ATOM   303 O  OD1 . ASN A 1 61  ? -2.39430  -10.26028 5.28974   1.000 21.29971 ? 137 ASN A OD1 1 
ATOM   304 N  ND2 . ASN A 1 61  ? -3.73640  -9.97427  7.07073   1.000 23.98963 ? 137 ASN A ND2 1 
ATOM   305 N  N   . VAL A 1 62  ? -4.96609  -6.39923  2.95334   1.000 16.17366 ? 138 VAL A N   1 
ATOM   306 C  CA  . VAL A 1 62  ? -5.86257  -5.88140  1.92643   1.000 13.99388 ? 138 VAL A CA  1 
ATOM   307 C  C   . VAL A 1 62  ? -5.09596  -5.66444  0.62646   1.000 16.37553 ? 138 VAL A C   1 
ATOM   308 O  O   . VAL A 1 62  ? -5.56666  -6.02480  -0.46154  1.000 16.25462 ? 138 VAL A O   1 
ATOM   309 C  CB  . VAL A 1 62  ? -6.53856  -4.58799  2.42523   1.000 18.17562 ? 138 VAL A CB  1 
ATOM   310 C  CG1 . VAL A 1 62  ? -7.32786  -3.91726  1.30422   1.000 17.56598 ? 138 VAL A CG1 1 
ATOM   311 C  CG2 . VAL A 1 62  ? -7.45407  -4.89607  3.61197   1.000 17.42267 ? 138 VAL A CG2 1 
ATOM   312 N  N   . VAL A 1 63  ? -3.89709  -5.08572  0.71777   1.000 15.28726 ? 139 VAL A N   1 
ATOM   313 C  CA  . VAL A 1 63  ? -3.06875  -4.91121  -0.47631  1.000 12.73389 ? 139 VAL A CA  1 
ATOM   314 C  C   . VAL A 1 63  ? -2.84790  -6.25208  -1.15518  1.000 17.44845 ? 139 VAL A C   1 
ATOM   315 O  O   . VAL A 1 63  ? -3.05176  -6.40023  -2.36747  1.000 15.22203 ? 139 VAL A O   1 
ATOM   316 C  CB  . VAL A 1 63  ? -1.73047  -4.24226  -0.11090  1.000 15.06133 ? 139 VAL A CB  1 
ATOM   317 C  CG1 . VAL A 1 63  ? -0.77245  -4.31893  -1.28754  1.000 13.36599 ? 139 VAL A CG1 1 
ATOM   318 C  CG2 . VAL A 1 63  ? -1.95623  -2.78613  0.31507   1.000 14.32187 ? 139 VAL A CG2 1 
ATOM   319 N  N   . CYS A 1 64  ? -2.45682  -7.26038  -0.37360  1.000 14.39362 ? 140 CYS A N   1 
ATOM   320 C  CA  . CYS A 1 64  ? -2.15923  -8.55985  -0.96271  1.000 14.83072 ? 140 CYS A CA  1 
ATOM   321 C  C   . CYS A 1 64  ? -3.40679  -9.19623  -1.57238  1.000 16.58914 ? 140 CYS A C   1 
ATOM   322 O  O   . CYS A 1 64  ? -3.34255  -9.76614  -2.66867  1.000 14.52500 ? 140 CYS A O   1 
ATOM   323 C  CB  . CYS A 1 64  ? -1.52485  -9.46692  0.08940   1.000 16.78305 ? 140 CYS A CB  1 
ATOM   324 S  SG  . CYS A 1 64  ? 0.07439   -8.86500  0.69456   1.000 15.97433 ? 140 CYS A SG  1 
ATOM   325 N  N   . ARG A 1 65  ? -4.55706  -9.08413  -0.90262  1.000 14.65799 ? 141 ARG A N   1 
ATOM   326 C  CA  . ARG A 1 65  ? -5.78327  -9.65241  -1.45677  1.000 15.74531 ? 141 ARG A CA  1 
ATOM   327 C  C   . ARG A 1 65  ? -6.13786  -8.97745  -2.77538  1.000 16.46127 ? 141 ARG A C   1 
ATOM   328 O  O   . ARG A 1 65  ? -6.40625  -9.64472  -3.78631  1.000 16.66216 ? 141 ARG A O   1 
ATOM   329 C  CB  . ARG A 1 65  ? -6.92881  -9.51607  -0.44946  1.000 17.63885 ? 141 ARG A CB  1 
ATOM   330 C  CG  . ARG A 1 65  ? -8.30841  -9.72846  -1.06034  1.000 19.56798 ? 141 ARG A CG  1 
ATOM   331 C  CD  . ARG A 1 65  ? -9.39735  -9.48133  -0.03689  1.000 19.07668 ? 141 ARG A CD  1 
ATOM   332 N  NE  . ARG A 1 65  ? -9.22192  -10.32113 1.14954   1.000 20.42767 ? 141 ARG A NE  1 
ATOM   333 C  CZ  . ARG A 1 65  ? -8.90653  -9.84673  2.35397   1.000 27.25020 ? 141 ARG A CZ  1 
ATOM   334 N  NH1 . ARG A 1 65  ? -8.75231  -10.67228 3.38783   1.000 26.15021 ? 141 ARG A NH1 1 
ATOM   335 N  NH2 . ARG A 1 65  ? -8.74158  -8.54199  2.52360   1.000 19.01791 ? 141 ARG A NH2 1 
ATOM   336 N  N   . GLN A 1 66  ? -6.08070  -7.64702  -2.78515  1.000 14.55130 ? 142 GLN A N   1 
ATOM   337 C  CA  . GLN A 1 66  ? -6.41667  -6.84959  -3.95881  1.000 17.50743 ? 142 GLN A CA  1 
ATOM   338 C  C   . GLN A 1 66  ? -5.56262  -7.21891  -5.16727  1.000 16.57349 ? 142 GLN A C   1 
ATOM   339 O  O   . GLN A 1 66  ? -6.04391  -7.20983  -6.30957  1.000 18.12914 ? 142 GLN A O   1 
ATOM   340 C  CB  . GLN A 1 66  ? -6.23563  -5.38004  -3.59179  1.000 16.96394 ? 142 GLN A CB  1 
ATOM   341 C  CG  . GLN A 1 66  ? -6.39317  -4.42489  -4.70794  1.000 23.38633 ? 142 GLN A CG  1 
ATOM   342 C  CD  . GLN A 1 66  ? -6.26848  -2.99415  -4.23739  1.000 24.12195 ? 142 GLN A CD  1 
ATOM   343 O  OE1 . GLN A 1 66  ? -5.99507  -2.72239  -3.06102  1.000 21.53058 ? 142 GLN A OE1 1 
ATOM   344 N  NE2 . GLN A 1 66  ? -6.45537  -2.06858  -5.15992  1.000 24.19880 ? 142 GLN A NE2 1 
ATOM   345 N  N   . LEU A 1 67  ? -4.28836  -7.51018  -4.94621  1.000 15.15444 ? 143 LEU A N   1 
ATOM   346 C  CA  . LEU A 1 67  ? -3.40447  -7.85919  -6.04973  1.000 14.87592 ? 143 LEU A CA  1 
ATOM   347 C  C   . LEU A 1 67  ? -3.46070  -9.33679  -6.41336  1.000 17.04152 ? 143 LEU A C   1 
ATOM   348 O  O   . LEU A 1 67  ? -2.80216  -9.75417  -7.37620  1.000 18.37734 ? 143 LEU A O   1 
ATOM   349 C  CB  . LEU A 1 67  ? -1.96785  -7.46598  -5.70150  1.000 14.38545 ? 143 LEU A CB  1 
ATOM   350 C  CG  . LEU A 1 67  ? -1.78726  -5.95285  -5.54167  1.000 14.43037 ? 143 LEU A CG  1 
ATOM   351 C  CD1 . LEU A 1 67  ? -0.40365  -5.63173  -5.01238  1.000 19.93073 ? 143 LEU A CD1 1 
ATOM   352 C  CD2 . LEU A 1 67  ? -2.03654  -5.23136  -6.85081  1.000 17.20531 ? 143 LEU A CD2 1 
ATOM   353 N  N   . GLY A 1 68  ? -4.22316  -10.14260 -5.68715  1.000 15.93996 ? 144 GLY A N   1 
ATOM   354 C  CA  . GLY A 1 68  ? -4.15956  -11.56729 -5.95918  1.000 19.53456 ? 144 GLY A CA  1 
ATOM   355 C  C   . GLY A 1 68  ? -2.82716  -12.15025 -5.57101  1.000 21.42379 ? 144 GLY A C   1 
ATOM   356 O  O   . GLY A 1 68  ? -2.33514  -13.08134 -6.22776  1.000 19.80857 ? 144 GLY A O   1 
ATOM   357 N  N   . CYS A 1 69  ? -2.21632  -11.60242 -4.52194  1.000 15.88193 ? 145 CYS A N   1 
ATOM   358 C  CA  . CYS A 1 69  ? -0.88058  -11.97274 -4.09095  1.000 13.56700 ? 145 CYS A CA  1 
ATOM   359 C  C   . CYS A 1 69  ? -0.88602  -12.77771 -2.79843  1.000 17.58147 ? 145 CYS A C   1 
ATOM   360 O  O   . CYS A 1 69  ? 0.15957   -12.91283 -2.16517  1.000 16.40378 ? 145 CYS A O   1 
ATOM   361 C  CB  . CYS A 1 69  ? -0.02443  -10.71965 -3.91915  1.000 15.48801 ? 145 CYS A CB  1 
ATOM   362 S  SG  . CYS A 1 69  ? 0.54107   -10.03055 -5.46789  1.000 15.73979 ? 145 CYS A SG  1 
ATOM   363 N  N   . GLY A 1 70  ? -2.03295  -13.30522 -2.39338  1.000 19.69572 ? 146 GLY A N   1 
ATOM   364 C  CA  . GLY A 1 70  ? -2.10271  -14.11728 -1.18625  1.000 18.34821 ? 146 GLY A CA  1 
ATOM   365 C  C   . GLY A 1 70  ? -2.31188  -13.24650 0.03776   1.000 17.96136 ? 146 GLY A C   1 
ATOM   366 O  O   . GLY A 1 70  ? -3.23584  -12.42868 0.07140   1.000 18.93143 ? 146 GLY A O   1 
ATOM   367 N  N   . TRP A 1 71  ? -1.44372  -13.41096 1.03491   1.000 18.02957 ? 147 TRP A N   1 
ATOM   368 C  CA  . TRP A 1 71  ? -1.55845  -12.72276 2.31595   1.000 14.42112 ? 147 TRP A CA  1 
ATOM   369 C  C   . TRP A 1 71  ? -0.25303  -12.00161 2.62942   1.000 14.75155 ? 147 TRP A C   1 
ATOM   370 O  O   . TRP A 1 71  ? 0.79901   -12.29595 2.05695   1.000 15.19870 ? 147 TRP A O   1 
ATOM   371 C  CB  . TRP A 1 71  ? -1.90815  -13.71579 3.45281   1.000 18.56344 ? 147 TRP A CB  1 
ATOM   372 C  CG  . TRP A 1 71  ? -0.77507  -14.67038 3.84026   1.000 16.12064 ? 147 TRP A CG  1 
ATOM   373 C  CD1 . TRP A 1 71  ? 0.21738   -14.43757 4.75936   1.000 18.49005 ? 147 TRP A CD1 1 
ATOM   374 C  CD2 . TRP A 1 71  ? -0.55321  -15.99701 3.34610   1.000 21.78657 ? 147 TRP A CD2 1 
ATOM   375 N  NE1 . TRP A 1 71  ? 1.04880   -15.53065 4.84752   1.000 24.37843 ? 147 TRP A NE1 1 
ATOM   376 C  CE2 . TRP A 1 71  ? 0.60232   -16.49776 3.98694   1.000 22.40967 ? 147 TRP A CE2 1 
ATOM   377 C  CE3 . TRP A 1 71  ? -1.19959  -16.79615 2.40310   1.000 20.58999 ? 147 TRP A CE3 1 
ATOM   378 C  CZ2 . TRP A 1 71  ? 1.11158   -17.77263 3.72571   1.000 24.29102 ? 147 TRP A CZ2 1 
ATOM   379 C  CZ3 . TRP A 1 71  ? -0.69797  -18.06989 2.14314   1.000 27.59842 ? 147 TRP A CZ3 1 
ATOM   380 C  CH2 . TRP A 1 71  ? 0.44862   -18.54474 2.80048   1.000 26.83421 ? 147 TRP A CH2 1 
ATOM   381 N  N   . ALA A 1 72  ? -0.32610  -11.04431 3.55339   1.000 15.77229 ? 148 ALA A N   1 
ATOM   382 C  CA  . ALA A 1 72  ? 0.83258   -10.23286 3.89437   1.000 13.31658 ? 148 ALA A CA  1 
ATOM   383 C  C   . ALA A 1 72  ? 1.76145   -10.99944 4.82320   1.000 17.75845 ? 148 ALA A C   1 
ATOM   384 O  O   . ALA A 1 72  ? 1.37774   -11.35900 5.94360   1.000 18.33193 ? 148 ALA A O   1 
ATOM   385 C  CB  . ALA A 1 72  ? 0.39397   -8.92832  4.55309   1.000 18.38109 ? 148 ALA A CB  1 
ATOM   386 N  N   . MET A 1 73  ? 2.99345   -11.22601 4.37060   1.000 15.94025 ? 149 MET A N   1 
ATOM   387 C  CA  . MET A 1 73  ? 3.99426   -11.82480 5.24340   1.000 15.87677 ? 149 MET A CA  1 
ATOM   388 C  C   . MET A 1 73  ? 4.65490   -10.78876 6.13237   1.000 21.21156 ? 149 MET A C   1 
ATOM   389 O  O   . MET A 1 73  ? 5.05076   -11.10928 7.25571   1.000 22.03687 ? 149 MET A O   1 
ATOM   390 C  CB  . MET A 1 73  ? 5.03407   -12.56544 4.40344   1.000 15.50082 ? 149 MET A CB  1 
ATOM   391 C  CG  . MET A 1 73  ? 4.39323   -13.78910 3.76391   1.000 24.09400 ? 149 MET A CG  1 
ATOM   392 S  SD  . MET A 1 73  ? 5.55503   -14.91603 3.03168   1.000 35.24834 ? 149 MET A SD  1 
ATOM   393 C  CE  . MET A 1 73  ? 6.35896   -13.85981 1.85096   1.000 30.65997 ? 149 MET A CE  1 
ATOM   394 N  N   . SER A 1 74  ? 4.75471   -9.54965  5.65650   1.000 17.79458 ? 150 SER A N   1 
ATOM   395 C  CA  . SER A 1 74  ? 5.28383   -8.44578  6.44222   1.000 17.62514 ? 150 SER A CA  1 
ATOM   396 C  C   . SER A 1 74  ? 4.87207   -7.15299  5.76110   1.000 16.19489 ? 150 SER A C   1 
ATOM   397 O  O   . SER A 1 74  ? 4.40809   -7.14430  4.61110   1.000 14.61326 ? 150 SER A O   1 
ATOM   398 C  CB  . SER A 1 74  ? 6.80379   -8.52149  6.58182   1.000 20.90961 ? 150 SER A CB  1 
ATOM   399 O  OG  . SER A 1 74  ? 7.41939   -8.48140  5.30532   1.000 24.11832 ? 150 SER A OG  1 
ATOM   400 N  N   . ALA A 1 75  ? 5.02494   -6.06051  6.49890   1.000 17.14271 ? 151 ALA A N   1 
ATOM   401 C  CA  . ALA A 1 75  ? 4.68801   -4.72426  6.01448   1.000 16.61619 ? 151 ALA A CA  1 
ATOM   402 C  C   . ALA A 1 75  ? 5.88777   -3.82370  6.27038   1.000 17.01545 ? 151 ALA A C   1 
ATOM   403 O  O   . ALA A 1 75  ? 5.90495   -3.03233  7.22547   1.000 16.81847 ? 151 ALA A O   1 
ATOM   404 C  CB  . ALA A 1 75  ? 3.41622   -4.19926  6.67667   1.000 16.34689 ? 151 ALA A CB  1 
ATOM   405 N  N   . PRO A 1 76  ? 6.91268   -3.91335  5.42552   1.000 18.00978 ? 152 PRO A N   1 
ATOM   406 C  CA  . PRO A 1 76  ? 8.12736   -3.12239  5.65578   1.000 16.50861 ? 152 PRO A CA  1 
ATOM   407 C  C   . PRO A 1 76  ? 7.84885   -1.62746  5.69038   1.000 19.68761 ? 152 PRO A C   1 
ATOM   408 O  O   . PRO A 1 76  ? 7.00224   -1.10567  4.95669   1.000 17.13372 ? 152 PRO A O   1 
ATOM   409 C  CB  . PRO A 1 76  ? 9.02453   -3.50812  4.47726   1.000 15.81132 ? 152 PRO A CB  1 
ATOM   410 C  CG  . PRO A 1 76  ? 8.56924   -4.91236  4.11532   1.000 15.86727 ? 152 PRO A CG  1 
ATOM   411 C  CD  . PRO A 1 76  ? 7.07239   -4.87581  4.31989   1.000 17.01102 ? 152 PRO A CD  1 
ATOM   412 N  N   . GLY A 1 77  ? 8.57304   -0.94000  6.56819   1.000 16.98739 ? 153 GLY A N   1 
ATOM   413 C  CA  . GLY A 1 77  ? 8.29434   0.45462   6.83692   1.000 20.46041 ? 153 GLY A CA  1 
ATOM   414 C  C   . GLY A 1 77  ? 9.39497   1.42125   6.45321   1.000 15.92997 ? 153 GLY A C   1 
ATOM   415 O  O   . GLY A 1 77  ? 10.55110  1.02846   6.27304   1.000 16.37532 ? 153 GLY A O   1 
ATOM   416 N  N   . ASN A 1 78  ? 9.01967   2.68893   6.28679   1.000 16.45671 ? 154 ASN A N   1 
ATOM   417 C  CA  . ASN A 1 78  ? 9.94302   3.80961   6.12477   1.000 16.42093 ? 154 ASN A CA  1 
ATOM   418 C  C   . ASN A 1 78  ? 10.81943  3.63791   4.88605   1.000 17.98576 ? 154 ASN A C   1 
ATOM   419 O  O   . ASN A 1 78  ? 12.04916  3.59172   4.96677   1.000 16.20956 ? 154 ASN A O   1 
ATOM   420 C  CB  . ASN A 1 78  ? 10.80172  3.99612   7.38194   1.000 13.72878 ? 154 ASN A CB  1 
ATOM   421 C  CG  . ASN A 1 78  ? 9.96904   4.24218   8.62225   1.000 20.68794 ? 154 ASN A CG  1 
ATOM   422 O  OD1 . ASN A 1 78  ? 9.05992   5.07910   8.61428   1.000 19.61151 ? 154 ASN A OD1 1 
ATOM   423 N  ND2 . ASN A 1 78  ? 10.26347  3.50898   9.69339   1.000 19.74791 ? 154 ASN A ND2 1 
ATOM   424 N  N   . ALA A 1 79  ? 10.15704  3.52594   3.73195   1.000 18.35303 ? 155 ALA A N   1 
ATOM   425 C  CA  . ALA A 1 79  ? 10.83702  3.48488   2.43401   1.000 16.23635 ? 155 ALA A CA  1 
ATOM   426 C  C   . ALA A 1 79  ? 11.82504  2.32352   2.34777   1.000 20.01866 ? 155 ALA A C   1 
ATOM   427 O  O   . ALA A 1 79  ? 12.91405  2.44822   1.76911   1.000 20.06863 ? 155 ALA A O   1 
ATOM   428 C  CB  . ALA A 1 79  ? 11.53087  4.81183   2.13154   1.000 20.66761 ? 155 ALA A CB  1 
ATOM   429 N  N   . TRP A 1 80  ? 11.42243  1.17583   2.90547   1.000 15.04314 ? 156 TRP A N   1 
ATOM   430 C  CA  . TRP A 1 80  ? 12.22514  -0.04542  2.82126   1.000 16.58808 ? 156 TRP A CA  1 
ATOM   431 C  C   . TRP A 1 80  ? 12.59074  -0.38548  1.38584   1.000 18.34018 ? 156 TRP A C   1 
ATOM   432 O  O   . TRP A 1 80  ? 13.70906  -0.84206  1.10833   1.000 19.49643 ? 156 TRP A O   1 
ATOM   433 C  CB  . TRP A 1 80  ? 11.45659  -1.21026  3.44489   1.000 15.85641 ? 156 TRP A CB  1 
ATOM   434 C  CG  . TRP A 1 80  ? 12.15006  -2.54438  3.31345   1.000 19.09250 ? 156 TRP A CG  1 
ATOM   435 C  CD1 . TRP A 1 80  ? 11.84769  -3.55766  2.43316   1.000 20.43121 ? 156 TRP A CD1 1 
ATOM   436 C  CD2 . TRP A 1 80  ? 13.26136  -3.00734  4.09068   1.000 20.31369 ? 156 TRP A CD2 1 
ATOM   437 N  NE1 . TRP A 1 80  ? 12.71100  -4.62002  2.62140   1.000 19.12558 ? 156 TRP A NE1 1 
ATOM   438 C  CE2 . TRP A 1 80  ? 13.58405  -4.30737  3.63276   1.000 22.08890 ? 156 TRP A CE2 1 
ATOM   439 C  CE3 . TRP A 1 80  ? 14.01954  -2.44699  5.12463   1.000 20.67731 ? 156 TRP A CE3 1 
ATOM   440 C  CZ2 . TRP A 1 80  ? 14.62764  -5.04890  4.17707   1.000 22.39334 ? 156 TRP A CZ2 1 
ATOM   441 C  CZ3 . TRP A 1 80  ? 15.05737  -3.19133  5.66901   1.000 21.67897 ? 156 TRP A CZ3 1 
ATOM   442 C  CH2 . TRP A 1 80  ? 15.35317  -4.47374  5.18976   1.000 23.05521 ? 156 TRP A CH2 1 
ATOM   443 N  N   . PHE A 1 81  ? 11.63263  -0.24569  0.47058   1.000 15.08979 ? 157 PHE A N   1 
ATOM   444 C  CA  . PHE A 1 81  ? 11.85439  -0.46429  -0.94848  1.000 17.60011 ? 157 PHE A CA  1 
ATOM   445 C  C   . PHE A 1 81  ? 12.20153  0.81860   -1.67455  1.000 20.09536 ? 157 PHE A C   1 
ATOM   446 O  O   . PHE A 1 81  ? 11.96798  0.91623   -2.88537  1.000 20.42417 ? 157 PHE A O   1 
ATOM   447 C  CB  . PHE A 1 81  ? 10.61984  -1.10414  -1.59201  1.000 17.82564 ? 157 PHE A CB  1 
ATOM   448 C  CG  . PHE A 1 81  ? 10.28464  -2.46999  -1.06257  1.000 15.86870 ? 157 PHE A CG  1 
ATOM   449 C  CD1 . PHE A 1 81  ? 10.99608  -3.60134  -1.48534  1.000 15.27771 ? 157 PHE A CD1 1 
ATOM   450 C  CD2 . PHE A 1 81  ? 9.25145   -2.63092  -0.14507  1.000 15.70303 ? 157 PHE A CD2 1 
ATOM   451 C  CE1 . PHE A 1 81  ? 10.67864  -4.85990  -1.00900  1.000 17.32910 ? 157 PHE A CE1 1 
ATOM   452 C  CE2 . PHE A 1 81  ? 8.92792   -3.87966  0.34270   1.000 14.72834 ? 157 PHE A CE2 1 
ATOM   453 C  CZ  . PHE A 1 81  ? 9.64324   -5.00760  -0.09410  1.000 15.42099 ? 157 PHE A CZ  1 
ATOM   454 N  N   . GLY A 1 82  ? 12.74590  1.80342   -0.96717  1.000 17.26575 ? 158 GLY A N   1 
ATOM   455 C  CA  . GLY A 1 82  ? 13.08577  3.07344   -1.56697  1.000 17.54938 ? 158 GLY A CA  1 
ATOM   456 C  C   . GLY A 1 82  ? 11.96747  4.09746   -1.45274  1.000 23.37808 ? 158 GLY A C   1 
ATOM   457 O  O   . GLY A 1 82  ? 10.80412  3.77896   -1.21895  1.000 20.37215 ? 158 GLY A O   1 
ATOM   458 N  N   . GLN A 1 83  ? 12.34343  5.36015   -1.61338  1.000 17.83002 ? 159 GLN A N   1 
ATOM   459 C  CA  . GLN A 1 83  ? 11.37186  6.43850   -1.56098  1.000 18.76733 ? 159 GLN A CA  1 
ATOM   460 C  C   . GLN A 1 83  ? 10.68620  6.60199   -2.90449  1.000 21.29395 ? 159 GLN A C   1 
ATOM   461 O  O   . GLN A 1 83  ? 11.33248  6.55935   -3.95578  1.000 21.16452 ? 159 GLN A O   1 
ATOM   462 C  CB  . GLN A 1 83  ? 12.05738  7.74457   -1.16858  1.000 22.50457 ? 159 GLN A CB  1 
ATOM   463 C  CG  . GLN A 1 83  ? 12.45497  7.80229   0.28405   1.000 22.69190 ? 159 GLN A CG  1 
ATOM   464 C  CD  . GLN A 1 83  ? 12.96865  9.16836   0.68481   1.000 25.14984 ? 159 GLN A CD  1 
ATOM   465 O  OE1 . GLN A 1 83  ? 12.66565  10.17017  0.04459   1.000 25.66372 ? 159 GLN A OE1 1 
ATOM   466 N  NE2 . GLN A 1 83  ? 13.74607  9.21136   1.74117   1.000 26.05764 ? 159 GLN A NE2 1 
ATOM   467 N  N   . GLY A 1 84  ? 9.36868   6.77820   -2.86669  1.000 18.83131 ? 160 GLY A N   1 
ATOM   468 C  CA  . GLY A 1 84  ? 8.62510   7.19547   -4.03414  1.000 20.82604 ? 160 GLY A CA  1 
ATOM   469 C  C   . GLY A 1 84  ? 8.85736   8.67317   -4.33047  1.000 25.23071 ? 160 GLY A C   1 
ATOM   470 O  O   . GLY A 1 84  ? 9.73019   9.33142   -3.76431  1.000 22.76231 ? 160 GLY A O   1 
ATOM   471 N  N   . SER A 1 85  ? 8.04146   9.19740   -5.24138  1.000 21.21389 ? 161 SER A N   1 
ATOM   472 C  CA  . SER A 1 85  ? 8.13532   10.59710  -5.64315  1.000 26.55330 ? 161 SER A CA  1 
ATOM   473 C  C   . SER A 1 85  ? 6.74281   11.15673  -5.89794  1.000 30.08453 ? 161 SER A C   1 
ATOM   474 O  O   . SER A 1 85  ? 5.78994   10.41583  -6.15559  1.000 29.46855 ? 161 SER A O   1 
ATOM   475 C  CB  . SER A 1 85  ? 9.00296   10.75843  -6.89633  1.000 28.35131 ? 161 SER A CB  1 
ATOM   476 O  OG  . SER A 1 85  ? 8.36752   10.16451  -8.01414  1.000 34.83766 ? 161 SER A OG  1 
ATOM   477 N  N   . GLY A 1 86  ? 6.63634   12.48504  -5.83125  1.000 24.88025 ? 162 GLY A N   1 
ATOM   478 C  CA  . GLY A 1 86  ? 5.39677   13.15533  -6.13367  1.000 23.26197 ? 162 GLY A CA  1 
ATOM   479 C  C   . GLY A 1 86  ? 4.48099   13.21242  -4.93219  1.000 28.03846 ? 162 GLY A C   1 
ATOM   480 O  O   . GLY A 1 86  ? 4.82957   12.74573  -3.84571  1.000 24.84870 ? 162 GLY A O   1 
ATOM   481 N  N   . PRO A 1 87  ? 3.28805   13.78835  -5.10470  1.000 32.42960 ? 163 PRO A N   1 
ATOM   482 C  CA  . PRO A 1 87  ? 2.35409   13.90936  -3.97420  1.000 27.70958 ? 163 PRO A CA  1 
ATOM   483 C  C   . PRO A 1 87  ? 1.95148   12.54429  -3.42766  1.000 27.68011 ? 163 PRO A C   1 
ATOM   484 O  O   . PRO A 1 87  ? 1.74935   11.58635  -4.17345  1.000 29.63395 ? 163 PRO A O   1 
ATOM   485 C  CB  . PRO A 1 87  ? 1.15397   14.65517  -4.57684  1.000 33.10573 ? 163 PRO A CB  1 
ATOM   486 C  CG  . PRO A 1 87  ? 1.69901   15.34147  -5.81102  1.000 36.58983 ? 163 PRO A CG  1 
ATOM   487 C  CD  . PRO A 1 87  ? 2.77031   14.42370  -6.33253  1.000 36.06659 ? 163 PRO A CD  1 
ATOM   488 N  N   . ILE A 1 88  ? 1.85083   12.46896  -2.10868  1.000 27.39578 ? 164 ILE A N   1 
ATOM   489 C  CA  . ILE A 1 88  ? 1.56437   11.22734  -1.40526  1.000 24.34810 ? 164 ILE A CA  1 
ATOM   490 C  C   . ILE A 1 88  ? 0.05390   11.02740  -1.35211  1.000 22.44811 ? 164 ILE A C   1 
ATOM   491 O  O   . ILE A 1 88  ? -0.69521  11.95074  -1.01263  1.000 25.11748 ? 164 ILE A O   1 
ATOM   492 C  CB  . ILE A 1 88  ? 2.19507   11.25929  -0.00702  1.000 24.22565 ? 164 ILE A CB  1 
ATOM   493 C  CG1 . ILE A 1 88  ? 3.72527   11.29255  -0.16065  1.000 22.50433 ? 164 ILE A CG1 1 
ATOM   494 C  CG2 . ILE A 1 88  ? 1.72762   10.08635  0.84549   1.000 21.67462 ? 164 ILE A CG2 1 
ATOM   495 C  CD1 . ILE A 1 88  ? 4.48198   11.39739  1.12268   1.000 27.41221 ? 164 ILE A CD1 1 
ATOM   496 N  N   . ALA A 1 89  ? -0.40049  9.82403   -1.71063  1.000 18.51048 ? 165 ALA A N   1 
ATOM   497 C  CA  . ALA A 1 89  ? -1.83031  9.60553   -1.91660  1.000 18.83301 ? 165 ALA A CA  1 
ATOM   498 C  C   . ALA A 1 89  ? -2.57553  9.42647   -0.59771  1.000 22.70009 ? 165 ALA A C   1 
ATOM   499 O  O   . ALA A 1 89  ? -3.54903  10.13867  -0.33128  1.000 20.59525 ? 165 ALA A O   1 
ATOM   500 C  CB  . ALA A 1 89  ? -2.05752  8.39763   -2.83118  1.000 19.99851 ? 165 ALA A CB  1 
ATOM   501 N  N   . LEU A 1 90  ? -2.13978  8.48529   0.24020   1.000 17.65823 ? 166 LEU A N   1 
ATOM   502 C  CA  . LEU A 1 90  ? -2.84193  8.16331   1.47400   1.000 14.53470 ? 166 LEU A CA  1 
ATOM   503 C  C   . LEU A 1 90  ? -1.91549  8.28044   2.67441   1.000 20.33543 ? 166 LEU A C   1 
ATOM   504 O  O   . LEU A 1 90  ? -0.70239  8.06183   2.57668   1.000 19.29473 ? 166 LEU A O   1 
ATOM   505 C  CB  . LEU A 1 90  ? -3.44156  6.74409   1.44595   1.000 14.59663 ? 166 LEU A CB  1 
ATOM   506 C  CG  . LEU A 1 90  ? -4.55696  6.51266   0.42897   1.000 17.33483 ? 166 LEU A CG  1 
ATOM   507 C  CD1 . LEU A 1 90  ? -5.07235  5.07498   0.53401   1.000 20.00878 ? 166 LEU A CD1 1 
ATOM   508 C  CD2 . LEU A 1 90  ? -5.68302  7.50738   0.67459   1.000 17.85106 ? 166 LEU A CD2 1 
ATOM   509 N  N   . ASP A 1 91  ? -2.50453  8.63302   3.81725   1.000 16.89173 ? 167 ASP A N   1 
ATOM   510 C  CA  . ASP A 1 91  ? -1.74375  8.64411   5.05742   1.000 21.13344 ? 167 ASP A CA  1 
ATOM   511 C  C   . ASP A 1 91  ? -2.32197  7.62304   6.02414   1.000 23.92320 ? 167 ASP A C   1 
ATOM   512 O  O   . ASP A 1 91  ? -1.92576  6.45446   6.00239   1.000 20.07450 ? 167 ASP A O   1 
ATOM   513 C  CB  . ASP A 1 91  ? -1.72871  10.04552  5.67104   1.000 21.25997 ? 167 ASP A CB  1 
ATOM   514 C  CG  . ASP A 1 91  ? -0.94910  10.10898  6.97845   1.000 25.79289 ? 167 ASP A CG  1 
ATOM   515 O  OD1 . ASP A 1 91  ? -0.35934  9.08996   7.40265   1.000 22.39557 ? 167 ASP A OD1 1 
ATOM   516 O  OD2 . ASP A 1 91  ? -0.92403  11.19070  7.58520   1.000 31.87964 ? 167 ASP A OD2 1 
ATOM   517 N  N   . ASP A 1 92  ? -3.27114  8.03713   6.86007   1.000 19.92064 ? 168 ASP A N   1 
ATOM   518 C  CA  . ASP A 1 92  ? -3.79923  7.15878   7.90393   1.000 20.32178 ? 168 ASP A CA  1 
ATOM   519 C  C   . ASP A 1 92  ? -4.88200  6.27055   7.29867   1.000 18.24359 ? 168 ASP A C   1 
ATOM   520 O  O   . ASP A 1 92  ? -6.02912  6.68728   7.14161   1.000 17.17385 ? 168 ASP A O   1 
ATOM   521 C  CB  . ASP A 1 92  ? -4.32786  7.98723   9.06869   1.000 19.46005 ? 168 ASP A CB  1 
ATOM   522 C  CG  . ASP A 1 92  ? -4.50132  7.17449   10.33449  1.000 25.80298 ? 168 ASP A CG  1 
ATOM   523 O  OD1 . ASP A 1 92  ? -4.78322  5.96444   10.23450  1.000 21.25306 ? 168 ASP A OD1 1 
ATOM   524 O  OD2 . ASP A 1 92  ? -4.35707  7.75016   11.43383  1.000 25.04001 ? 168 ASP A OD2 1 
ATOM   525 N  N   . VAL A 1 93  ? -4.50969  5.03991   6.94667   1.000 20.10649 ? 169 VAL A N   1 
ATOM   526 C  CA  . VAL A 1 93  ? -5.40915  4.03486   6.38107   1.000 18.34600 ? 169 VAL A CA  1 
ATOM   527 C  C   . VAL A 1 93  ? -5.65221  2.98138   7.45044   1.000 17.63550 ? 169 VAL A C   1 
ATOM   528 O  O   . VAL A 1 93  ? -4.69729  2.36460   7.93402   1.000 17.61903 ? 169 VAL A O   1 
ATOM   529 C  CB  . VAL A 1 93  ? -4.80147  3.37751   5.13106   1.000 18.75674 ? 169 VAL A CB  1 
ATOM   530 C  CG1 . VAL A 1 93  ? -5.84728  2.47752   4.43764   1.000 17.15237 ? 169 VAL A CG1 1 
ATOM   531 C  CG2 . VAL A 1 93  ? -4.23489  4.42152   4.20408   1.000 20.29382 ? 169 VAL A CG2 1 
ATOM   532 N  N   . ARG A 1 94  ? -6.91516  2.73586   7.80089   1.000 16.07047 ? 170 ARG A N   1 
ATOM   533 C  CA  . ARG A 1 94  ? -7.24141  1.83012   8.90709   1.000 16.30192 ? 170 ARG A CA  1 
ATOM   534 C  C   . ARG A 1 94  ? -8.12794  0.68517   8.41753   1.000 18.00347 ? 170 ARG A C   1 
ATOM   535 O  O   . ARG A 1 94  ? -9.32438  0.62771   8.73749   1.000 16.33736 ? 170 ARG A O   1 
ATOM   536 C  CB  . ARG A 1 94  ? -7.89860  2.60218   10.04029  1.000 18.79274 ? 170 ARG A CB  1 
ATOM   537 C  CG  . ARG A 1 94  ? -6.94872  3.61866   10.63015  1.000 23.21674 ? 170 ARG A CG  1 
ATOM   538 C  CD  . ARG A 1 94  ? -7.44316  4.17108   11.93630  1.000 27.75778 ? 170 ARG A CD  1 
ATOM   539 N  NE  . ARG A 1 94  ? -6.59207  5.26658   12.37369  1.000 27.37260 ? 170 ARG A NE  1 
ATOM   540 C  CZ  . ARG A 1 94  ? -6.88069  6.05629   13.39398  1.000 33.89287 ? 170 ARG A CZ  1 
ATOM   541 N  NH1 . ARG A 1 94  ? -6.06017  7.03918   13.72339  1.000 30.63673 ? 170 ARG A NH1 1 
ATOM   542 N  NH2 . ARG A 1 94  ? -7.99164  5.85057   14.08218  1.000 29.27212 ? 170 ARG A NH2 1 
ATOM   543 N  N   . CYS A 1 95  ? -7.53416  -0.25795  7.68238   1.000 16.50768 ? 171 CYS A N   1 
ATOM   544 C  CA  . CYS A 1 95  ? -8.29901  -1.40076  7.19968   1.000 19.40648 ? 171 CYS A CA  1 
ATOM   545 C  C   . CYS A 1 95  ? -8.70155  -2.30196  8.35251   1.000 17.72034 ? 171 CYS A C   1 
ATOM   546 O  O   . CYS A 1 95  ? -7.91261  -2.54440  9.26944   1.000 19.38253 ? 171 CYS A O   1 
ATOM   547 C  CB  . CYS A 1 95  ? -7.48504  -2.22552  6.20120   1.000 20.39201 ? 171 CYS A CB  1 
ATOM   548 S  SG  . CYS A 1 95  ? -6.96011  -1.31567  4.75483   1.000 18.70878 ? 171 CYS A SG  1 
ATOM   549 N  N   . SER A 1 96  ? -9.93013  -2.81975  8.28631   1.000 21.53196 ? 172 SER A N   1 
ATOM   550 C  CA  . SER A 1 96  ? -10.29688 -3.94706  9.13559   1.000 26.44802 ? 172 SER A CA  1 
ATOM   551 C  C   . SER A 1 96  ? -9.49638  -5.18940  8.76884   1.000 31.34936 ? 172 SER A C   1 
ATOM   552 O  O   . SER A 1 96  ? -9.22868  -6.03743  9.62762   1.000 25.00736 ? 172 SER A O   1 
ATOM   553 C  CB  . SER A 1 96  ? -11.79383 -4.23559  9.00979   1.000 28.66055 ? 172 SER A CB  1 
ATOM   554 O  OG  . SER A 1 96  ? -12.06235 -4.89615  7.78134   1.000 32.33958 ? 172 SER A OG  1 
ATOM   555 N  N   . GLY A 1 97  ? -9.09526  -5.31055  7.50485   1.000 25.29675 ? 173 GLY A N   1 
ATOM   556 C  CA  . GLY A 1 97  ? -8.39379  -6.48200  7.02374   1.000 27.89952 ? 173 GLY A CA  1 
ATOM   557 C  C   . GLY A 1 97  ? -9.19721  -7.34010  6.07096   1.000 23.80243 ? 173 GLY A C   1 
ATOM   558 O  O   . GLY A 1 97  ? -8.62024  -8.22607  5.42552   1.000 26.08605 ? 173 GLY A O   1 
ATOM   559 N  N   A HIS A 1 98  ? -10.49841 -7.09753  5.93741   0.469 25.99810 ? 174 HIS A N   1 
ATOM   560 N  N   B HIS A 1 98  ? -10.50484 -7.10808  5.95900   0.531 26.00613 ? 174 HIS A N   1 
ATOM   561 C  CA  A HIS A 1 98  ? -11.35121 -7.90239  5.07417   0.469 25.70336 ? 174 HIS A CA  1 
ATOM   562 C  CA  B HIS A 1 98  ? -11.36059 -7.89210  5.07826   0.531 25.70844 ? 174 HIS A CA  1 
ATOM   563 C  C   A HIS A 1 98  ? -11.75462 -7.18332  3.79497   0.469 24.01115 ? 174 HIS A C   1 
ATOM   564 C  C   B HIS A 1 98  ? -11.56635 -7.25313  3.71367   0.531 23.93940 ? 174 HIS A C   1 
ATOM   565 O  O   A HIS A 1 98  ? -12.49446 -7.75411  2.98513   0.469 24.26164 ? 174 HIS A O   1 
ATOM   566 O  O   B HIS A 1 98  ? -11.97284 -7.95172  2.77685   0.531 23.22232 ? 174 HIS A O   1 
ATOM   567 C  CB  A HIS A 1 98  ? -12.60259 -8.33982  5.84233   0.469 25.57077 ? 174 HIS A CB  1 
ATOM   568 C  CB  B HIS A 1 98  ? -12.73371 -8.10896  5.72894   0.531 25.53573 ? 174 HIS A CB  1 
ATOM   569 C  CG  A HIS A 1 98  ? -12.35106 -8.61276  7.29180   0.469 25.94449 ? 174 HIS A CG  1 
ATOM   570 C  CG  B HIS A 1 98  ? -13.65142 -6.93006  5.60869   0.531 26.22944 ? 174 HIS A CG  1 
ATOM   571 N  ND1 A HIS A 1 98  ? -11.71088 -9.75053  7.73325   0.469 28.06812 ? 174 HIS A ND1 1 
ATOM   572 N  ND1 B HIS A 1 98  ? -13.73399 -5.95015  6.57446   0.531 27.18251 ? 174 HIS A ND1 1 
ATOM   573 C  CD2 A HIS A 1 98  ? -12.63890 -7.88836  8.39986   0.469 27.21670 ? 174 HIS A CD2 1 
ATOM   574 C  CD2 B HIS A 1 98  ? -14.52382 -6.57279  4.63582   0.531 26.04216 ? 174 HIS A CD2 1 
ATOM   575 C  CE1 A HIS A 1 98  ? -11.62301 -9.71970  9.05106   0.469 25.60676 ? 174 HIS A CE1 1 
ATOM   576 C  CE1 B HIS A 1 98  ? -14.61655 -5.04013  6.20251   0.531 25.56668 ? 174 HIS A CE1 1 
ATOM   577 N  NE2 A HIS A 1 98  ? -12.17997 -8.60153  9.47994   0.469 27.06436 ? 174 HIS A NE2 1 
ATOM   578 N  NE2 B HIS A 1 98  ? -15.10569 -5.39176  5.02661   0.531 22.36720 ? 174 HIS A NE2 1 
ATOM   579 N  N   . GLU A 1 99  ? -11.28571 -5.95661  3.58727   1.000 23.99266 ? 175 GLU A N   1 
ATOM   580 C  CA  . GLU A 1 99  ? -11.67695 -5.18640  2.41487   1.000 22.99403 ? 175 GLU A CA  1 
ATOM   581 C  C   . GLU A 1 99  ? -11.04606 -5.73035  1.13830   1.000 18.83719 ? 175 GLU A C   1 
ATOM   582 O  O   . GLU A 1 99  ? -9.96836  -6.32773  1.15316   1.000 22.84728 ? 175 GLU A O   1 
ATOM   583 C  CB  . GLU A 1 99  ? -11.28060 -3.72123  2.59873   1.000 21.88463 ? 175 GLU A CB  1 
ATOM   584 C  CG  . GLU A 1 99  ? -11.94199 -3.05888  3.79880   1.000 21.50555 ? 175 GLU A CG  1 
ATOM   585 C  CD  . GLU A 1 99  ? -11.12174 -3.13100  5.07611   1.000 26.04414 ? 175 GLU A CD  1 
ATOM   586 O  OE1 . GLU A 1 99  ? -10.26647 -4.03804  5.22214   1.000 21.52622 ? 175 GLU A OE1 1 
ATOM   587 O  OE2 . GLU A 1 99  ? -11.35389 -2.26727  5.95095   1.000 23.49284 ? 175 GLU A OE2 1 
ATOM   588 N  N   . SER A 1 100 ? -11.73331 -5.49888  0.01795   1.000 20.29574 ? 176 SER A N   1 
ATOM   589 C  CA  . SER A 1 100 ? -11.23677 -5.95493  -1.27126  1.000 20.54625 ? 176 SER A CA  1 
ATOM   590 C  C   . SER A 1 100 ? -10.24200 -4.99486  -1.89811  1.000 22.27291 ? 176 SER A C   1 
ATOM   591 O  O   . SER A 1 100 ? -9.48541  -5.41521  -2.77643  1.000 19.93603 ? 176 SER A O   1 
ATOM   592 C  CB  . SER A 1 100 ? -12.40197 -6.18412  -2.23454  1.000 28.22943 ? 176 SER A CB  1 
ATOM   593 O  OG  . SER A 1 100 ? -13.21269 -7.24827  -1.77447  1.000 30.85462 ? 176 SER A OG  1 
ATOM   594 N  N   . TYR A 1 101 ? -10.23331 -3.72449  -1.48588  1.000 17.72003 ? 177 TYR A N   1 
ATOM   595 C  CA  . TYR A 1 101 ? -9.35417  -2.71698  -2.06851  1.000 18.92670 ? 177 TYR A CA  1 
ATOM   596 C  C   . TYR A 1 101 ? -8.84242  -1.80733  -0.96529  1.000 19.08210 ? 177 TYR A C   1 
ATOM   597 O  O   . TYR A 1 101 ? -9.55868  -1.51298  -0.00283  1.000 19.55021 ? 177 TYR A O   1 
ATOM   598 C  CB  . TYR A 1 101 ? -10.06764 -1.85576  -3.12855  1.000 20.34388 ? 177 TYR A CB  1 
ATOM   599 C  CG  . TYR A 1 101 ? -10.75148 -2.66327  -4.19785  1.000 22.25578 ? 177 TYR A CG  1 
ATOM   600 C  CD1 . TYR A 1 101 ? -10.06025 -3.07675  -5.32713  1.000 24.93209 ? 177 TYR A CD1 1 
ATOM   601 C  CD2 . TYR A 1 101 ? -12.08424 -3.02747  -4.07272  1.000 23.55439 ? 177 TYR A CD2 1 
ATOM   602 C  CE1 . TYR A 1 101 ? -10.68008 -3.83394  -6.30815  1.000 28.96823 ? 177 TYR A CE1 1 
ATOM   603 C  CE2 . TYR A 1 101 ? -12.71543 -3.78204  -5.04677  1.000 26.17677 ? 177 TYR A CE2 1 
ATOM   604 C  CZ  . TYR A 1 101 ? -12.00698 -4.18415  -6.16252  1.000 28.82665 ? 177 TYR A CZ  1 
ATOM   605 O  OH  . TYR A 1 101 ? -12.62789 -4.92987  -7.14251  1.000 36.11559 ? 177 TYR A OH  1 
ATOM   606 N  N   . LEU A 1 102 ? -7.59623  -1.35122  -1.11261  1.000 18.74558 ? 178 LEU A N   1 
ATOM   607 C  CA  . LEU A 1 102 ? -7.04215  -0.45866  -0.10065  1.000 16.83435 ? 178 LEU A CA  1 
ATOM   608 C  C   . LEU A 1 102 ? -7.83576  0.83460   -0.01719  1.000 16.96753 ? 178 LEU A C   1 
ATOM   609 O  O   . LEU A 1 102 ? -7.98384  1.40614   1.06958   1.000 16.95381 ? 178 LEU A O   1 
ATOM   610 C  CB  . LEU A 1 102 ? -5.57070  -0.15607  -0.39747  1.000 17.35923 ? 178 LEU A CB  1 
ATOM   611 C  CG  . LEU A 1 102 ? -4.81456  0.60710   0.69196   1.000 17.14684 ? 178 LEU A CG  1 
ATOM   612 C  CD1 . LEU A 1 102 ? -4.81534  -0.15937  1.99919   1.000 21.28245 ? 178 LEU A CD1 1 
ATOM   613 C  CD2 . LEU A 1 102 ? -3.36773  0.91920   0.23099   1.000 17.11850 ? 178 LEU A CD2 1 
ATOM   614 N  N   . TRP A 1 103 ? -8.35894  1.30282   -1.14476  1.000 21.64253 ? 179 TRP A N   1 
ATOM   615 C  CA  . TRP A 1 103 ? -9.13288  2.53423   -1.16054  1.000 18.16685 ? 179 TRP A CA  1 
ATOM   616 C  C   . TRP A 1 103 ? -10.54887 2.34459   -0.64192  1.000 21.08590 ? 179 TRP A C   1 
ATOM   617 O  O   . TRP A 1 103 ? -11.32026 3.31292   -0.62139  1.000 20.61060 ? 179 TRP A O   1 
ATOM   618 C  CB  . TRP A 1 103 ? -9.15752  3.12579   -2.56798  1.000 20.33283 ? 179 TRP A CB  1 
ATOM   619 C  CG  . TRP A 1 103 ? -9.51672  2.15897   -3.66947  1.000 23.37933 ? 179 TRP A CG  1 
ATOM   620 C  CD1 . TRP A 1 103 ? -10.75416 1.67209   -3.95080  1.000 19.74452 ? 179 TRP A CD1 1 
ATOM   621 C  CD2 . TRP A 1 103 ? -8.62801  1.59286   -4.65300  1.000 23.11412 ? 179 TRP A CD2 1 
ATOM   622 N  NE1 . TRP A 1 103 ? -10.70119 0.84102   -5.04302  1.000 22.67332 ? 179 TRP A NE1 1 
ATOM   623 C  CE2 . TRP A 1 103 ? -9.40686  0.77278   -5.49216  1.000 25.50306 ? 179 TRP A CE2 1 
ATOM   624 C  CE3 . TRP A 1 103 ? -7.25312  1.70589   -4.90218  1.000 23.82798 ? 179 TRP A CE3 1 
ATOM   625 C  CZ2 . TRP A 1 103 ? -8.85742  0.05003   -6.56626  1.000 27.00586 ? 179 TRP A CZ2 1 
ATOM   626 C  CZ3 . TRP A 1 103 ? -6.70675  0.99653   -5.96739  1.000 22.26404 ? 179 TRP A CZ3 1 
ATOM   627 C  CH2 . TRP A 1 103 ? -7.51261  0.18596   -6.79436  1.000 22.55830 ? 179 TRP A CH2 1 
ATOM   628 N  N   . SER A 1 104 ? -10.90167 1.13148   -0.21668  1.000 18.40255 ? 180 SER A N   1 
ATOM   629 C  CA  . SER A 1 104 ? -12.15882 0.87386   0.47272   1.000 18.47690 ? 180 SER A CA  1 
ATOM   630 C  C   . SER A 1 104 ? -12.01040 0.92128   1.98560   1.000 18.25825 ? 180 SER A C   1 
ATOM   631 O  O   . SER A 1 104 ? -13.01857 0.92502   2.69827   1.000 17.85193 ? 180 SER A O   1 
ATOM   632 C  CB  . SER A 1 104 ? -12.71430 -0.48854  0.06110   1.000 20.46190 ? 180 SER A CB  1 
ATOM   633 O  OG  . SER A 1 104 ? -13.00175 -0.52000  -1.33196  1.000 23.45374 ? 180 SER A OG  1 
ATOM   634 N  N   . CYS A 1 105 ? -10.77999 0.95081   2.48881   1.000 15.80544 ? 181 CYS A N   1 
ATOM   635 C  CA  . CYS A 1 105 ? -10.55346 1.04196   3.91387   1.000 14.66873 ? 181 CYS A CA  1 
ATOM   636 C  C   . CYS A 1 105 ? -10.83156 2.45600   4.41161   1.000 15.37562 ? 181 CYS A C   1 
ATOM   637 O  O   . CYS A 1 105 ? -10.65644 3.43123   3.67426   1.000 16.98422 ? 181 CYS A O   1 
ATOM   638 C  CB  . CYS A 1 105 ? -9.11232  0.67852   4.25467   1.000 16.57508 ? 181 CYS A CB  1 
ATOM   639 S  SG  . CYS A 1 105 ? -8.69077  -0.97693  3.73600   1.000 17.81381 ? 181 CYS A SG  1 
ATOM   640 N  N   . PRO A 1 106 ? -11.25014 2.58924   5.66144   1.000 16.80996 ? 182 PRO A N   1 
ATOM   641 C  CA  . PRO A 1 106 ? -11.32116 3.91552   6.28080   1.000 16.28141 ? 182 PRO A CA  1 
ATOM   642 C  C   . PRO A 1 106 ? -9.97893  4.61481   6.16953   1.000 17.63898 ? 182 PRO A C   1 
ATOM   643 O  O   . PRO A 1 106 ? -8.93224  4.01315   6.40653   1.000 17.50989 ? 182 PRO A O   1 
ATOM   644 C  CB  . PRO A 1 106 ? -11.68328 3.60372   7.73725   1.000 16.52783 ? 182 PRO A CB  1 
ATOM   645 C  CG  . PRO A 1 106 ? -12.34877 2.24843   7.67777   1.000 15.76402 ? 182 PRO A CG  1 
ATOM   646 C  CD  . PRO A 1 106 ? -11.66603 1.50503   6.56953   1.000 16.26529 ? 182 PRO A CD  1 
ATOM   647 N  N   . HIS A 1 107 ? -10.00461 5.88099   5.75770   1.000 17.23335 ? 183 HIS A N   1 
ATOM   648 C  CA  . HIS A 1 107 ? -8.76685  6.63413   5.61809   1.000 15.92897 ? 183 HIS A CA  1 
ATOM   649 C  C   . HIS A 1 107 ? -9.05165  8.11073   5.82420   1.000 16.31510 ? 183 HIS A C   1 
ATOM   650 O  O   . HIS A 1 107 ? -10.19483 8.56233   5.72113   1.000 16.28709 ? 183 HIS A O   1 
ATOM   651 C  CB  . HIS A 1 107 ? -8.09584  6.39105   4.25759   1.000 17.75670 ? 183 HIS A CB  1 
ATOM   652 C  CG  . HIS A 1 107 ? -8.90504  6.83691   3.07897   1.000 17.12164 ? 183 HIS A CG  1 
ATOM   653 N  ND1 . HIS A 1 107 ? -9.11613  8.16623   2.77720   1.000 18.88767 ? 183 HIS A ND1 1 
ATOM   654 C  CD2 . HIS A 1 107 ? -9.54425  6.12644   2.11830   1.000 20.63940 ? 183 HIS A CD2 1 
ATOM   655 C  CE1 . HIS A 1 107 ? -9.84572  8.25685   1.68131   1.000 20.18112 ? 183 HIS A CE1 1 
ATOM   656 N  NE2 . HIS A 1 107 ? -10.11869 7.03284   1.25974   1.000 18.56612 ? 183 HIS A NE2 1 
ATOM   657 N  N   . ASN A 1 108 ? -7.99392  8.86889   6.10698   1.000 18.33368 ? 184 ASN A N   1 
ATOM   658 C  CA  . ASN A 1 108 ? -8.16255  10.27954  6.43597   1.000 18.25967 ? 184 ASN A CA  1 
ATOM   659 C  C   . ASN A 1 108 ? -7.92161  11.19743  5.23996   1.000 18.85827 ? 184 ASN A C   1 
ATOM   660 O  O   . ASN A 1 108 ? -7.56484  12.36871  5.41080   1.000 23.13880 ? 184 ASN A O   1 
ATOM   661 C  CB  . ASN A 1 108 ? -7.29657  10.65948  7.64279   1.000 19.78342 ? 184 ASN A CB  1 
ATOM   662 C  CG  . ASN A 1 108 ? -5.80630  10.72252  7.34505   1.000 22.59489 ? 184 ASN A CG  1 
ATOM   663 O  OD1 . ASN A 1 108 ? -5.28936  10.08811  6.42334   1.000 20.59115 ? 184 ASN A OD1 1 
ATOM   664 N  ND2 . ASN A 1 108 ? -5.09901  11.48915  8.16609   1.000 21.68589 ? 184 ASN A ND2 1 
ATOM   665 N  N   . GLY A 1 109 ? -8.16204  10.69981  4.02883   1.000 18.38317 ? 185 GLY A N   1 
ATOM   666 C  CA  . GLY A 1 109 ? -8.24930  11.54358  2.85466   1.000 17.92838 ? 185 GLY A CA  1 
ATOM   667 C  C   . GLY A 1 109 ? -7.21693  11.28539  1.77212   1.000 22.95198 ? 185 GLY A C   1 
ATOM   668 O  O   . GLY A 1 109 ? -6.19213  10.64463  2.01482   1.000 20.63893 ? 185 GLY A O   1 
ATOM   669 N  N   . TRP A 1 110 ? -7.47547  11.79499  0.56894   1.000 20.07496 ? 186 TRP A N   1 
ATOM   670 C  CA  . TRP A 1 110 ? -6.52066  11.74433  -0.52797  1.000 19.75243 ? 186 TRP A CA  1 
ATOM   671 C  C   . TRP A 1 110 ? -5.73163  13.04375  -0.61177  1.000 25.20609 ? 186 TRP A C   1 
ATOM   672 O  O   . TRP A 1 110 ? -6.30325  14.13451  -0.51384  1.000 21.94569 ? 186 TRP A O   1 
ATOM   673 C  CB  . TRP A 1 110 ? -7.22491  11.51016  -1.86014  1.000 18.99024 ? 186 TRP A CB  1 
ATOM   674 C  CG  . TRP A 1 110 ? -7.97424  10.21930  -1.94858  1.000 22.15467 ? 186 TRP A CG  1 
ATOM   675 C  CD1 . TRP A 1 110 ? -9.29143  10.01104  -1.67038  1.000 24.23133 ? 186 TRP A CD1 1 
ATOM   676 C  CD2 . TRP A 1 110 ? -7.44736  8.96062   -2.37205  1.000 21.34548 ? 186 TRP A CD2 1 
ATOM   677 N  NE1 . TRP A 1 110 ? -9.62272  8.69290   -1.89463  1.000 22.95455 ? 186 TRP A NE1 1 
ATOM   678 C  CE2 . TRP A 1 110 ? -8.50420  8.02686   -2.32634  1.000 19.97216 ? 186 TRP A CE2 1 
ATOM   679 C  CE3 . TRP A 1 110 ? -6.18356  8.53226   -2.78883  1.000 20.68816 ? 186 TRP A CE3 1 
ATOM   680 C  CZ2 . TRP A 1 110 ? -8.33260  6.68997   -2.67848  1.000 23.84290 ? 186 TRP A CZ2 1 
ATOM   681 C  CZ3 . TRP A 1 110 ? -6.01159  7.20651   -3.13952  1.000 19.83136 ? 186 TRP A CZ3 1 
ATOM   682 C  CH2 . TRP A 1 110 ? -7.07928  6.29903   -3.08069  1.000 17.34022 ? 186 TRP A CH2 1 
ATOM   683 N  N   . LEU A 1 111 ? -4.41405  12.91675  -0.80451  1.000 22.21628 ? 187 LEU A N   1 
ATOM   684 C  CA  . LEU A 1 111 ? -3.53837  14.01289  -1.22505  1.000 26.85438 ? 187 LEU A CA  1 
ATOM   685 C  C   . LEU A 1 111 ? -3.50619  15.17838  -0.24222  1.000 28.50711 ? 187 LEU A C   1 
ATOM   686 O  O   . LEU A 1 111 ? -3.10846  16.28765  -0.61004  1.000 37.01880 ? 187 LEU A O   1 
ATOM   687 C  CB  . LEU A 1 111 ? -3.93325  14.53530  -2.61043  1.000 21.79431 ? 187 LEU A CB  1 
ATOM   688 C  CG  . LEU A 1 111 ? -3.85787  13.54551  -3.77144  1.000 25.24451 ? 187 LEU A CG  1 
ATOM   689 C  CD1 . LEU A 1 111 ? -4.51530  14.14628  -5.00624  1.000 29.76066 ? 187 LEU A CD1 1 
ATOM   690 C  CD2 . LEU A 1 111 ? -2.40483  13.14928  -4.05340  1.000 23.81082 ? 187 LEU A CD2 1 
ATOM   691 N  N   . SER A 1 112 ? -3.89797  14.98098  1.00746   1.000 20.86062 ? 188 SER A N   1 
ATOM   692 C  CA  . SER A 1 112 ? -3.88426  16.11032  1.93756   1.000 32.94202 ? 188 SER A CA  1 
ATOM   693 C  C   . SER A 1 112 ? -2.90494  15.90057  3.08749   1.000 35.48093 ? 188 SER A C   1 
ATOM   694 O  O   . SER A 1 112 ? -3.26560  16.10850  4.25263   1.000 33.38877 ? 188 SER A O   1 
ATOM   695 C  CB  . SER A 1 112 ? -5.29255  16.35729  2.49020   1.000 32.84652 ? 188 SER A CB  1 
ATOM   696 O  OG  . SER A 1 112 ? -5.94376  15.13527  2.79425   1.000 29.45304 ? 188 SER A OG  1 
ATOM   697 N  N   . HIS A 1 113 ? -1.65918  15.51500  2.78569   1.000 34.08645 ? 189 HIS A N   1 
ATOM   698 C  CA  . HIS A 1 113 ? -0.78186  14.96819  3.81238   1.000 29.12199 ? 189 HIS A CA  1 
ATOM   699 C  C   . HIS A 1 113 ? 0.55391   15.69178  3.88571   1.000 29.35626 ? 189 HIS A C   1 
ATOM   700 O  O   . HIS A 1 113 ? 1.13868   16.05714  2.86015   1.000 31.55150 ? 189 HIS A O   1 
ATOM   701 C  CB  . HIS A 1 113 ? -0.56265  13.48182  3.56170   1.000 27.57280 ? 189 HIS A CB  1 
ATOM   702 C  CG  . HIS A 1 113 ? -1.81797  12.76584  3.20065   1.000 25.60583 ? 189 HIS A CG  1 
ATOM   703 N  ND1 . HIS A 1 113 ? -2.92210  12.76436  4.02495   1.000 27.46002 ? 189 HIS A ND1 1 
ATOM   704 C  CD2 . HIS A 1 113 ? -2.16632  12.06040  2.09962   1.000 24.63076 ? 189 HIS A CD2 1 
ATOM   705 C  CE1 . HIS A 1 113 ? -3.88992  12.06565  3.45863   1.000 24.58553 ? 189 HIS A CE1 1 
ATOM   706 N  NE2 . HIS A 1 113 ? -3.45525  11.62176  2.29345   1.000 21.59209 ? 189 HIS A NE2 1 
ATOM   707 N  N   . ASN A 1 114 ? 1.04328   15.85413  5.11538   1.000 29.80278 ? 190 ASN A N   1 
ATOM   708 C  CA  . ASN A 1 114 ? 2.27769   16.57073  5.40728   1.000 35.31847 ? 190 ASN A CA  1 
ATOM   709 C  C   . ASN A 1 114 ? 3.48577   15.65381  5.50826   1.000 38.84242 ? 190 ASN A C   1 
ATOM   710 O  O   . ASN A 1 114 ? 4.58952   16.12194  5.81685   1.000 35.85499 ? 190 ASN A O   1 
ATOM   711 C  CB  . ASN A 1 114 ? 2.12146   17.35688  6.70767   1.000 37.05141 ? 190 ASN A CB  1 
ATOM   712 C  CG  . ASN A 1 114 ? 1.52790   18.71646  6.48193   1.000 54.96890 ? 190 ASN A CG  1 
ATOM   713 O  OD1 . ASN A 1 114 ? 0.36058   18.95887  6.79083   1.000 58.76174 ? 190 ASN A OD1 1 
ATOM   714 N  ND2 . ASN A 1 114 ? 2.32549   19.61910  5.91749   1.000 62.17744 ? 190 ASN A ND2 1 
ATOM   715 N  N   . CYS A 1 115 ? 3.30868   14.36714  5.24593   1.000 26.96224 ? 191 CYS A N   1 
ATOM   716 C  CA  . CYS A 1 115 ? 4.36691   13.40055  5.46459   1.000 26.01085 ? 191 CYS A CA  1 
ATOM   717 C  C   . CYS A 1 115 ? 5.34476   13.39814  4.29597   1.000 23.11406 ? 191 CYS A C   1 
ATOM   718 O  O   . CYS A 1 115 ? 5.06290   13.91708  3.21426   1.000 26.40355 ? 191 CYS A O   1 
ATOM   719 C  CB  . CYS A 1 115 ? 3.77101   12.01100  5.63711   1.000 28.55119 ? 191 CYS A CB  1 
ATOM   720 S  SG  . CYS A 1 115 ? 2.67944   11.61261  4.26370   1.000 27.10127 ? 191 CYS A SG  1 
ATOM   721 N  N   . GLY A 1 116 ? 6.49914   12.77965  4.52233   1.000 25.57425 ? 192 GLY A N   1 
ATOM   722 C  CA  . GLY A 1 116 ? 7.51595   12.69007  3.49324   1.000 26.72373 ? 192 GLY A CA  1 
ATOM   723 C  C   . GLY A 1 116 ? 7.70840   11.28296  2.97377   1.000 23.60200 ? 192 GLY A C   1 
ATOM   724 O  O   . GLY A 1 116 ? 7.27703   10.31427  3.60424   1.000 22.92494 ? 192 GLY A O   1 
ATOM   725 N  N   . HIS A 1 117 ? 8.37479   11.15356  1.82808   1.000 21.26959 ? 193 HIS A N   1 
ATOM   726 C  CA  . HIS A 1 117 ? 8.54736   9.84729   1.21236   1.000 22.34851 ? 193 HIS A CA  1 
ATOM   727 C  C   . HIS A 1 117 ? 9.47581   8.93624   2.00616   1.000 23.30253 ? 193 HIS A C   1 
ATOM   728 O  O   . HIS A 1 117 ? 9.51978   7.73234   1.72652   1.000 21.16911 ? 193 HIS A O   1 
ATOM   729 C  CB  . HIS A 1 117 ? 9.04411   10.02833  -0.22429  1.000 20.31323 ? 193 HIS A CB  1 
ATOM   730 C  CG  . HIS A 1 117 ? 7.95964   10.43039  -1.17727  1.000 20.74054 ? 193 HIS A CG  1 
ATOM   731 N  ND1 . HIS A 1 117 ? 6.99082   9.54909   -1.61198  1.000 19.97156 ? 193 HIS A ND1 1 
ATOM   732 C  CD2 . HIS A 1 117 ? 7.67536   11.62042  -1.76086  1.000 19.79238 ? 193 HIS A CD2 1 
ATOM   733 C  CE1 . HIS A 1 117 ? 6.16792   10.17371  -2.43596  1.000 25.21037 ? 193 HIS A CE1 1 
ATOM   734 N  NE2 . HIS A 1 117 ? 6.56023   11.43240  -2.54427  1.000 22.12954 ? 193 HIS A NE2 1 
ATOM   735 N  N   . GLY A 1 118 ? 10.19132  9.46151   3.00251   1.000 19.90928 ? 194 GLY A N   1 
ATOM   736 C  CA  . GLY A 1 118 ? 10.90421  8.59035   3.91814   1.000 20.21729 ? 194 GLY A CA  1 
ATOM   737 C  C   . GLY A 1 118 ? 9.99006   7.70435   4.73836   1.000 22.42482 ? 194 GLY A C   1 
ATOM   738 O  O   . GLY A 1 118 ? 10.47498  6.80698   5.43725   1.000 19.95060 ? 194 GLY A O   1 
ATOM   739 N  N   . GLU A 1 119 ? 8.68349   7.94025   4.67796   1.000 18.84286 ? 195 GLU A N   1 
ATOM   740 C  CA  . GLU A 1 119 ? 7.71638   7.12410   5.38984   1.000 17.33422 ? 195 GLU A CA  1 
ATOM   741 C  C   . GLU A 1 119 ? 6.93053   6.20223   4.45818   1.000 16.67765 ? 195 GLU A C   1 
ATOM   742 O  O   . GLU A 1 119 ? 5.96500   5.58036   4.89864   1.000 18.17013 ? 195 GLU A O   1 
ATOM   743 C  CB  . GLU A 1 119 ? 6.76770   8.02099   6.18671   1.000 23.78516 ? 195 GLU A CB  1 
ATOM   744 C  CG  . GLU A 1 119 ? 7.45494   8.83928   7.27124   1.000 24.71319 ? 195 GLU A CG  1 
ATOM   745 C  CD  . GLU A 1 119 ? 6.64901   10.06561  7.68235   1.000 33.36705 ? 195 GLU A CD  1 
ATOM   746 O  OE1 . GLU A 1 119 ? 6.89301   11.16963  7.13821   1.000 30.87600 ? 195 GLU A OE1 1 
ATOM   747 O  OE2 . GLU A 1 119 ? 5.77189   9.91859   8.55038   1.000 32.19436 ? 195 GLU A OE2 1 
ATOM   748 N  N   . ASP A 1 120 ? 7.32092   6.09169   3.18928   1.000 18.97558 ? 196 ASP A N   1 
ATOM   749 C  CA  . ASP A 1 120 ? 6.53267   5.31920   2.22589   1.000 18.49809 ? 196 ASP A CA  1 
ATOM   750 C  C   . ASP A 1 120 ? 6.38639   3.86249   2.65430   1.000 19.26458 ? 196 ASP A C   1 
ATOM   751 O  O   . ASP A 1 120 ? 7.37743   3.18197   2.93701   1.000 17.80663 ? 196 ASP A O   1 
ATOM   752 C  CB  . ASP A 1 120 ? 7.17166   5.39568   0.83683   1.000 16.73209 ? 196 ASP A CB  1 
ATOM   753 C  CG  . ASP A 1 120 ? 6.89798   6.71886   0.15488   1.000 20.29748 ? 196 ASP A CG  1 
ATOM   754 O  OD1 . ASP A 1 120 ? 6.04438   7.47681   0.66798   1.000 18.15296 ? 196 ASP A OD1 1 
ATOM   755 O  OD2 . ASP A 1 120 ? 7.52634   7.00155   -0.88631  1.000 18.83108 ? 196 ASP A OD2 1 
ATOM   756 N  N   . ALA A 1 121 ? 5.14373   3.37522   2.66242   1.000 16.55084 ? 197 ALA A N   1 
ATOM   757 C  CA  . ALA A 1 121 ? 4.84406   2.02876   3.12980   1.000 18.44993 ? 197 ALA A CA  1 
ATOM   758 C  C   . ALA A 1 121 ? 5.17826   0.97984   2.06920   1.000 16.68618 ? 197 ALA A C   1 
ATOM   759 O  O   . ALA A 1 121 ? 5.16070   1.25263   0.86182   1.000 16.18807 ? 197 ALA A O   1 
ATOM   760 C  CB  . ALA A 1 121 ? 3.36815   1.91987   3.51693   1.000 14.66681 ? 197 ALA A CB  1 
ATOM   761 N  N   . GLY A 1 122 ? 5.47997   -0.24098  2.53945   1.000 15.60471 ? 198 GLY A N   1 
ATOM   762 C  CA  . GLY A 1 122 ? 5.71649   -1.36014  1.65194   1.000 14.38110 ? 198 GLY A CA  1 
ATOM   763 C  C   . GLY A 1 122 ? 5.01371   -2.60902  2.14596   1.000 17.54165 ? 198 GLY A C   1 
ATOM   764 O  O   . GLY A 1 122 ? 4.53322   -2.66972  3.27794   1.000 14.80530 ? 198 GLY A O   1 
ATOM   765 N  N   . VAL A 1 123 ? 4.96873   -3.61944  1.27290   1.000 13.97206 ? 199 VAL A N   1 
ATOM   766 C  CA  . VAL A 1 123 ? 4.34709   -4.89808  1.59087   1.000 12.84209 ? 199 VAL A CA  1 
ATOM   767 C  C   . VAL A 1 123 ? 5.16991   -6.02671  0.98077   1.000 14.21802 ? 199 VAL A C   1 
ATOM   768 O  O   . VAL A 1 123 ? 5.74669   -5.88740  -0.10054  1.000 15.75879 ? 199 VAL A O   1 
ATOM   769 C  CB  . VAL A 1 123 ? 2.88340   -4.96559  1.08413   1.000 14.23916 ? 199 VAL A CB  1 
ATOM   770 C  CG1 . VAL A 1 123 ? 2.25086   -6.31859  1.42041   1.000 15.35234 ? 199 VAL A CG1 1 
ATOM   771 C  CG2 . VAL A 1 123 ? 2.04810   -3.85536  1.69379   1.000 13.85484 ? 199 VAL A CG2 1 
ATOM   772 N  N   . ILE A 1 124 ? 5.21563   -7.15805  1.67835   1.000 15.57015 ? 200 ILE A N   1 
ATOM   773 C  CA  . ILE A 1 124 ? 5.74529   -8.40052  1.13053   1.000 12.88499 ? 200 ILE A CA  1 
ATOM   774 C  C   . ILE A 1 124 ? 4.63615   -9.43698  1.25460   1.000 15.81024 ? 200 ILE A C   1 
ATOM   775 O  O   . ILE A 1 124 ? 4.29249   -9.84930  2.36829   1.000 14.64810 ? 200 ILE A O   1 
ATOM   776 C  CB  . ILE A 1 124 ? 7.01487   -8.86713  1.85878   1.000 14.97343 ? 200 ILE A CB  1 
ATOM   777 C  CG1 . ILE A 1 124 ? 8.15167   -7.85906  1.67079   1.000 15.74988 ? 200 ILE A CG1 1 
ATOM   778 C  CG2 . ILE A 1 124 ? 7.40098   -10.24533 1.37249   1.000 15.66107 ? 200 ILE A CG2 1 
ATOM   779 C  CD1 . ILE A 1 124 ? 9.44216   -8.29000  2.34477   1.000 21.14909 ? 200 ILE A CD1 1 
ATOM   780 N  N   . CYS A 1 125 ? 4.05862   -9.84277  0.12304   1.000 14.59220 ? 201 CYS A N   1 
ATOM   781 C  CA  . CYS A 1 125 ? 2.98908   -10.83004 0.12931   1.000 15.56976 ? 201 CYS A CA  1 
ATOM   782 C  C   . CYS A 1 125 ? 3.53372   -12.24396 -0.07187  1.000 14.25713 ? 201 CYS A C   1 
ATOM   783 O  O   . CYS A 1 125 ? 4.62915   -12.45766 -0.60383  1.000 16.24489 ? 201 CYS A O   1 
ATOM   784 C  CB  . CYS A 1 125 ? 1.96347   -10.53016 -0.96513  1.000 15.29975 ? 201 CYS A CB  1 
ATOM   785 S  SG  . CYS A 1 125 ? 1.30467   -8.83467  -0.94768  1.000 14.65786 ? 201 CYS A SG  1 
ATOM   786 N  N   . SER A 1 126 ? 2.71421   -13.22115 0.31611   1.000 14.39864 ? 202 SER A N   1 
ATOM   787 C  CA  . SER A 1 126 ? 3.11063   -14.61749 0.19175   1.000 16.83497 ? 202 SER A CA  1 
ATOM   788 C  C   . SER A 1 126 ? 3.24241   -15.03728 -1.26341  1.000 14.96428 ? 202 SER A C   1 
ATOM   789 O  O   . SER A 1 126 ? 3.97747   -15.98537 -1.56571  1.000 20.59379 ? 202 SER A O   1 
ATOM   790 C  CB  . SER A 1 126 ? 2.08749   -15.51960 0.87949   1.000 17.52794 ? 202 SER A CB  1 
ATOM   791 O  OG  . SER A 1 126 ? 0.80826   -15.32130 0.31215   1.000 18.23311 ? 202 SER A OG  1 
ATOM   792 N  N   . ALA A 1 127 ? 2.50241   -14.38159 -2.16067  1.000 14.89495 ? 203 ALA A N   1 
ATOM   793 C  CA  . ALA A 1 127 ? 2.47969   -14.70692 -3.58702  1.000 12.70631 ? 203 ALA A CA  1 
ATOM   794 C  C   . ALA A 1 127 ? 2.01323   -16.14324 -3.81187  1.000 17.82883 ? 203 ALA A C   1 
ATOM   795 O  O   . ALA A 1 127 ? 2.53846   -16.86072 -4.66157  1.000 24.28606 ? 203 ALA A O   1 
ATOM   796 C  CB  . ALA A 1 127 ? 3.84303   -14.45017 -4.23806  1.000 16.61948 ? 203 ALA A CB  1 
ATOM   797 N  N   . THR A 1 128 ? 1.01721   -16.55982 -3.02998  1.000 18.49326 ? 204 THR A N   1 
ATOM   798 C  CA  . THR A 1 128 ? 0.43142   -17.89457 -3.09739  1.000 19.12976 ? 204 THR A CA  1 
ATOM   799 C  C   . THR A 1 128 ? -0.93932  -17.89790 -3.76342  1.000 27.99129 ? 204 THR A C   1 
ATOM   800 O  O   . THR A 1 128 ? -1.66043  -18.90334 -3.68120  1.000 29.93967 ? 204 THR A O   1 
ATOM   801 C  CB  . THR A 1 128 ? 0.31461   -18.48453 -1.68972  1.000 20.83779 ? 204 THR A CB  1 
ATOM   802 O  OG1 . THR A 1 128 ? -0.28953  -17.51451 -0.82857  1.000 20.98434 ? 204 THR A OG1 1 
ATOM   803 C  CG2 . THR A 1 128 ? 1.69093   -18.85648 -1.13871  1.000 20.66113 ? 204 THR A CG2 1 
ATOM   804 N  N   . GLY A 1 129 ? -1.33264  -16.78992 -4.38755  1.000 24.93648 ? 205 GLY A N   1 
ATOM   805 C  CA  . GLY A 1 129 ? -2.60737  -16.74428 -5.07880  1.000 29.70397 ? 205 GLY A CA  1 
ATOM   806 C  C   . GLY A 1 129 ? -2.50609  -17.33917 -6.47239  1.000 35.21230 ? 205 GLY A C   1 
ATOM   807 O  O   . GLY A 1 129 ? -1.45573  -17.31445 -7.11370  1.000 33.54586 ? 205 GLY A O   1 
ATOM   808 N  N   . GLU A 1 130 ? -3.62210  -17.89605 -6.94301  1.000 41.35443 ? 206 GLU A N   1 
ATOM   809 C  CA  . GLU A 1 130 ? -3.66116  -18.55064 -8.24395  1.000 46.60942 ? 206 GLU A CA  1 
ATOM   810 C  C   . GLU A 1 130 ? -4.78942  -18.04027 -9.13040  1.000 53.13973 ? 206 GLU A C   1 
ATOM   811 O  O   . GLU A 1 130 ? -4.96529  -18.55974 -10.23868 1.000 50.20037 ? 206 GLU A O   1 
ATOM   812 C  CB  . GLU A 1 130 ? -3.77742  -20.08063 -8.07298  1.000 43.85937 ? 206 GLU A CB  1 
ATOM   813 C  CG  . GLU A 1 130 ? -2.48173  -20.73939 -7.56821  1.000 44.01567 ? 206 GLU A CG  1 
ATOM   814 C  CD  . GLU A 1 130 ? -2.66871  -22.15203 -6.99794  1.000 39.64410 ? 206 GLU A CD  1 
ATOM   815 O  OE1 . GLU A 1 130 ? -3.78963  -22.70533 -7.04775  1.000 41.65719 ? 206 GLU A OE1 1 
ATOM   816 O  OE2 . GLU A 1 130 ? -1.67592  -22.71553 -6.49348  1.000 31.70047 ? 206 GLU A OE2 1 
ATOM   817 N  N   . ASN A 1 131 ? -5.53950  -17.03210 -8.68545  1.000 57.23455 ? 207 ASN A N   1 
ATOM   818 C  CA  . ASN A 1 131 ? -6.69435  -16.51742 -9.42257  1.000 69.31618 ? 207 ASN A CA  1 
ATOM   819 C  C   . ASN A 1 131 ? -6.48696  -15.05754 -9.84742  1.000 62.82869 ? 207 ASN A C   1 
ATOM   820 O  O   . ASN A 1 131 ? -6.07787  -14.76872 -10.97667 1.000 61.18749 ? 207 ASN A O   1 
ATOM   821 C  CB  . ASN A 1 131 ? -7.96895  -16.63475 -8.57247  1.000 68.63509 ? 207 ASN A CB  1 
ATOM   822 C  CG  . ASN A 1 131 ? -8.22233  -18.05573 -8.07187  1.000 66.47294 ? 207 ASN A CG  1 
ATOM   823 O  OD1 . ASN A 1 131 ? -7.75664  -19.03743 -8.66215  1.000 62.10751 ? 207 ASN A OD1 1 
ATOM   824 N  ND2 . ASN A 1 131 ? -8.96582  -18.16692 -6.97154  1.000 61.53722 ? 207 ASN A ND2 1 
HETATM 825 MG MG  . MG  B 2 .   ? -2.97866  1.77267   8.97963   1.000 16.16534 ? 301 MG  A MG  1 
HETATM 826 CL CL  . CL  C 3 .   ? 8.45863   0.68275   3.41891   1.000 31.96639 ? 302 CL  A CL  1 
HETATM 827 C  C1  . GOL D 4 .   ? 5.96997   3.20402   6.59660   1.000 25.38421 ? 303 GOL A C1  1 
HETATM 828 O  O1  . GOL D 4 .   ? 4.63297   3.48392   6.19789   1.000 36.96617 ? 303 GOL A O1  1 
HETATM 829 C  C2  . GOL D 4 .   ? 6.02386   2.65350   8.06811   1.000 34.12314 ? 303 GOL A C2  1 
HETATM 830 O  O2  . GOL D 4 .   ? 7.25997   2.83502   8.65266   1.000 44.86939 ? 303 GOL A O2  1 
HETATM 831 C  C3  . GOL D 4 .   ? 4.97097   3.34063   8.90128   1.000 36.49064 ? 303 GOL A C3  1 
HETATM 832 O  O3  . GOL D 4 .   ? 4.23126   2.34604   9.56957   1.000 44.41771 ? 303 GOL A O3  1 
HETATM 833 C  C1  . GOL E 4 .   ? 3.20624   11.66915  10.43253  1.000 57.86348 ? 304 GOL A C1  1 
HETATM 834 O  O1  . GOL E 4 .   ? 4.09703   11.70270  9.35142   1.000 50.99897 ? 304 GOL A O1  1 
HETATM 835 C  C2  . GOL E 4 .   ? 1.83531   12.14258  9.88464   1.000 61.91515 ? 304 GOL A C2  1 
HETATM 836 O  O2  . GOL E 4 .   ? 1.80302   13.52103  9.66001   1.000 67.41117 ? 304 GOL A O2  1 
HETATM 837 C  C3  . GOL E 4 .   ? 0.79964   11.68222  10.94181  1.000 62.06889 ? 304 GOL A C3  1 
HETATM 838 O  O3  . GOL E 4 .   ? 0.41953   10.38318  10.59037  1.000 55.14077 ? 304 GOL A O3  1 
HETATM 839 C  C1  . GOL F 4 .   ? -3.09392  6.08040   14.85520  1.000 55.84667 ? 305 GOL A C1  1 
HETATM 840 O  O1  . GOL F 4 .   ? -2.44659  5.36128   15.87280  1.000 61.52880 ? 305 GOL A O1  1 
HETATM 841 C  C2  . GOL F 4 .   ? -1.99827  6.71080   13.93872  1.000 49.38479 ? 305 GOL A C2  1 
HETATM 842 O  O2  . GOL F 4 .   ? -2.13790  6.33194   12.60787  1.000 45.12327 ? 305 GOL A O2  1 
HETATM 843 C  C3  . GOL F 4 .   ? -2.12199  8.25232   14.12713  1.000 55.70631 ? 305 GOL A C3  1 
HETATM 844 O  O3  . GOL F 4 .   ? -1.23439  8.85746   13.21014  1.000 56.66505 ? 305 GOL A O3  1 
HETATM 845 C  C1  . GOL G 4 .   ? -11.19808 7.12505   -11.02528 1.000 60.25377 ? 306 GOL A C1  1 
HETATM 846 O  O1  . GOL G 4 .   ? -12.20581 7.97014   -11.50615 1.000 61.47839 ? 306 GOL A O1  1 
HETATM 847 C  C2  . GOL G 4 .   ? -9.91807  7.99707   -10.79333 1.000 57.00462 ? 306 GOL A C2  1 
HETATM 848 O  O2  . GOL G 4 .   ? -8.76630  7.36927   -11.27439 1.000 52.49099 ? 306 GOL A O2  1 
HETATM 849 C  C3  . GOL G 4 .   ? -9.85162  8.23971   -9.24852  1.000 49.23579 ? 306 GOL A C3  1 
HETATM 850 O  O3  . GOL G 4 .   ? -10.97730 9.00747   -8.87919  1.000 52.09790 ? 306 GOL A O3  1 
HETATM 851 O  O   . HOH H 5 .   ? -4.73240  -2.92904  12.76237  1.000 34.84720 ? 401 HOH A O   1 
HETATM 852 O  O   . HOH H 5 .   ? 5.71883   0.68462   10.35101  1.000 27.57369 ? 402 HOH A O   1 
HETATM 853 O  O   . HOH H 5 .   ? 3.32193   0.94037   11.35403  1.000 35.19292 ? 403 HOH A O   1 
HETATM 854 O  O   . HOH H 5 .   ? 0.70361   11.75663  -6.40151  1.000 31.35621 ? 404 HOH A O   1 
HETATM 855 O  O   . HOH H 5 .   ? -6.04580  7.91027   -12.63418 1.000 41.38786 ? 405 HOH A O   1 
HETATM 856 O  O   . HOH H 5 .   ? -13.80983 -7.99807  0.53465   1.000 33.18483 ? 406 HOH A O   1 
HETATM 857 O  O   . HOH H 5 .   ? 12.67583  -8.40050  -1.16266  1.000 32.66873 ? 407 HOH A O   1 
HETATM 858 O  O   . HOH H 5 .   ? 6.69084   5.71326   9.35972   1.000 37.54268 ? 408 HOH A O   1 
HETATM 859 O  O   . HOH H 5 .   ? 6.26273   -12.99878 8.49450   1.000 34.27881 ? 409 HOH A O   1 
HETATM 860 O  O   . HOH H 5 .   ? -11.06199 0.27204   10.60369  1.000 29.61341 ? 410 HOH A O   1 
HETATM 861 O  O   . HOH H 5 .   ? -11.78487 11.51456  -4.08649  1.000 30.47989 ? 411 HOH A O   1 
HETATM 862 O  O   . HOH H 5 .   ? 2.74223   9.22342   8.52193   1.000 37.06284 ? 412 HOH A O   1 
HETATM 863 O  O   . HOH H 5 .   ? 4.63491   -1.54505  9.09320   1.000 27.05204 ? 413 HOH A O   1 
HETATM 864 O  O   . HOH H 5 .   ? -3.23708  3.66387   10.03634  1.000 18.35316 ? 414 HOH A O   1 
HETATM 865 O  O   . HOH H 5 .   ? 6.47401   7.20698   -6.52032  1.000 29.03881 ? 415 HOH A O   1 
HETATM 866 O  O   . HOH H 5 .   ? -0.42199  -4.01685  -9.83558  1.000 34.99392 ? 416 HOH A O   1 
HETATM 867 O  O   . HOH H 5 .   ? 11.75672  -4.40787  -8.89837  1.000 23.11342 ? 417 HOH A O   1 
HETATM 868 O  O   . HOH H 5 .   ? -2.93262  -17.54186 -0.71892  1.000 25.00904 ? 418 HOH A O   1 
HETATM 869 O  O   . HOH H 5 .   ? 9.84829   -6.99913  -9.19090  1.000 31.18520 ? 419 HOH A O   1 
HETATM 870 O  O   . HOH H 5 .   ? 15.89342  -0.97383  2.60436   1.000 33.40810 ? 420 HOH A O   1 
HETATM 871 O  O   . HOH H 5 .   ? 5.28090   -6.60002  9.08814   1.000 21.29365 ? 421 HOH A O   1 
HETATM 872 O  O   . HOH H 5 .   ? -0.93035  7.74314   9.62796   1.000 31.12088 ? 422 HOH A O   1 
HETATM 873 O  O   . HOH H 5 .   ? -5.39937  8.92160   4.01941   1.000 20.40265 ? 423 HOH A O   1 
HETATM 874 O  O   . HOH H 5 .   ? -13.86888 -1.48345  6.46064   1.000 33.24966 ? 424 HOH A O   1 
HETATM 875 O  O   . HOH H 5 .   ? 15.13261  3.98593   1.86445   1.000 30.90146 ? 425 HOH A O   1 
HETATM 876 O  O   . HOH H 5 .   ? -5.52228  -1.58051  10.08951  1.000 29.55150 ? 426 HOH A O   1 
HETATM 877 O  O   . HOH H 5 .   ? 3.75931   9.77779   -4.25873  1.000 26.92167 ? 427 HOH A O   1 
HETATM 878 O  O   . HOH H 5 .   ? 2.40956   -7.92101  8.66415   1.000 31.93787 ? 428 HOH A O   1 
HETATM 879 O  O   . HOH H 5 .   ? -10.08337 -7.16284  -4.77200  1.000 32.50249 ? 429 HOH A O   1 
HETATM 880 O  O   . HOH H 5 .   ? 13.13761  6.24767   5.49984   1.000 20.15682 ? 430 HOH A O   1 
HETATM 881 O  O   . HOH H 5 .   ? 2.95459   -0.03622  -13.37877 1.000 32.58765 ? 431 HOH A O   1 
HETATM 882 O  O   . HOH H 5 .   ? -7.17220  -12.26099 -3.83736  1.000 26.38329 ? 432 HOH A O   1 
HETATM 883 O  O   . HOH H 5 .   ? 2.65437   -4.98006  -8.23071  1.000 17.60609 ? 433 HOH A O   1 
HETATM 884 O  O   . HOH H 5 .   ? 10.10716  -8.79830  5.75757   1.000 36.53123 ? 434 HOH A O   1 
HETATM 885 O  O   . HOH H 5 .   ? -2.84051  13.19606  6.73546   1.000 29.56357 ? 435 HOH A O   1 
HETATM 886 O  O   . HOH H 5 .   ? 7.81436   -4.80353  -7.29975  1.000 17.16261 ? 436 HOH A O   1 
HETATM 887 O  O   . HOH H 5 .   ? -4.77111  -11.08681 2.15840   1.000 23.08840 ? 437 HOH A O   1 
HETATM 888 O  O   . HOH H 5 .   ? 4.07107   3.70152   -0.17269  1.000 14.20726 ? 438 HOH A O   1 
HETATM 889 O  O   . HOH H 5 .   ? 6.12490   -11.43570 -9.95298  1.000 20.92095 ? 439 HOH A O   1 
HETATM 890 O  O   . HOH H 5 .   ? 11.25614  -11.66858 -0.35374  1.000 36.11109 ? 440 HOH A O   1 
HETATM 891 O  O   . HOH H 5 .   ? -1.72236  10.01270  -6.58126  1.000 29.96167 ? 441 HOH A O   1 
HETATM 892 O  O   . HOH H 5 .   ? 0.00664   -14.78471 -5.82673  1.000 21.40029 ? 442 HOH A O   1 
HETATM 893 O  O   . HOH H 5 .   ? -0.42944  14.48547  0.18179   1.000 32.10518 ? 443 HOH A O   1 
HETATM 894 O  O   . HOH H 5 .   ? -12.40347 -10.73680 2.70947   1.000 33.63055 ? 444 HOH A O   1 
HETATM 895 O  O   . HOH H 5 .   ? -14.41168 1.69681   -2.39464  1.000 39.60692 ? 445 HOH A O   1 
HETATM 896 O  O   . HOH H 5 .   ? -9.73926  13.27433  -0.28550  1.000 24.17979 ? 446 HOH A O   1 
HETATM 897 O  O   . HOH H 5 .   ? 11.00595  7.41497   -6.65176  1.000 34.84040 ? 447 HOH A O   1 
HETATM 898 O  O   . HOH H 5 .   ? -6.38447  -9.18553  7.76118   1.000 37.80725 ? 448 HOH A O   1 
HETATM 899 O  O   . HOH H 5 .   ? -11.47762 6.24577   -1.11919  1.000 26.34608 ? 449 HOH A O   1 
HETATM 900 O  O   . HOH H 5 .   ? 6.74383   -11.62516 -2.32632  1.000 21.37654 ? 450 HOH A O   1 
HETATM 901 O  O   . HOH H 5 .   ? 9.36568   -13.10106 -6.48785  1.000 36.08669 ? 451 HOH A O   1 
HETATM 902 O  O   . HOH H 5 .   ? -15.71096 1.19068   1.77747   1.000 27.43275 ? 452 HOH A O   1 
HETATM 903 O  O   . HOH H 5 .   ? -1.73663  -12.23816 7.24869   1.000 28.74502 ? 453 HOH A O   1 
HETATM 904 O  O   . HOH H 5 .   ? -5.01652  -2.32143  -9.47004  1.000 24.80529 ? 454 HOH A O   1 
HETATM 905 O  O   . HOH H 5 .   ? -13.97037 -3.67040  0.05477   1.000 29.65055 ? 455 HOH A O   1 
HETATM 906 O  O   . HOH H 5 .   ? 8.44112   -11.13220 4.76496   1.000 35.24265 ? 456 HOH A O   1 
HETATM 907 O  O   . HOH H 5 .   ? -3.49697  -5.24805  11.77099  1.000 35.42318 ? 457 HOH A O   1 
HETATM 908 O  O   . HOH H 5 .   ? 7.33284   4.33616   -9.13556  1.000 32.23744 ? 458 HOH A O   1 
HETATM 909 O  O   . HOH H 5 .   ? -4.67450  -14.04928 -3.38259  1.000 23.75139 ? 459 HOH A O   1 
HETATM 910 O  O   . HOH H 5 .   ? 10.85795  12.12263  3.99621   1.000 31.08860 ? 460 HOH A O   1 
HETATM 911 O  O   . HOH H 5 .   ? -5.43204  14.35421  5.64452   1.000 29.25080 ? 461 HOH A O   1 
HETATM 912 O  O   . HOH H 5 .   ? -6.97835  -3.43569  -7.69344  1.000 34.98277 ? 462 HOH A O   1 
HETATM 913 O  O   . HOH H 5 .   ? 13.10778  -7.28771  1.46182   1.000 23.05067 ? 463 HOH A O   1 
HETATM 914 O  O   . HOH H 5 .   ? 2.60143   14.92528  -0.67297  1.000 34.30872 ? 464 HOH A O   1 
HETATM 915 O  O   . HOH H 5 .   ? -4.02984  0.82877   10.45502  1.000 19.57062 ? 465 HOH A O   1 
HETATM 916 O  O   . HOH H 5 .   ? 5.17603   8.48640   -8.30407  1.000 33.61144 ? 466 HOH A O   1 
HETATM 917 O  O   . HOH H 5 .   ? 9.55084   13.58359  0.61976   1.000 27.97011 ? 467 HOH A O   1 
HETATM 918 O  O   . HOH H 5 .   ? 9.08939   7.29733   -8.11806  1.000 35.78426 ? 468 HOH A O   1 
HETATM 919 O  O   . HOH H 5 .   ? -12.77152 -0.31265  -6.81917  1.000 37.67845 ? 469 HOH A O   1 
HETATM 920 O  O   . HOH H 5 .   ? 2.55306   9.10132   -11.89194 1.000 27.86805 ? 470 HOH A O   1 
HETATM 921 O  O   . HOH H 5 .   ? 15.26590  5.98595   -1.59228  1.000 33.17913 ? 471 HOH A O   1 
HETATM 922 O  O   . HOH H 5 .   ? -3.30646  -14.33018 -8.77778  1.000 40.06078 ? 472 HOH A O   1 
HETATM 923 O  O   . HOH H 5 .   ? 8.99691   13.82724  -4.52426  1.000 37.85921 ? 473 HOH A O   1 
HETATM 924 O  O   . HOH H 5 .   ? -1.20060  15.49702  7.10475   1.000 39.01114 ? 474 HOH A O   1 
HETATM 925 O  O   . HOH H 5 .   ? 9.04487   1.43178   0.22311   1.000 25.40038 ? 475 HOH A O   1 
HETATM 926 O  O   . HOH H 5 .   ? -6.32197  -12.79419 0.13136   1.000 31.04361 ? 476 HOH A O   1 
HETATM 927 O  O   . HOH H 5 .   ? 6.72806   -11.35169 -5.38270  1.000 16.02585 ? 477 HOH A O   1 
HETATM 928 O  O   . HOH H 5 .   ? -7.68766  -11.35754 6.27066   1.000 41.24846 ? 478 HOH A O   1 
HETATM 929 O  O   . HOH H 5 .   ? 14.60956  6.61940   3.33222   1.000 29.41948 ? 479 HOH A O   1 
HETATM 930 O  O   . HOH H 5 .   ? -6.74423  13.00845  10.41247  1.000 28.06732 ? 480 HOH A O   1 
HETATM 931 O  O   . HOH H 5 .   ? 7.60178   -13.61941 -0.99006  1.000 44.49112 ? 481 HOH A O   1 
HETATM 932 O  O   . HOH H 5 .   ? 6.01757   4.19090   12.07284  1.000 39.98542 ? 482 HOH A O   1 
HETATM 933 O  O   . HOH H 5 .   ? -5.79371  -15.27870 -5.89741  1.000 39.57264 ? 483 HOH A O   1 
HETATM 934 O  O   . HOH H 5 .   ? 2.74041   -10.24142 9.48197   1.000 39.27344 ? 484 HOH A O   1 
HETATM 935 O  O   . HOH H 5 .   ? 14.49611  -5.92455  -6.28520  1.000 33.73810 ? 485 HOH A O   1 
HETATM 936 O  O   . HOH H 5 .   ? 0.40285   -5.93538  -9.83266  1.000 28.21702 ? 486 HOH A O   1 
HETATM 937 O  O   . HOH H 5 .   ? -5.49780  -11.79338 4.60316   1.000 24.69006 ? 487 HOH A O   1 
HETATM 938 O  O   . HOH H 5 .   ? 1.54736   -14.53465 -8.09947  1.000 38.50650 ? 488 HOH A O   1 
HETATM 939 O  O   . HOH H 5 .   ? -4.30298  1.96549   13.00891  1.000 33.52180 ? 489 HOH A O   1 
HETATM 940 O  O   . HOH H 5 .   ? 5.18988   -12.69854 -7.64394  1.000 28.05182 ? 490 HOH A O   1 
HETATM 941 O  O   . HOH H 5 .   ? -9.38533  9.40587   14.54619  1.000 42.52385 ? 491 HOH A O   1 
HETATM 942 O  O   . HOH H 5 .   ? -7.32182  -12.85570 -6.81114  1.000 44.42165 ? 492 HOH A O   1 
HETATM 943 O  O   . HOH H 5 .   ? 2.61770   -1.91583  -12.41457 1.000 46.39166 ? 493 HOH A O   1 
HETATM 944 O  O   . HOH H 5 .   ? 10.65282  13.64722  -1.67605  1.000 35.76668 ? 494 HOH A O   1 
HETATM 945 O  O   . HOH H 5 .   ? -14.23302 -1.15905  9.06182   1.000 35.78580 ? 495 HOH A O   1 
HETATM 946 O  O   . HOH H 5 .   ? 0.52068   -2.83775  -12.23223 1.000 34.03405 ? 496 HOH A O   1 
HETATM 947 O  O   . HOH H 5 .   ? 9.26182   -12.90818 2.73764   1.000 36.84220 ? 497 HOH A O   1 
HETATM 948 O  O   . HOH H 5 .   ? -2.27887  -0.35770  -13.75130 1.000 35.93750 ? 498 HOH A O   1 
# 
